data_4QQI
# 
_entry.id   4QQI 
# 
_audit_conform.dict_name       mmcif_pdbx.dic 
_audit_conform.dict_version    5.379 
_audit_conform.dict_location   http://mmcif.pdb.org/dictionaries/ascii/mmcif_pdbx.dic 
# 
loop_
_database_2.database_id 
_database_2.database_code 
_database_2.pdbx_database_accession 
_database_2.pdbx_DOI 
PDB   4QQI         pdb_00004qqi 10.2210/pdb4qqi/pdb 
RCSB  RCSB086385   ?            ?                   
WWPDB D_1000086385 ?            ?                   
# 
_pdbx_database_status.entry_id                        4QQI 
_pdbx_database_status.status_code                     REL 
_pdbx_database_status.deposit_site                    RCSB 
_pdbx_database_status.process_site                    RCSB 
_pdbx_database_status.recvd_initial_deposition_date   2014-06-27 
_pdbx_database_status.status_code_sf                  REL 
_pdbx_database_status.status_code_mr                  ? 
_pdbx_database_status.SG_entry                        Y 
_pdbx_database_status.status_code_cs                  ? 
_pdbx_database_status.methods_development_category    ? 
_pdbx_database_status.pdb_format_compatible           Y 
_pdbx_database_status.status_code_nmr_data            ? 
# 
loop_
_audit_author.name 
_audit_author.pdbx_ordinal 
_audit_author.identifier_ORCID 
'Xu, C.'                               1 ? 
'Tempel, W.'                           2 ? 
'Dong, A.'                             3 ? 
'Mackenzie, F.'                        4 ? 
'Bountra, C.'                          5 ? 
'Arrowsmith, C.H.'                     6 ? 
'Edwards, A.M.'                        7 ? 
'Min, J.'                              8 ? 
'Structural Genomics Consortium (SGC)' 9 ? 
# 
_citation.id                        primary 
_citation.title                     'Crystal structure of ANKRA2-RFX7 complex' 
_citation.journal_abbrev            'To Be Published' 
_citation.journal_volume            ? 
_citation.page_first                ? 
_citation.page_last                 ? 
_citation.year                      ? 
_citation.journal_id_ASTM           ? 
_citation.country                   ? 
_citation.journal_id_ISSN           ? 
_citation.journal_id_CSD            0353 
_citation.book_publisher            ? 
_citation.pdbx_database_id_PubMed   ? 
_citation.pdbx_database_id_DOI      ? 
# 
loop_
_citation_author.citation_id 
_citation_author.name 
_citation_author.ordinal 
_citation_author.identifier_ORCID 
primary 'Xu, C.'           1 ? 
primary 'Tempel, W.'       2 ? 
primary 'Mackenzie, F.'    3 ? 
primary 'Bountra, C.'      4 ? 
primary 'Arrowsmith, C.H.' 5 ? 
primary 'Edwards, A.M.'    6 ? 
primary 'Min, J.'          7 ? 
# 
_cell.entry_id           4QQI 
_cell.length_a           75.459 
_cell.length_b           102.325 
_cell.length_c           32.566 
_cell.angle_alpha        90.000 
_cell.angle_beta         90.000 
_cell.angle_gamma        90.000 
_cell.pdbx_unique_axis   ? 
_cell.Z_PDB              4 
_cell.length_a_esd       ? 
_cell.length_b_esd       ? 
_cell.length_c_esd       ? 
_cell.angle_alpha_esd    ? 
_cell.angle_beta_esd     ? 
_cell.angle_gamma_esd    ? 
# 
_symmetry.entry_id                         4QQI 
_symmetry.space_group_name_H-M             'P 21 21 2' 
_symmetry.Int_Tables_number                18 
_symmetry.pdbx_full_space_group_name_H-M   ? 
_symmetry.cell_setting                     ? 
_symmetry.space_group_name_Hall            ? 
# 
loop_
_entity.id 
_entity.type 
_entity.src_method 
_entity.pdbx_description 
_entity.formula_weight 
_entity.pdbx_number_of_molecules 
_entity.pdbx_ec 
_entity.pdbx_mutation 
_entity.pdbx_fragment 
_entity.details 
1 polymer     man 'Ankyrin repeat family A protein 2' 20927.602 1  ? ? 'UNP residues 142-313' ? 
2 polymer     syn 'DNA-binding protein RFX7'          2000.364  1  ? ? 'UNP residues 85-101'  ? 
3 non-polymer syn 'SULFATE ION'                       96.063    4  ? ? ?                      ? 
4 non-polymer syn 'UNKNOWN ATOM OR ION'               ?         11 ? ? ?                      ? 
5 non-polymer syn 'UNKNOWN LIGAND'                    ?         1  ? ? ?                      ? 
6 water       nat water                               18.015    79 ? ? ?                      ? 
# 
loop_
_entity_name_com.entity_id 
_entity_name_com.name 
1 'RFXANK-like protein 2'                                                  
2 'Regulatory factor X 7, Regulatory factor X domain-containing protein 2' 
# 
loop_
_entity_poly.entity_id 
_entity_poly.type 
_entity_poly.nstd_linkage 
_entity_poly.nstd_monomer 
_entity_poly.pdbx_seq_one_letter_code 
_entity_poly.pdbx_seq_one_letter_code_can 
_entity_poly.pdbx_strand_id 
_entity_poly.pdbx_target_identifier 
1 'polypeptide(L)' no no 
;MHHHHHHSSGRENLYFQGSTTPLLANSLSVHQLAAQGEMLYLATRIEQENVINHTDEEGFTPLMWAAAHGQIAVVEFLLQ
NGADPQLLGKGRESALSLACSKGYTDIVKMLLDCGVDVNEYDWNGGTPLLYAVHGNHVKCVKMLLESGADPTIETDSGYN
SMDLAVALGYRSVQQVIESHLLKLLQNIKE
;
;MHHHHHHSSGRENLYFQGSTTPLLANSLSVHQLAAQGEMLYLATRIEQENVINHTDEEGFTPLMWAAAHGQIAVVEFLLQ
NGADPQLLGKGRESALSLACSKGYTDIVKMLLDCGVDVNEYDWNGGTPLLYAVHGNHVKCVKMLLESGADPTIETDSGYN
SMDLAVALGYRSVQQVIESHLLKLLQNIKE
;
A ? 
2 'polypeptide(L)' no no KAFVHMPTLPNLDFHKT KAFVHMPTLPNLDFHKT X ? 
# 
loop_
_entity_poly_seq.entity_id 
_entity_poly_seq.num 
_entity_poly_seq.mon_id 
_entity_poly_seq.hetero 
1 1   MET n 
1 2   HIS n 
1 3   HIS n 
1 4   HIS n 
1 5   HIS n 
1 6   HIS n 
1 7   HIS n 
1 8   SER n 
1 9   SER n 
1 10  GLY n 
1 11  ARG n 
1 12  GLU n 
1 13  ASN n 
1 14  LEU n 
1 15  TYR n 
1 16  PHE n 
1 17  GLN n 
1 18  GLY n 
1 19  SER n 
1 20  THR n 
1 21  THR n 
1 22  PRO n 
1 23  LEU n 
1 24  LEU n 
1 25  ALA n 
1 26  ASN n 
1 27  SER n 
1 28  LEU n 
1 29  SER n 
1 30  VAL n 
1 31  HIS n 
1 32  GLN n 
1 33  LEU n 
1 34  ALA n 
1 35  ALA n 
1 36  GLN n 
1 37  GLY n 
1 38  GLU n 
1 39  MET n 
1 40  LEU n 
1 41  TYR n 
1 42  LEU n 
1 43  ALA n 
1 44  THR n 
1 45  ARG n 
1 46  ILE n 
1 47  GLU n 
1 48  GLN n 
1 49  GLU n 
1 50  ASN n 
1 51  VAL n 
1 52  ILE n 
1 53  ASN n 
1 54  HIS n 
1 55  THR n 
1 56  ASP n 
1 57  GLU n 
1 58  GLU n 
1 59  GLY n 
1 60  PHE n 
1 61  THR n 
1 62  PRO n 
1 63  LEU n 
1 64  MET n 
1 65  TRP n 
1 66  ALA n 
1 67  ALA n 
1 68  ALA n 
1 69  HIS n 
1 70  GLY n 
1 71  GLN n 
1 72  ILE n 
1 73  ALA n 
1 74  VAL n 
1 75  VAL n 
1 76  GLU n 
1 77  PHE n 
1 78  LEU n 
1 79  LEU n 
1 80  GLN n 
1 81  ASN n 
1 82  GLY n 
1 83  ALA n 
1 84  ASP n 
1 85  PRO n 
1 86  GLN n 
1 87  LEU n 
1 88  LEU n 
1 89  GLY n 
1 90  LYS n 
1 91  GLY n 
1 92  ARG n 
1 93  GLU n 
1 94  SER n 
1 95  ALA n 
1 96  LEU n 
1 97  SER n 
1 98  LEU n 
1 99  ALA n 
1 100 CYS n 
1 101 SER n 
1 102 LYS n 
1 103 GLY n 
1 104 TYR n 
1 105 THR n 
1 106 ASP n 
1 107 ILE n 
1 108 VAL n 
1 109 LYS n 
1 110 MET n 
1 111 LEU n 
1 112 LEU n 
1 113 ASP n 
1 114 CYS n 
1 115 GLY n 
1 116 VAL n 
1 117 ASP n 
1 118 VAL n 
1 119 ASN n 
1 120 GLU n 
1 121 TYR n 
1 122 ASP n 
1 123 TRP n 
1 124 ASN n 
1 125 GLY n 
1 126 GLY n 
1 127 THR n 
1 128 PRO n 
1 129 LEU n 
1 130 LEU n 
1 131 TYR n 
1 132 ALA n 
1 133 VAL n 
1 134 HIS n 
1 135 GLY n 
1 136 ASN n 
1 137 HIS n 
1 138 VAL n 
1 139 LYS n 
1 140 CYS n 
1 141 VAL n 
1 142 LYS n 
1 143 MET n 
1 144 LEU n 
1 145 LEU n 
1 146 GLU n 
1 147 SER n 
1 148 GLY n 
1 149 ALA n 
1 150 ASP n 
1 151 PRO n 
1 152 THR n 
1 153 ILE n 
1 154 GLU n 
1 155 THR n 
1 156 ASP n 
1 157 SER n 
1 158 GLY n 
1 159 TYR n 
1 160 ASN n 
1 161 SER n 
1 162 MET n 
1 163 ASP n 
1 164 LEU n 
1 165 ALA n 
1 166 VAL n 
1 167 ALA n 
1 168 LEU n 
1 169 GLY n 
1 170 TYR n 
1 171 ARG n 
1 172 SER n 
1 173 VAL n 
1 174 GLN n 
1 175 GLN n 
1 176 VAL n 
1 177 ILE n 
1 178 GLU n 
1 179 SER n 
1 180 HIS n 
1 181 LEU n 
1 182 LEU n 
1 183 LYS n 
1 184 LEU n 
1 185 LEU n 
1 186 GLN n 
1 187 ASN n 
1 188 ILE n 
1 189 LYS n 
1 190 GLU n 
2 1   LYS n 
2 2   ALA n 
2 3   PHE n 
2 4   VAL n 
2 5   HIS n 
2 6   MET n 
2 7   PRO n 
2 8   THR n 
2 9   LEU n 
2 10  PRO n 
2 11  ASN n 
2 12  LEU n 
2 13  ASP n 
2 14  PHE n 
2 15  HIS n 
2 16  LYS n 
2 17  THR n 
# 
_entity_src_gen.entity_id                          1 
_entity_src_gen.pdbx_src_id                        1 
_entity_src_gen.pdbx_alt_source_flag               sample 
_entity_src_gen.pdbx_seq_type                      ? 
_entity_src_gen.pdbx_beg_seq_num                   ? 
_entity_src_gen.pdbx_end_seq_num                   ? 
_entity_src_gen.gene_src_common_name               human 
_entity_src_gen.gene_src_genus                     ? 
_entity_src_gen.pdbx_gene_src_gene                 'ANKRA2, ANKRA' 
_entity_src_gen.gene_src_species                   ? 
_entity_src_gen.gene_src_strain                    ? 
_entity_src_gen.gene_src_tissue                    ? 
_entity_src_gen.gene_src_tissue_fraction           ? 
_entity_src_gen.gene_src_details                   ? 
_entity_src_gen.pdbx_gene_src_fragment             ? 
_entity_src_gen.pdbx_gene_src_scientific_name      'Homo sapiens' 
_entity_src_gen.pdbx_gene_src_ncbi_taxonomy_id     9606 
_entity_src_gen.pdbx_gene_src_variant              ? 
_entity_src_gen.pdbx_gene_src_cell_line            ? 
_entity_src_gen.pdbx_gene_src_atcc                 ? 
_entity_src_gen.pdbx_gene_src_organ                ? 
_entity_src_gen.pdbx_gene_src_organelle            ? 
_entity_src_gen.pdbx_gene_src_cell                 ? 
_entity_src_gen.pdbx_gene_src_cellular_location    ? 
_entity_src_gen.host_org_common_name               ? 
_entity_src_gen.pdbx_host_org_scientific_name      'Escherichia coli' 
_entity_src_gen.pdbx_host_org_ncbi_taxonomy_id     562 
_entity_src_gen.host_org_genus                     ? 
_entity_src_gen.pdbx_host_org_gene                 ? 
_entity_src_gen.pdbx_host_org_organ                ? 
_entity_src_gen.host_org_species                   ? 
_entity_src_gen.pdbx_host_org_tissue               ? 
_entity_src_gen.pdbx_host_org_tissue_fraction      ? 
_entity_src_gen.pdbx_host_org_strain               BL21-V2R-pRARE2 
_entity_src_gen.pdbx_host_org_variant              ? 
_entity_src_gen.pdbx_host_org_cell_line            ? 
_entity_src_gen.pdbx_host_org_atcc                 ? 
_entity_src_gen.pdbx_host_org_culture_collection   ? 
_entity_src_gen.pdbx_host_org_cell                 ? 
_entity_src_gen.pdbx_host_org_organelle            ? 
_entity_src_gen.pdbx_host_org_cellular_location    ? 
_entity_src_gen.pdbx_host_org_vector_type          ? 
_entity_src_gen.pdbx_host_org_vector               ? 
_entity_src_gen.host_org_details                   ? 
_entity_src_gen.expression_system_id               ? 
_entity_src_gen.plasmid_name                       pET28-MHL 
_entity_src_gen.plasmid_details                    ? 
_entity_src_gen.pdbx_description                   ? 
# 
_pdbx_entity_src_syn.entity_id              2 
_pdbx_entity_src_syn.pdbx_src_id            1 
_pdbx_entity_src_syn.pdbx_alt_source_flag   sample 
_pdbx_entity_src_syn.pdbx_beg_seq_num       ? 
_pdbx_entity_src_syn.pdbx_end_seq_num       ? 
_pdbx_entity_src_syn.organism_scientific    'Homo sapiens' 
_pdbx_entity_src_syn.organism_common_name   human 
_pdbx_entity_src_syn.ncbi_taxonomy_id       9606 
_pdbx_entity_src_syn.details                'synthetic peptide' 
# 
loop_
_struct_ref.id 
_struct_ref.db_name 
_struct_ref.db_code 
_struct_ref.pdbx_db_accession 
_struct_ref.entity_id 
_struct_ref.pdbx_seq_one_letter_code 
_struct_ref.pdbx_align_begin 
_struct_ref.pdbx_db_isoform 
1 UNP ANRA2_HUMAN Q9H9E1 1 
;STTPLLANSLSVHQLAAQGEMLYLATRIEQENVINHTDEEGFTPLMWAAAHGQIAVVEFLLQNGADPQLLGKGRESALSL
ACSKGYTDIVKMLLDCGVDVNEYDWNGGTPLLYAVHGNHVKCVKMLLESGADPTIETDSGYNSMDLAVALGYRSVQQVIE
SHLLKLLQNIKE
;
142 ? 
2 UNP RFX7_HUMAN  Q2KHR2 2 KAFVHMPTLPNLDFHKT 85  ? 
# 
loop_
_struct_ref_seq.align_id 
_struct_ref_seq.ref_id 
_struct_ref_seq.pdbx_PDB_id_code 
_struct_ref_seq.pdbx_strand_id 
_struct_ref_seq.seq_align_beg 
_struct_ref_seq.pdbx_seq_align_beg_ins_code 
_struct_ref_seq.seq_align_end 
_struct_ref_seq.pdbx_seq_align_end_ins_code 
_struct_ref_seq.pdbx_db_accession 
_struct_ref_seq.db_align_beg 
_struct_ref_seq.pdbx_db_align_beg_ins_code 
_struct_ref_seq.db_align_end 
_struct_ref_seq.pdbx_db_align_end_ins_code 
_struct_ref_seq.pdbx_auth_seq_align_beg 
_struct_ref_seq.pdbx_auth_seq_align_end 
1 1 4QQI A 19 ? 190 ? Q9H9E1 142 ? 313 ? 142 313 
2 2 4QQI X 1  ? 17  ? Q2KHR2 85  ? 101 ? 85  101 
# 
loop_
_struct_ref_seq_dif.align_id 
_struct_ref_seq_dif.pdbx_pdb_id_code 
_struct_ref_seq_dif.mon_id 
_struct_ref_seq_dif.pdbx_pdb_strand_id 
_struct_ref_seq_dif.seq_num 
_struct_ref_seq_dif.pdbx_pdb_ins_code 
_struct_ref_seq_dif.pdbx_seq_db_name 
_struct_ref_seq_dif.pdbx_seq_db_accession_code 
_struct_ref_seq_dif.db_mon_id 
_struct_ref_seq_dif.pdbx_seq_db_seq_num 
_struct_ref_seq_dif.details 
_struct_ref_seq_dif.pdbx_auth_seq_num 
_struct_ref_seq_dif.pdbx_ordinal 
1 4QQI MET A 1  ? UNP Q9H9E1 ? ? 'expression tag' 124 1  
1 4QQI HIS A 2  ? UNP Q9H9E1 ? ? 'expression tag' 125 2  
1 4QQI HIS A 3  ? UNP Q9H9E1 ? ? 'expression tag' 126 3  
1 4QQI HIS A 4  ? UNP Q9H9E1 ? ? 'expression tag' 127 4  
1 4QQI HIS A 5  ? UNP Q9H9E1 ? ? 'expression tag' 128 5  
1 4QQI HIS A 6  ? UNP Q9H9E1 ? ? 'expression tag' 129 6  
1 4QQI HIS A 7  ? UNP Q9H9E1 ? ? 'expression tag' 130 7  
1 4QQI SER A 8  ? UNP Q9H9E1 ? ? 'expression tag' 131 8  
1 4QQI SER A 9  ? UNP Q9H9E1 ? ? 'expression tag' 132 9  
1 4QQI GLY A 10 ? UNP Q9H9E1 ? ? 'expression tag' 133 10 
1 4QQI ARG A 11 ? UNP Q9H9E1 ? ? 'expression tag' 134 11 
1 4QQI GLU A 12 ? UNP Q9H9E1 ? ? 'expression tag' 135 12 
1 4QQI ASN A 13 ? UNP Q9H9E1 ? ? 'expression tag' 136 13 
1 4QQI LEU A 14 ? UNP Q9H9E1 ? ? 'expression tag' 137 14 
1 4QQI TYR A 15 ? UNP Q9H9E1 ? ? 'expression tag' 138 15 
1 4QQI PHE A 16 ? UNP Q9H9E1 ? ? 'expression tag' 139 16 
1 4QQI GLN A 17 ? UNP Q9H9E1 ? ? 'expression tag' 140 17 
1 4QQI GLY A 18 ? UNP Q9H9E1 ? ? 'expression tag' 141 18 
# 
loop_
_chem_comp.id 
_chem_comp.type 
_chem_comp.mon_nstd_flag 
_chem_comp.name 
_chem_comp.pdbx_synonyms 
_chem_comp.formula 
_chem_comp.formula_weight 
ALA 'L-peptide linking' y ALANINE               ? 'C3 H7 N O2'     89.093  
ARG 'L-peptide linking' y ARGININE              ? 'C6 H15 N4 O2 1' 175.209 
ASN 'L-peptide linking' y ASPARAGINE            ? 'C4 H8 N2 O3'    132.118 
ASP 'L-peptide linking' y 'ASPARTIC ACID'       ? 'C4 H7 N O4'     133.103 
CYS 'L-peptide linking' y CYSTEINE              ? 'C3 H7 N O2 S'   121.158 
GLN 'L-peptide linking' y GLUTAMINE             ? 'C5 H10 N2 O3'   146.144 
GLU 'L-peptide linking' y 'GLUTAMIC ACID'       ? 'C5 H9 N O4'     147.129 
GLY 'peptide linking'   y GLYCINE               ? 'C2 H5 N O2'     75.067  
HIS 'L-peptide linking' y HISTIDINE             ? 'C6 H10 N3 O2 1' 156.162 
HOH non-polymer         . WATER                 ? 'H2 O'           18.015  
ILE 'L-peptide linking' y ISOLEUCINE            ? 'C6 H13 N O2'    131.173 
LEU 'L-peptide linking' y LEUCINE               ? 'C6 H13 N O2'    131.173 
LYS 'L-peptide linking' y LYSINE                ? 'C6 H15 N2 O2 1' 147.195 
MET 'L-peptide linking' y METHIONINE            ? 'C5 H11 N O2 S'  149.211 
PHE 'L-peptide linking' y PHENYLALANINE         ? 'C9 H11 N O2'    165.189 
PRO 'L-peptide linking' y PROLINE               ? 'C5 H9 N O2'     115.130 
SER 'L-peptide linking' y SERINE                ? 'C3 H7 N O3'     105.093 
SO4 non-polymer         . 'SULFATE ION'         ? 'O4 S -2'        96.063  
THR 'L-peptide linking' y THREONINE             ? 'C4 H9 N O3'     119.119 
TRP 'L-peptide linking' y TRYPTOPHAN            ? 'C11 H12 N2 O2'  204.225 
TYR 'L-peptide linking' y TYROSINE              ? 'C9 H11 N O3'    181.189 
UNL non-polymer         . 'UNKNOWN LIGAND'      ? ?                ?       
UNX non-polymer         . 'UNKNOWN ATOM OR ION' ? ?                ?       
VAL 'L-peptide linking' y VALINE                ? 'C5 H11 N O2'    117.146 
# 
_exptl.crystals_number   1 
_exptl.entry_id          4QQI 
_exptl.method            'X-RAY DIFFRACTION' 
# 
_exptl_crystal.id                    1 
_exptl_crystal.density_percent_sol   58.5 
_exptl_crystal.density_Matthews      3.0 
_exptl_crystal.density_meas          ? 
_exptl_crystal.description           ? 
_exptl_crystal.F_000                 ? 
_exptl_crystal.preparation           ? 
# 
_exptl_crystal_grow.crystal_id      1 
_exptl_crystal_grow.method          'VAPOR DIFFUSION' 
_exptl_crystal_grow.pH              7.5 
_exptl_crystal_grow.temp            291 
_exptl_crystal_grow.pdbx_details    
'0.1 M sodium hepes, 2.0 M ammonium sulfate, 2% PEG 400, pH 7.5, vapor diffusion, temperature 291K' 
_exptl_crystal_grow.temp_details    ? 
_exptl_crystal_grow.pdbx_pH_range   ? 
# 
_diffrn.id                     1 
_diffrn.ambient_temp           100 
_diffrn.ambient_temp_details   ? 
_diffrn.crystal_id             1 
# 
_diffrn_detector.diffrn_id              1 
_diffrn_detector.detector               'IMAGE PLATE' 
_diffrn_detector.type                   R-Axis 
_diffrn_detector.pdbx_collection_date   2013-05-14 
_diffrn_detector.details                ? 
# 
_diffrn_radiation.diffrn_id                        1 
_diffrn_radiation.pdbx_diffrn_protocol             'SINGLE WAVELENGTH' 
_diffrn_radiation.monochromator                    ? 
_diffrn_radiation.wavelength_id                    1 
_diffrn_radiation.pdbx_monochromatic_or_laue_m_l   M 
_diffrn_radiation.pdbx_scattering_type             x-ray 
# 
_diffrn_radiation_wavelength.id           1 
_diffrn_radiation_wavelength.wavelength   1.5418 
_diffrn_radiation_wavelength.wt           1.0 
# 
_diffrn_source.diffrn_id                   1 
_diffrn_source.source                      'ROTATING ANODE' 
_diffrn_source.type                        'RIGAKU FR-E' 
_diffrn_source.pdbx_wavelength_list        1.5418 
_diffrn_source.pdbx_wavelength             ? 
_diffrn_source.pdbx_synchrotron_site       ? 
_diffrn_source.pdbx_synchrotron_beamline   ? 
# 
_reflns.entry_id                     4QQI 
_reflns.d_resolution_high            2.020 
_reflns.d_resolution_low             37.730 
_reflns.number_obs                   17145 
_reflns.pdbx_Rmerge_I_obs            0.177 
_reflns.pdbx_netI_over_sigmaI        10.500 
_reflns.pdbx_redundancy              6.900 
_reflns.percent_possible_obs         99.500 
_reflns.observed_criterion_sigma_F   ? 
_reflns.observed_criterion_sigma_I   ? 
_reflns.number_all                   ? 
_reflns.pdbx_Rsym_value              ? 
_reflns.B_iso_Wilson_estimate        ? 
_reflns.R_free_details               ? 
_reflns.limit_h_max                  ? 
_reflns.limit_h_min                  ? 
_reflns.limit_k_max                  ? 
_reflns.limit_k_min                  ? 
_reflns.limit_l_max                  ? 
_reflns.limit_l_min                  ? 
_reflns.observed_criterion_F_max     ? 
_reflns.observed_criterion_F_min     ? 
_reflns.pdbx_chi_squared             ? 
_reflns.pdbx_scaling_rejects         ? 
_reflns.pdbx_ordinal                 1 
_reflns.pdbx_diffrn_id               1 
# 
loop_
_reflns_shell.d_res_high 
_reflns_shell.d_res_low 
_reflns_shell.number_measured_obs 
_reflns_shell.number_measured_all 
_reflns_shell.number_unique_obs 
_reflns_shell.Rmerge_I_obs 
_reflns_shell.meanI_over_sigI_obs 
_reflns_shell.pdbx_Rsym_value 
_reflns_shell.pdbx_chi_squared 
_reflns_shell.pdbx_redundancy 
_reflns_shell.percent_possible_obs 
_reflns_shell.number_unique_all 
_reflns_shell.percent_possible_all 
_reflns_shell.pdbx_ordinal 
_reflns_shell.pdbx_diffrn_id 
2.020 2.070  ? 7196 ? 0.010 2.100  ? ? 6.300 ? 1137 93.800 1 1 
9.040 37.730 ? 1313 ? 0.010 34.700 ? ? 5.500 ? 240  98.300 2 1 
# 
_refine.entry_id                                 4QQI 
_refine.ls_d_res_high                            2.0300 
_refine.ls_d_res_low                             30.0000 
_refine.pdbx_ls_sigma_F                          0.000 
_refine.pdbx_data_cutoff_high_absF               ? 
_refine.pdbx_data_cutoff_low_absF                ? 
_refine.ls_percent_reflns_obs                    98.4100 
_refine.ls_number_reflns_obs                     16738 
_refine.ls_number_reflns_all                     ? 
_refine.pdbx_ls_cross_valid_method               THROUGHOUT 
_refine.pdbx_R_Free_selection_details            RANDOM 
_refine.details                                  
'ARP/WARP was used for phase improvement and automated model building. COOT and MOLPROBITY were also used during refinement.' 
_refine.ls_R_factor_all                          ? 
_refine.ls_R_factor_obs                          0.2213 
_refine.ls_R_factor_R_work                       0.2188 
_refine.ls_wR_factor_R_work                      0.1818 
_refine.ls_R_factor_R_free                       0.2686 
_refine.ls_wR_factor_R_free                      0.2258 
_refine.ls_percent_reflns_R_free                 5.1000 
_refine.ls_number_reflns_R_free                  853 
_refine.ls_R_factor_R_free_error                 ? 
_refine.B_iso_mean                               24.7826 
_refine.solvent_model_param_bsol                 ? 
_refine.solvent_model_param_ksol                 ? 
_refine.pdbx_isotropic_thermal_model             ? 
_refine.aniso_B[1][1]                            3.0000 
_refine.aniso_B[2][2]                            -1.7000 
_refine.aniso_B[3][3]                            -1.3000 
_refine.aniso_B[1][2]                            0.0000 
_refine.aniso_B[1][3]                            -0.0000 
_refine.aniso_B[2][3]                            0.0000 
_refine.correlation_coeff_Fo_to_Fc               0.9280 
_refine.correlation_coeff_Fo_to_Fc_free          0.9080 
_refine.overall_SU_R_Cruickshank_DPI             0.1858 
_refine.overall_SU_R_free                        0.1765 
_refine.pdbx_overall_ESU_R                       0.1860 
_refine.pdbx_overall_ESU_R_Free                  0.1770 
_refine.overall_SU_ML                            0.1520 
_refine.overall_SU_B                             6.0410 
_refine.solvent_model_details                    MASK 
_refine.pdbx_solvent_vdw_probe_radii             1.2000 
_refine.pdbx_solvent_ion_probe_radii             0.8000 
_refine.pdbx_solvent_shrinkage_radii             0.8000 
_refine.ls_number_parameters                     ? 
_refine.ls_number_restraints                     ? 
_refine.pdbx_starting_model                      'pdb entry 3so8' 
_refine.pdbx_method_to_determine_struct          'MOLECULAR REPLACEMENT' 
_refine.pdbx_stereochemistry_target_values       'MAXIMUM LIKELIHOOD' 
_refine.pdbx_stereochem_target_val_spec_case     ? 
_refine.overall_FOM_work_R_set                   0.7444 
_refine.B_iso_max                                84.460 
_refine.B_iso_min                                5.400 
_refine.pdbx_overall_phase_error                 ? 
_refine.occupancy_max                            1.000 
_refine.occupancy_min                            0.400 
_refine.pdbx_ls_sigma_I                          ? 
_refine.ls_redundancy_reflns_obs                 ? 
_refine.ls_R_factor_R_free_error_details         ? 
_refine.pdbx_data_cutoff_high_rms_absF           ? 
_refine.overall_FOM_free_R_set                   ? 
_refine.pdbx_diffrn_id                           1 
_refine.pdbx_refine_id                           'X-RAY DIFFRACTION' 
_refine.pdbx_TLS_residual_ADP_flag               ? 
_refine.pdbx_overall_SU_R_free_Cruickshank_DPI   ? 
_refine.pdbx_overall_SU_R_Blow_DPI               ? 
_refine.pdbx_overall_SU_R_free_Blow_DPI          ? 
# 
_refine_hist.pdbx_refine_id                   'X-RAY DIFFRACTION' 
_refine_hist.cycle_id                         LAST 
_refine_hist.pdbx_number_atoms_protein        1455 
_refine_hist.pdbx_number_atoms_nucleic_acid   0 
_refine_hist.pdbx_number_atoms_ligand         34 
_refine_hist.number_atoms_solvent             79 
_refine_hist.number_atoms_total               1568 
_refine_hist.d_res_high                       2.0300 
_refine_hist.d_res_low                        30.0000 
# 
loop_
_refine_ls_restr.type 
_refine_ls_restr.number 
_refine_ls_restr.dev_ideal 
_refine_ls_restr.dev_ideal_target 
_refine_ls_restr.weight 
_refine_ls_restr.pdbx_restraint_function 
_refine_ls_restr.pdbx_refine_id 
r_bond_refined_d       1520 0.012  0.019  ? ? 'X-RAY DIFFRACTION' 
r_bond_other_d         1432 0.001  0.020  ? ? 'X-RAY DIFFRACTION' 
r_angle_refined_deg    2073 1.382  1.971  ? ? 'X-RAY DIFFRACTION' 
r_angle_other_deg      3289 0.793  3.000  ? ? 'X-RAY DIFFRACTION' 
r_dihedral_angle_1_deg 195  5.347  5.000  ? ? 'X-RAY DIFFRACTION' 
r_dihedral_angle_2_deg 63   37.826 25.714 ? ? 'X-RAY DIFFRACTION' 
r_dihedral_angle_3_deg 244  11.994 15.000 ? ? 'X-RAY DIFFRACTION' 
r_dihedral_angle_4_deg 3    7.464  15.000 ? ? 'X-RAY DIFFRACTION' 
r_chiral_restr         245  0.081  0.200  ? ? 'X-RAY DIFFRACTION' 
r_gen_planes_refined   1725 0.006  0.020  ? ? 'X-RAY DIFFRACTION' 
r_gen_planes_other     330  0.001  0.020  ? ? 'X-RAY DIFFRACTION' 
r_mcbond_it            778  2.169  2.314  ? ? 'X-RAY DIFFRACTION' 
r_mcbond_other         776  2.151  2.307  ? ? 'X-RAY DIFFRACTION' 
r_mcangle_it           970  3.196  3.450  ? ? 'X-RAY DIFFRACTION' 
# 
_refine_ls_shell.d_res_high                       2.0300 
_refine_ls_shell.d_res_low                        2.0820 
_refine_ls_shell.pdbx_total_number_of_bins_used   20 
_refine_ls_shell.percent_reflns_obs               100.0000 
_refine_ls_shell.number_reflns_R_work             1153 
_refine_ls_shell.R_factor_all                     ? 
_refine_ls_shell.R_factor_R_work                  0.2660 
_refine_ls_shell.R_factor_R_free                  0.3370 
_refine_ls_shell.percent_reflns_R_free            ? 
_refine_ls_shell.number_reflns_R_free             64 
_refine_ls_shell.R_factor_R_free_error            ? 
_refine_ls_shell.number_reflns_all                1217 
_refine_ls_shell.number_reflns_obs                ? 
_refine_ls_shell.redundancy_reflns_obs            ? 
_refine_ls_shell.pdbx_refine_id                   'X-RAY DIFFRACTION' 
# 
_struct.entry_id                  4QQI 
_struct.title                     'Crystal structure of ANKRA2-RFX7 complex' 
_struct.pdbx_model_details        ? 
_struct.pdbx_CASP_flag            ? 
_struct.pdbx_model_type_details   ? 
# 
_struct_keywords.entry_id        4QQI 
_struct_keywords.text            'Structural Genomics Consortium, SGC, STRUCTURAL PROTEIN' 
_struct_keywords.pdbx_keywords   'STRUCTURAL PROTEIN' 
# 
loop_
_struct_asym.id 
_struct_asym.pdbx_blank_PDB_chainid_flag 
_struct_asym.pdbx_modified 
_struct_asym.entity_id 
_struct_asym.details 
A N N 1 ? 
B N N 2 ? 
C N N 3 ? 
D N N 3 ? 
E N N 3 ? 
F N N 3 ? 
G N N 4 ? 
H N N 4 ? 
I N N 4 ? 
J N N 4 ? 
K N N 4 ? 
L N N 4 ? 
M N N 4 ? 
N N N 4 ? 
O N N 5 ? 
P N N 4 ? 
Q N N 4 ? 
R N N 4 ? 
S N N 6 ? 
T N N 6 ? 
# 
loop_
_struct_conf.conf_type_id 
_struct_conf.id 
_struct_conf.pdbx_PDB_helix_id 
_struct_conf.beg_label_comp_id 
_struct_conf.beg_label_asym_id 
_struct_conf.beg_label_seq_id 
_struct_conf.pdbx_beg_PDB_ins_code 
_struct_conf.end_label_comp_id 
_struct_conf.end_label_asym_id 
_struct_conf.end_label_seq_id 
_struct_conf.pdbx_end_PDB_ins_code 
_struct_conf.beg_auth_comp_id 
_struct_conf.beg_auth_asym_id 
_struct_conf.beg_auth_seq_id 
_struct_conf.end_auth_comp_id 
_struct_conf.end_auth_asym_id 
_struct_conf.end_auth_seq_id 
_struct_conf.pdbx_PDB_helix_class 
_struct_conf.details 
_struct_conf.pdbx_PDB_helix_length 
HELX_P HELX_P1  1  THR A 20  ? ALA A 25  ? THR A 143 ALA A 148 1 ? 6  
HELX_P HELX_P2  2  ASN A 26  ? LEU A 28  ? ASN A 149 LEU A 151 5 ? 3  
HELX_P HELX_P3  3  SER A 29  ? GLY A 37  ? SER A 152 GLY A 160 1 ? 9  
HELX_P HELX_P4  4  GLU A 38  ? GLU A 49  ? GLU A 161 GLU A 172 1 ? 12 
HELX_P HELX_P5  5  THR A 61  ? HIS A 69  ? THR A 184 HIS A 192 1 ? 9  
HELX_P HELX_P6  6  GLN A 71  ? ASN A 81  ? GLN A 194 ASN A 204 1 ? 11 
HELX_P HELX_P7  7  SER A 94  ? GLY A 103 ? SER A 217 GLY A 226 1 ? 10 
HELX_P HELX_P8  8  TYR A 104 ? CYS A 114 ? TYR A 227 CYS A 237 1 ? 11 
HELX_P HELX_P9  9  THR A 127 ? GLY A 135 ? THR A 250 GLY A 258 1 ? 9  
HELX_P HELX_P10 10 HIS A 137 ? SER A 147 ? HIS A 260 SER A 270 1 ? 11 
HELX_P HELX_P11 11 ASN A 160 ? GLY A 169 ? ASN A 283 GLY A 292 1 ? 10 
HELX_P HELX_P12 12 TYR A 170 ? LYS A 183 ? TYR A 293 LYS A 306 1 ? 14 
# 
_struct_conf_type.id          HELX_P 
_struct_conf_type.criteria    ? 
_struct_conf_type.reference   ? 
# 
loop_
_struct_site.id 
_struct_site.pdbx_evidence_code 
_struct_site.pdbx_auth_asym_id 
_struct_site.pdbx_auth_comp_id 
_struct_site.pdbx_auth_seq_id 
_struct_site.pdbx_auth_ins_code 
_struct_site.pdbx_num_residues 
_struct_site.details 
AC1 Software A SO4 401 ? 5 'BINDING SITE FOR RESIDUE SO4 A 401' 
AC2 Software A SO4 402 ? 5 'BINDING SITE FOR RESIDUE SO4 A 402' 
AC3 Software A SO4 403 ? 3 'BINDING SITE FOR RESIDUE SO4 A 403' 
AC4 Software A SO4 404 ? 3 'BINDING SITE FOR RESIDUE SO4 A 404' 
# 
loop_
_struct_site_gen.id 
_struct_site_gen.site_id 
_struct_site_gen.pdbx_num_res 
_struct_site_gen.label_comp_id 
_struct_site_gen.label_asym_id 
_struct_site_gen.label_seq_id 
_struct_site_gen.pdbx_auth_ins_code 
_struct_site_gen.auth_comp_id 
_struct_site_gen.auth_asym_id 
_struct_site_gen.auth_seq_id 
_struct_site_gen.label_atom_id 
_struct_site_gen.label_alt_id 
_struct_site_gen.symmetry 
_struct_site_gen.details 
1  AC1 5 ASN A 136 ? ASN A 259 . ? 1_555 ? 
2  AC1 5 GLY A 169 ? GLY A 292 . ? 1_555 ? 
3  AC1 5 ARG A 171 ? ARG A 294 . ? 1_555 ? 
4  AC1 5 SER A 172 ? SER A 295 . ? 1_555 ? 
5  AC1 5 HOH S .   ? HOH A 508 . ? 1_555 ? 
6  AC2 5 ASN A 136 ? ASN A 259 . ? 1_555 ? 
7  AC2 5 HIS A 137 ? HIS A 260 . ? 1_555 ? 
8  AC2 5 VAL A 138 ? VAL A 261 . ? 1_555 ? 
9  AC2 5 LYS A 139 ? LYS A 262 . ? 1_555 ? 
10 AC2 5 HOH S .   ? HOH A 565 . ? 1_555 ? 
11 AC3 3 SER A 29  ? SER A 152 . ? 1_555 ? 
12 AC3 3 VAL A 30  ? VAL A 153 . ? 1_555 ? 
13 AC3 3 ARG A 45  ? ARG A 168 . ? 1_555 ? 
14 AC4 3 ASP A 117 ? ASP A 240 . ? 1_555 ? 
15 AC4 3 VAL A 118 ? VAL A 241 . ? 1_555 ? 
16 AC4 3 ASN A 119 ? ASN A 242 . ? 1_555 ? 
# 
_atom_sites.entry_id                    4QQI 
_atom_sites.fract_transf_matrix[1][1]   0.00983939 
_atom_sites.fract_transf_matrix[1][2]   -0.00456520 
_atom_sites.fract_transf_matrix[1][3]   -0.00761320 
_atom_sites.fract_transf_matrix[2][1]   -0.00598330 
_atom_sites.fract_transf_matrix[2][2]   -0.00000928 
_atom_sites.fract_transf_matrix[2][3]   -0.00772733 
_atom_sites.fract_transf_matrix[3][1]   0.00834733 
_atom_sites.fract_transf_matrix[3][2]   0.02882739 
_atom_sites.fract_transf_matrix[3][3]   -0.00649797 
_atom_sites.fract_transf_vector[1]      0.289008 
_atom_sites.fract_transf_vector[2]      0.036040 
_atom_sites.fract_transf_vector[3]      0.427319 
# 
loop_
_atom_type.symbol 
C 
N 
O 
S 
X 
# 
loop_
_atom_site.group_PDB 
_atom_site.id 
_atom_site.type_symbol 
_atom_site.label_atom_id 
_atom_site.label_alt_id 
_atom_site.label_comp_id 
_atom_site.label_asym_id 
_atom_site.label_entity_id 
_atom_site.label_seq_id 
_atom_site.pdbx_PDB_ins_code 
_atom_site.Cartn_x 
_atom_site.Cartn_y 
_atom_site.Cartn_z 
_atom_site.occupancy 
_atom_site.B_iso_or_equiv 
_atom_site.pdbx_formal_charge 
_atom_site.auth_seq_id 
_atom_site.auth_comp_id 
_atom_site.auth_asym_id 
_atom_site.auth_atom_id 
_atom_site.pdbx_PDB_model_num 
ATOM   1    N N   A LEU A 1 14  ? -20.691 23.847  -17.714 0.50 50.00 ? 137 LEU A N   1 
ATOM   2    N N   B LEU A 1 14  ? -22.249 21.749  -17.430 0.50 49.36 ? 137 LEU A N   1 
ATOM   3    C CA  A LEU A 1 14  ? -21.119 22.605  -18.441 0.50 49.96 ? 137 LEU A CA  1 
ATOM   4    C CA  B LEU A 1 14  ? -21.263 22.220  -18.452 0.50 49.49 ? 137 LEU A CA  1 
ATOM   5    C C   A LEU A 1 14  ? -21.909 22.958  -19.715 0.50 49.56 ? 137 LEU A C   1 
ATOM   6    C C   B LEU A 1 14  ? -21.957 22.810  -19.709 0.50 49.82 ? 137 LEU A C   1 
ATOM   7    O O   A LEU A 1 14  ? -23.011 23.515  -19.644 0.50 50.40 ? 137 LEU A O   1 
ATOM   8    O O   B LEU A 1 14  ? -23.033 23.412  -19.609 0.50 50.56 ? 137 LEU A O   1 
ATOM   9    C CB  A LEU A 1 14  ? -21.947 21.697  -17.520 0.50 49.23 ? 137 LEU A CB  1 
ATOM   10   C CB  B LEU A 1 14  ? -20.328 21.059  -18.822 0.50 51.45 ? 137 LEU A CB  1 
ATOM   11   N N   . TYR A 1 15  ? -21.332 22.649  -20.878 1.00 45.71 ? 138 TYR A N   1 
ATOM   12   C CA  . TYR A 1 15  ? -21.971 22.944  -22.165 1.00 40.82 ? 138 TYR A CA  1 
ATOM   13   C C   . TYR A 1 15  ? -23.062 21.930  -22.554 1.00 40.97 ? 138 TYR A C   1 
ATOM   14   O O   . TYR A 1 15  ? -24.129 22.278  -23.068 1.00 39.22 ? 138 TYR A O   1 
ATOM   15   C CB  . TYR A 1 15  ? -20.917 22.953  -23.267 1.00 42.28 ? 138 TYR A CB  1 
ATOM   16   C CG  . TYR A 1 15  ? -21.501 23.306  -24.613 1.00 39.95 ? 138 TYR A CG  1 
ATOM   17   C CD1 . TYR A 1 15  ? -21.762 24.627  -24.949 1.00 41.47 ? 138 TYR A CD1 1 
ATOM   18   C CD2 . TYR A 1 15  ? -21.814 22.319  -25.533 1.00 41.56 ? 138 TYR A CD2 1 
ATOM   19   C CE1 . TYR A 1 15  ? -22.302 24.955  -26.169 1.00 39.62 ? 138 TYR A CE1 1 
ATOM   20   C CE2 . TYR A 1 15  ? -22.378 22.631  -26.746 1.00 39.25 ? 138 TYR A CE2 1 
ATOM   21   C CZ  . TYR A 1 15  ? -22.605 23.954  -27.056 1.00 40.79 ? 138 TYR A CZ  1 
ATOM   22   O OH  . TYR A 1 15  ? -23.134 24.273  -28.261 1.00 41.23 ? 138 TYR A OH  1 
ATOM   23   N N   . PHE A 1 16  ? -22.756 20.659  -22.350 1.00 39.90 ? 139 PHE A N   1 
ATOM   24   C CA  . PHE A 1 16  ? -23.715 19.582  -22.574 1.00 34.45 ? 139 PHE A CA  1 
ATOM   25   C C   . PHE A 1 16  ? -24.455 19.278  -21.253 1.00 31.92 ? 139 PHE A C   1 
ATOM   26   O O   . PHE A 1 16  ? -24.340 20.025  -20.292 1.00 29.10 ? 139 PHE A O   1 
ATOM   27   C CB  . PHE A 1 16  ? -22.935 18.359  -23.083 1.00 30.48 ? 139 PHE A CB  1 
ATOM   28   C CG  . PHE A 1 16  ? -22.389 18.521  -24.474 1.00 28.39 ? 139 PHE A CG  1 
ATOM   29   C CD1 . PHE A 1 16  ? -23.249 18.672  -25.561 1.00 25.65 ? 139 PHE A CD1 1 
ATOM   30   C CD2 . PHE A 1 16  ? -21.024 18.494  -24.710 1.00 27.92 ? 139 PHE A CD2 1 
ATOM   31   C CE1 . PHE A 1 16  ? -22.752 18.783  -26.852 1.00 27.08 ? 139 PHE A CE1 1 
ATOM   32   C CE2 . PHE A 1 16  ? -20.512 18.615  -26.014 1.00 27.99 ? 139 PHE A CE2 1 
ATOM   33   C CZ  . PHE A 1 16  ? -21.378 18.758  -27.081 1.00 25.62 ? 139 PHE A CZ  1 
ATOM   34   N N   . GLN A 1 17  ? -25.202 18.182  -21.217 1.00 29.50 ? 140 GLN A N   1 
ATOM   35   C CA  . GLN A 1 17  ? -25.835 17.686  -20.006 1.00 36.09 ? 140 GLN A CA  1 
ATOM   36   C C   . GLN A 1 17  ? -24.816 17.409  -18.886 1.00 39.10 ? 140 GLN A C   1 
ATOM   37   O O   . GLN A 1 17  ? -25.045 17.754  -17.721 1.00 34.76 ? 140 GLN A O   1 
ATOM   38   C CB  . GLN A 1 17  ? -26.580 16.391  -20.333 1.00 43.19 ? 140 GLN A CB  1 
ATOM   39   C CG  . GLN A 1 17  ? -27.258 15.710  -19.157 1.00 50.64 ? 140 GLN A CG  1 
ATOM   40   C CD  . GLN A 1 17  ? -28.646 16.252  -18.942 1.00 62.68 ? 140 GLN A CD  1 
ATOM   41   O OE1 . GLN A 1 17  ? -28.814 17.367  -18.444 1.00 76.65 ? 140 GLN A OE1 1 
ATOM   42   N NE2 . GLN A 1 17  ? -29.655 15.484  -19.346 1.00 65.97 ? 140 GLN A NE2 1 
ATOM   43   N N   . GLY A 1 18  ? -23.716 16.752  -19.243 1.00 34.79 ? 141 GLY A N   1 
ATOM   44   C CA  . GLY A 1 18  ? -22.647 16.457  -18.312 1.00 33.71 ? 141 GLY A CA  1 
ATOM   45   C C   . GLY A 1 18  ? -21.371 17.126  -18.754 1.00 34.06 ? 141 GLY A C   1 
ATOM   46   O O   . GLY A 1 18  ? -21.297 17.686  -19.848 1.00 33.90 ? 141 GLY A O   1 
ATOM   47   N N   . SER A 1 19  ? -20.359 17.063  -17.890 1.00 36.38 ? 142 SER A N   1 
ATOM   48   C CA  . SER A 1 19  ? -18.997 17.503  -18.223 1.00 32.75 ? 142 SER A CA  1 
ATOM   49   C C   . SER A 1 19  ? -18.431 16.634  -19.313 1.00 29.10 ? 142 SER A C   1 
ATOM   50   O O   . SER A 1 19  ? -18.725 15.460  -19.369 1.00 32.43 ? 142 SER A O   1 
ATOM   51   C CB  . SER A 1 19  ? -18.069 17.360  -17.001 1.00 32.48 ? 142 SER A CB  1 
ATOM   52   O OG  . SER A 1 19  ? -16.699 17.449  -17.386 1.00 30.74 ? 142 SER A OG  1 
ATOM   53   N N   . THR A 1 20  ? -17.581 17.189  -20.145 1.00 25.78 ? 143 THR A N   1 
ATOM   54   C CA  . THR A 1 20  ? -16.901 16.403  -21.140 1.00 30.38 ? 143 THR A CA  1 
ATOM   55   C C   . THR A 1 20  ? -15.654 15.709  -20.608 1.00 27.17 ? 143 THR A C   1 
ATOM   56   O O   . THR A 1 20  ? -15.115 14.840  -21.282 1.00 27.03 ? 143 THR A O   1 
ATOM   57   C CB  . THR A 1 20  ? -16.462 17.276  -22.328 1.00 31.74 ? 143 THR A CB  1 
ATOM   58   O OG1 . THR A 1 20  ? -15.561 18.285  -21.864 1.00 37.38 ? 143 THR A OG1 1 
ATOM   59   C CG2 . THR A 1 20  ? -17.677 17.937  -23.016 1.00 32.79 ? 143 THR A CG2 1 
ATOM   60   N N   . THR A 1 21  ? -15.179 16.109  -19.431 1.00 25.65 ? 144 THR A N   1 
ATOM   61   C CA  . THR A 1 21  ? -13.921 15.591  -18.888 1.00 25.60 ? 144 THR A CA  1 
ATOM   62   C C   . THR A 1 21  ? -13.922 14.072  -18.735 1.00 24.91 ? 144 THR A C   1 
ATOM   63   O O   . THR A 1 21  ? -12.986 13.428  -19.211 1.00 26.94 ? 144 THR A O   1 
ATOM   64   C CB  . THR A 1 21  ? -13.571 16.281  -17.547 1.00 31.20 ? 144 THR A CB  1 
ATOM   65   O OG1 . THR A 1 21  ? -13.386 17.684  -17.781 1.00 33.63 ? 144 THR A OG1 1 
ATOM   66   C CG2 . THR A 1 21  ? -12.301 15.701  -16.899 1.00 32.61 ? 144 THR A CG2 1 
ATOM   67   N N   . PRO A 1 22  ? -14.987 13.484  -18.120 1.00 25.04 ? 145 PRO A N   1 
ATOM   68   C CA  . PRO A 1 22  ? -15.095 12.007  -18.036 1.00 22.54 ? 145 PRO A CA  1 
ATOM   69   C C   . PRO A 1 22  ? -15.015 11.228  -19.367 1.00 23.85 ? 145 PRO A C   1 
ATOM   70   O O   . PRO A 1 22  ? -14.595 10.073  -19.376 1.00 19.97 ? 145 PRO A O   1 
ATOM   71   C CB  . PRO A 1 22  ? -16.458 11.784  -17.347 1.00 23.96 ? 145 PRO A CB  1 
ATOM   72   C CG  . PRO A 1 22  ? -16.713 13.062  -16.598 1.00 23.67 ? 145 PRO A CG  1 
ATOM   73   C CD  . PRO A 1 22  ? -16.157 14.141  -17.480 1.00 24.76 ? 145 PRO A CD  1 
ATOM   74   N N   . LEU A 1 23  ? -15.404 11.857  -20.479 1.00 23.06 ? 146 LEU A N   1 
ATOM   75   C CA  . LEU A 1 23  ? -15.341 11.219  -21.789 1.00 19.49 ? 146 LEU A CA  1 
ATOM   76   C C   . LEU A 1 23  ? -13.964 11.320  -22.409 1.00 22.03 ? 146 LEU A C   1 
ATOM   77   O O   . LEU A 1 23  ? -13.701 10.674  -23.438 1.00 23.78 ? 146 LEU A O   1 
ATOM   78   C CB  . LEU A 1 23  ? -16.329 11.880  -22.749 1.00 19.35 ? 146 LEU A CB  1 
ATOM   79   C CG  . LEU A 1 23  ? -17.818 11.691  -22.470 1.00 18.97 ? 146 LEU A CG  1 
ATOM   80   C CD1 . LEU A 1 23  ? -18.263 12.542  -21.287 1.00 18.66 ? 146 LEU A CD1 1 
ATOM   81   C CD2 . LEU A 1 23  ? -18.653 12.030  -23.707 1.00 19.33 ? 146 LEU A CD2 1 
ATOM   82   N N   . LEU A 1 24  ? -13.104 12.176  -21.851 1.00 20.76 ? 147 LEU A N   1 
ATOM   83   C CA  . LEU A 1 24  ? -11.743 12.321  -22.348 1.00 21.92 ? 147 LEU A CA  1 
ATOM   84   C C   . LEU A 1 24  ? -10.786 11.406  -21.560 1.00 24.05 ? 147 LEU A C   1 
ATOM   85   O O   . LEU A 1 24  ? -9.588  11.263  -21.885 1.00 20.49 ? 147 LEU A O   1 
ATOM   86   C CB  . LEU A 1 24  ? -11.322 13.789  -22.256 1.00 25.41 ? 147 LEU A CB  1 
ATOM   87   C CG  . LEU A 1 24  ? -12.077 14.702  -23.249 1.00 28.80 ? 147 LEU A CG  1 
ATOM   88   C CD1 . LEU A 1 24  ? -11.546 16.120  -23.139 1.00 29.86 ? 147 LEU A CD1 1 
ATOM   89   C CD2 . LEU A 1 24  ? -11.937 14.179  -24.678 1.00 26.27 ? 147 LEU A CD2 1 
ATOM   90   N N   . ALA A 1 25  ? -11.337 10.731  -20.560 1.00 22.52 ? 148 ALA A N   1 
ATOM   91   C CA  . ALA A 1 25  ? -10.531 9.952   -19.657 1.00 25.11 ? 148 ALA A CA  1 
ATOM   92   C C   . ALA A 1 25  ? -9.852  8.765   -20.324 1.00 23.88 ? 148 ALA A C   1 
ATOM   93   O O   . ALA A 1 25  ? -8.902  8.232   -19.755 1.00 23.16 ? 148 ALA A O   1 
ATOM   94   C CB  . ALA A 1 25  ? -11.360 9.493   -18.465 1.00 25.77 ? 148 ALA A CB  1 
ATOM   95   N N   . ASN A 1 26  ? -10.281 8.360   -21.523 1.00 22.80 ? 149 ASN A N   1 
ATOM   96   C CA  . ASN A 1 26  ? -9.617  7.235   -22.171 1.00 24.64 ? 149 ASN A CA  1 
ATOM   97   C C   . ASN A 1 26  ? -8.254  7.553   -22.768 1.00 24.81 ? 149 ASN A C   1 
ATOM   98   O O   . ASN A 1 26  ? -7.595  6.661   -23.299 1.00 26.96 ? 149 ASN A O   1 
ATOM   99   C CB  . ASN A 1 26  ? -10.513 6.563   -23.222 1.00 27.52 ? 149 ASN A CB  1 
ATOM   100  C CG  . ASN A 1 26  ? -10.054 5.148   -23.575 1.00 31.62 ? 149 ASN A CG  1 
ATOM   101  O OD1 . ASN A 1 26  ? -9.474  4.428   -22.752 1.00 32.81 ? 149 ASN A OD1 1 
ATOM   102  N ND2 . ASN A 1 26  ? -10.306 4.746   -24.813 1.00 32.55 ? 149 ASN A ND2 1 
ATOM   103  N N   . SER A 1 27  ? -7.821  8.806   -22.734 1.00 27.25 ? 150 SER A N   1 
ATOM   104  C CA  . SER A 1 27  ? -6.438  9.107   -23.135 1.00 29.77 ? 150 SER A CA  1 
ATOM   105  C C   . SER A 1 27  ? -5.471  8.874   -21.987 1.00 28.06 ? 150 SER A C   1 
ATOM   106  O O   . SER A 1 27  ? -4.280  8.927   -22.190 1.00 27.25 ? 150 SER A O   1 
ATOM   107  C CB  . SER A 1 27  ? -6.266  10.564  -23.560 1.00 29.08 ? 150 SER A CB  1 
ATOM   108  O OG  . SER A 1 27  ? -7.507  11.167  -23.837 1.00 43.09 ? 150 SER A OG  1 
ATOM   109  N N   . LEU A 1 28  ? -5.976  8.712   -20.772 1.00 26.56 ? 151 LEU A N   1 
ATOM   110  C CA  . LEU A 1 28  ? -5.101  8.478   -19.615 1.00 25.41 ? 151 LEU A CA  1 
ATOM   111  C C   . LEU A 1 28  ? -4.369  7.173   -19.776 1.00 22.71 ? 151 LEU A C   1 
ATOM   112  O O   . LEU A 1 28  ? -4.891  6.222   -20.349 1.00 22.07 ? 151 LEU A O   1 
ATOM   113  C CB  . LEU A 1 28  ? -5.912  8.456   -18.294 1.00 23.98 ? 151 LEU A CB  1 
ATOM   114  C CG  . LEU A 1 28  ? -6.591  9.763   -17.862 1.00 24.01 ? 151 LEU A CG  1 
ATOM   115  C CD1 . LEU A 1 28  ? -7.552  9.524   -16.717 1.00 21.98 ? 151 LEU A CD1 1 
ATOM   116  C CD2 . LEU A 1 28  ? -5.546  10.813  -17.508 1.00 28.44 ? 151 LEU A CD2 1 
ATOM   117  N N   . SER A 1 29  ? -3.150  7.140   -19.250 1.00 22.39 ? 152 SER A N   1 
ATOM   118  C CA  . SER A 1 29  ? -2.421  5.902   -19.033 1.00 20.62 ? 152 SER A CA  1 
ATOM   119  C C   . SER A 1 29  ? -3.159  4.909   -18.157 1.00 19.42 ? 152 SER A C   1 
ATOM   120  O O   . SER A 1 29  ? -4.053  5.257   -17.399 1.00 18.59 ? 152 SER A O   1 
ATOM   121  C CB  . SER A 1 29  ? -1.055  6.191   -18.373 1.00 22.60 ? 152 SER A CB  1 
ATOM   122  O OG  . SER A 1 29  ? -1.219  6.660   -17.040 1.00 23.53 ? 152 SER A OG  1 
ATOM   123  N N   . VAL A 1 30  ? -2.763  3.648   -18.269 1.00 20.43 ? 153 VAL A N   1 
ATOM   124  C CA  . VAL A 1 30  ? -3.331  2.590   -17.436 1.00 21.59 ? 153 VAL A CA  1 
ATOM   125  C C   . VAL A 1 30  ? -3.093  2.877   -15.945 1.00 20.16 ? 153 VAL A C   1 
ATOM   126  O O   . VAL A 1 30  ? -3.921  2.526   -15.120 1.00 18.64 ? 153 VAL A O   1 
ATOM   127  C CB  . VAL A 1 30  ? -2.773  1.190   -17.813 1.00 23.02 ? 153 VAL A CB  1 
ATOM   128  C CG1 . VAL A 1 30  ? -1.261  1.118   -17.606 1.00 24.45 ? 153 VAL A CG1 1 
ATOM   129  C CG2 . VAL A 1 30  ? -3.473  0.089   -17.012 1.00 22.27 ? 153 VAL A CG2 1 
ATOM   130  N N   . HIS A 1 31  ? -1.982  3.551   -15.618 1.00 18.36 ? 154 HIS A N   1 
ATOM   131  C CA  . HIS A 1 31  ? -1.676  3.881   -14.238 1.00 18.90 ? 154 HIS A CA  1 
ATOM   132  C C   . HIS A 1 31  ? -2.614  4.938   -13.710 1.00 18.25 ? 154 HIS A C   1 
ATOM   133  O O   . HIS A 1 31  ? -3.093  4.833   -12.590 1.00 19.27 ? 154 HIS A O   1 
ATOM   134  C CB  . HIS A 1 31  ? -0.199  4.304   -14.122 1.00 19.13 ? 154 HIS A CB  1 
ATOM   135  C CG  . HIS A 1 31  ? 0.734   3.289   -14.691 1.00 20.34 ? 154 HIS A CG  1 
ATOM   136  N ND1 . HIS A 1 31  ? 1.207   3.362   -15.976 1.00 22.59 ? 154 HIS A ND1 1 
ATOM   137  C CD2 . HIS A 1 31  ? 1.203   2.123   -14.180 1.00 22.48 ? 154 HIS A CD2 1 
ATOM   138  C CE1 . HIS A 1 31  ? 1.942   2.294   -16.238 1.00 23.77 ? 154 HIS A CE1 1 
ATOM   139  N NE2 . HIS A 1 31  ? 1.944   1.519   -15.168 1.00 25.39 ? 154 HIS A NE2 1 
ATOM   140  N N   . GLN A 1 32  ? -2.843  5.980   -14.512 1.00 19.04 ? 155 GLN A N   1 
ATOM   141  C CA  . GLN A 1 32  ? -3.774  7.039   -14.149 1.00 18.36 ? 155 GLN A CA  1 
ATOM   142  C C   . GLN A 1 32  ? -5.242  6.531   -14.086 1.00 20.46 ? 155 GLN A C   1 
ATOM   143  O O   . GLN A 1 32  ? -5.985  6.929   -13.158 1.00 22.71 ? 155 GLN A O   1 
ATOM   144  C CB  . GLN A 1 32  ? -3.615  8.235   -15.107 1.00 21.74 ? 155 GLN A CB  1 
ATOM   145  C CG  . GLN A 1 32  ? -2.346  9.077   -14.874 1.00 22.44 ? 155 GLN A CG  1 
ATOM   146  C CD  . GLN A 1 32  ? -2.314  9.720   -13.484 1.00 23.06 ? 155 GLN A CD  1 
ATOM   147  O OE1 . GLN A 1 32  ? -3.291  10.327  -13.046 1.00 23.34 ? 155 GLN A OE1 1 
ATOM   148  N NE2 . GLN A 1 32  ? -1.200  9.551   -12.771 1.00 24.39 ? 155 GLN A NE2 1 
ATOM   149  N N   . LEU A 1 33  ? -5.649  5.661   -15.029 1.00 16.72 ? 156 LEU A N   1 
ATOM   150  C CA  . LEU A 1 33  ? -6.962  5.000   -14.955 1.00 18.26 ? 156 LEU A CA  1 
ATOM   151  C C   . LEU A 1 33  ? -7.181  4.297   -13.626 1.00 19.38 ? 156 LEU A C   1 
ATOM   152  O O   . LEU A 1 33  ? -8.216  4.470   -12.946 1.00 19.92 ? 156 LEU A O   1 
ATOM   153  C CB  . LEU A 1 33  ? -7.106  3.984   -16.089 1.00 18.78 ? 156 LEU A CB  1 
ATOM   154  C CG  . LEU A 1 33  ? -7.247  4.524   -17.521 1.00 18.73 ? 156 LEU A CG  1 
ATOM   155  C CD1 . LEU A 1 33  ? -7.423  3.390   -18.510 1.00 19.69 ? 156 LEU A CD1 1 
ATOM   156  C CD2 . LEU A 1 33  ? -8.433  5.460   -17.616 1.00 20.43 ? 156 LEU A CD2 1 
ATOM   157  N N   . ALA A 1 34  ? -6.194  3.484   -13.261 1.00 18.83 ? 157 ALA A N   1 
ATOM   158  C CA  . ALA A 1 34  ? -6.205  2.780   -11.983 1.00 19.25 ? 157 ALA A CA  1 
ATOM   159  C C   . ALA A 1 34  ? -6.237  3.740   -10.777 1.00 20.29 ? 157 ALA A C   1 
ATOM   160  O O   . ALA A 1 34  ? -7.058  3.591   -9.836  1.00 19.46 ? 157 ALA A O   1 
ATOM   161  C CB  . ALA A 1 34  ? -4.981  1.868   -11.911 1.00 19.40 ? 157 ALA A CB  1 
ATOM   162  N N   . ALA A 1 35  ? -5.354  4.736   -10.803 1.00 20.60 ? 158 ALA A N   1 
ATOM   163  C CA  . ALA A 1 35  ? -5.299  5.740   -9.713  1.00 19.31 ? 158 ALA A CA  1 
ATOM   164  C C   . ALA A 1 35  ? -6.589  6.502   -9.507  1.00 18.71 ? 158 ALA A C   1 
ATOM   165  O O   . ALA A 1 35  ? -6.944  6.850   -8.367  1.00 17.18 ? 158 ALA A O   1 
ATOM   166  C CB  . ALA A 1 35  ? -4.188  6.740   -9.980  1.00 19.35 ? 158 ALA A CB  1 
ATOM   167  N N   . GLN A 1 36  ? -7.257  6.814   -10.616 1.00 19.41 ? 159 GLN A N   1 
ATOM   168  C CA  . GLN A 1 36  ? -8.439  7.677   -10.587 1.00 20.51 ? 159 GLN A CA  1 
ATOM   169  C C   . GLN A 1 36  ? -9.737  6.882   -10.537 1.00 21.31 ? 159 GLN A C   1 
ATOM   170  O O   . GLN A 1 36  ? -10.815 7.454   -10.503 1.00 20.47 ? 159 GLN A O   1 
ATOM   171  C CB  . GLN A 1 36  ? -8.431  8.621   -11.777 1.00 20.87 ? 159 GLN A CB  1 
ATOM   172  C CG  . GLN A 1 36  ? -7.241  9.570   -11.778 1.00 23.09 ? 159 GLN A CG  1 
ATOM   173  C CD  . GLN A 1 36  ? -7.258  10.551  -12.947 1.00 25.74 ? 159 GLN A CD  1 
ATOM   174  O OE1 . GLN A 1 36  ? -8.305  11.030  -13.341 1.00 27.55 ? 159 GLN A OE1 1 
ATOM   175  N NE2 . GLN A 1 36  ? -6.086  10.836  -13.509 1.00 27.57 ? 159 GLN A NE2 1 
ATOM   176  N N   . GLY A 1 37  ? -9.644  5.559   -10.531 1.00 21.56 ? 160 GLY A N   1 
ATOM   177  C CA  . GLY A 1 37  ? -10.826 4.761   -10.325 1.00 21.75 ? 160 GLY A CA  1 
ATOM   178  C C   . GLY A 1 37  ? -11.659 4.647   -11.583 1.00 20.39 ? 160 GLY A C   1 
ATOM   179  O O   . GLY A 1 37  ? -12.863 4.459   -11.486 1.00 22.29 ? 160 GLY A O   1 
ATOM   180  N N   . GLU A 1 38  ? -11.025 4.766   -12.749 1.00 19.65 ? 161 GLU A N   1 
ATOM   181  C CA  . GLU A 1 38  ? -11.749 4.688   -14.055 1.00 19.79 ? 161 GLU A CA  1 
ATOM   182  C C   . GLU A 1 38  ? -11.981 3.227   -14.450 1.00 17.41 ? 161 GLU A C   1 
ATOM   183  O O   . GLU A 1 38  ? -11.308 2.698   -15.318 1.00 18.59 ? 161 GLU A O   1 
ATOM   184  C CB  . GLU A 1 38  ? -10.965 5.423   -15.136 1.00 18.11 ? 161 GLU A CB  1 
ATOM   185  C CG  . GLU A 1 38  ? -10.923 6.929   -14.921 1.00 20.54 ? 161 GLU A CG  1 
ATOM   186  C CD  . GLU A 1 38  ? -12.248 7.603   -15.211 1.00 23.16 ? 161 GLU A CD  1 
ATOM   187  O OE1 . GLU A 1 38  ? -13.138 6.993   -15.856 1.00 27.31 ? 161 GLU A OE1 1 
ATOM   188  O OE2 . GLU A 1 38  ? -12.409 8.762   -14.807 1.00 24.67 ? 161 GLU A OE2 1 
ATOM   189  N N   . MET A 1 39  ? -12.928 2.588   -13.789 1.00 17.61 ? 162 MET A N   1 
ATOM   190  C CA  . MET A 1 39  ? -13.133 1.138   -13.875 1.00 20.76 ? 162 MET A CA  1 
ATOM   191  C C   . MET A 1 39  ? -13.428 0.660   -15.295 1.00 19.17 ? 162 MET A C   1 
ATOM   192  O O   . MET A 1 39  ? -12.794 -0.284  -15.789 1.00 17.88 ? 162 MET A O   1 
ATOM   193  C CB  . MET A 1 39  ? -14.260 0.700   -12.939 1.00 22.91 ? 162 MET A CB  1 
ATOM   194  C CG  . MET A 1 39  ? -14.482 -0.814  -12.892 1.00 31.17 ? 162 MET A CG  1 
ATOM   195  S SD  . MET A 1 39  ? -13.106 -1.728  -12.124 1.00 37.57 ? 162 MET A SD  1 
ATOM   196  C CE  . MET A 1 39  ? -13.275 -1.045  -10.487 1.00 32.65 ? 162 MET A CE  1 
ATOM   197  N N   . LEU A 1 40  ? -14.348 1.342   -15.965 1.00 18.89 ? 163 LEU A N   1 
ATOM   198  C CA  . LEU A 1 40  ? -14.736 0.913   -17.293 1.00 19.47 ? 163 LEU A CA  1 
ATOM   199  C C   . LEU A 1 40  ? -13.576 0.998   -18.257 1.00 19.13 ? 163 LEU A C   1 
ATOM   200  O O   . LEU A 1 40  ? -13.274 0.018   -18.937 1.00 22.01 ? 163 LEU A O   1 
ATOM   201  C CB  . LEU A 1 40  ? -15.922 1.688   -17.841 1.00 19.14 ? 163 LEU A CB  1 
ATOM   202  C CG  . LEU A 1 40  ? -16.257 1.221   -19.266 1.00 21.31 ? 163 LEU A CG  1 
ATOM   203  C CD1 . LEU A 1 40  ? -16.949 -0.148  -19.193 1.00 21.01 ? 163 LEU A CD1 1 
ATOM   204  C CD2 . LEU A 1 40  ? -17.101 2.244   -20.023 1.00 20.06 ? 163 LEU A CD2 1 
ATOM   205  N N   . TYR A 1 41  ? -12.939 2.158   -18.339 1.00 22.18 ? 164 TYR A N   1 
ATOM   206  C CA  . TYR A 1 41  ? -11.807 2.328   -19.277 1.00 23.05 ? 164 TYR A CA  1 
ATOM   207  C C   . TYR A 1 41  ? -10.574 1.457   -18.934 1.00 24.69 ? 164 TYR A C   1 
ATOM   208  O O   . TYR A 1 41  ? -9.848  0.984   -19.836 1.00 25.32 ? 164 TYR A O   1 
ATOM   209  C CB  . TYR A 1 41  ? -11.445 3.802   -19.408 1.00 23.48 ? 164 TYR A CB  1 
ATOM   210  C CG  . TYR A 1 41  ? -12.571 4.673   -19.987 1.00 26.31 ? 164 TYR A CG  1 
ATOM   211  C CD1 . TYR A 1 41  ? -13.726 4.111   -20.564 1.00 25.27 ? 164 TYR A CD1 1 
ATOM   212  C CD2 . TYR A 1 41  ? -12.466 6.043   -19.993 1.00 27.06 ? 164 TYR A CD2 1 
ATOM   213  C CE1 . TYR A 1 41  ? -14.742 4.917   -21.086 1.00 26.88 ? 164 TYR A CE1 1 
ATOM   214  C CE2 . TYR A 1 41  ? -13.473 6.845   -20.536 1.00 29.17 ? 164 TYR A CE2 1 
ATOM   215  C CZ  . TYR A 1 41  ? -14.613 6.283   -21.080 1.00 27.65 ? 164 TYR A CZ  1 
ATOM   216  O OH  . TYR A 1 41  ? -15.633 7.093   -21.574 1.00 22.75 ? 164 TYR A OH  1 
ATOM   217  N N   . LEU A 1 42  ? -10.365 1.228   -17.642 1.00 19.71 ? 165 LEU A N   1 
ATOM   218  C CA  . LEU A 1 42  ? -9.310  0.319   -17.180 1.00 19.64 ? 165 LEU A CA  1 
ATOM   219  C C   . LEU A 1 42  ? -9.614  -1.146  -17.577 1.00 19.76 ? 165 LEU A C   1 
ATOM   220  O O   . LEU A 1 42  ? -8.761  -1.828  -18.144 1.00 17.36 ? 165 LEU A O   1 
ATOM   221  C CB  . LEU A 1 42  ? -9.179  0.454   -15.665 1.00 21.43 ? 165 LEU A CB  1 
ATOM   222  C CG  . LEU A 1 42  ? -8.174  -0.484  -14.978 1.00 23.26 ? 165 LEU A CG  1 
ATOM   223  C CD1 . LEU A 1 42  ? -6.778  -0.274  -15.569 1.00 21.10 ? 165 LEU A CD1 1 
ATOM   224  C CD2 . LEU A 1 42  ? -8.235  -0.247  -13.466 1.00 22.95 ? 165 LEU A CD2 1 
ATOM   225  N N   . ALA A 1 43  ? -10.838 -1.612  -17.313 1.00 18.07 ? 166 ALA A N   1 
ATOM   226  C CA  . ALA A 1 43  ? -11.227 -2.993  -17.678 1.00 21.33 ? 166 ALA A CA  1 
ATOM   227  C C   . ALA A 1 43  ? -11.069 -3.222  -19.178 1.00 21.73 ? 166 ALA A C   1 
ATOM   228  O O   . ALA A 1 43  ? -10.492 -4.216  -19.627 1.00 20.65 ? 166 ALA A O   1 
ATOM   229  C CB  . ALA A 1 43  ? -12.652 -3.295  -17.251 1.00 18.63 ? 166 ALA A CB  1 
ATOM   230  N N   . THR A 1 44  ? -11.553 -2.257  -19.951 1.00 21.11 ? 167 THR A N   1 
ATOM   231  C CA  . THR A 1 44  ? -11.483 -2.364  -21.396 1.00 20.77 ? 167 THR A CA  1 
ATOM   232  C C   . THR A 1 44  ? -10.050 -2.381  -21.890 1.00 20.96 ? 167 THR A C   1 
ATOM   233  O O   . THR A 1 44  ? -9.729  -3.136  -22.808 1.00 19.70 ? 167 THR A O   1 
ATOM   234  C CB  . THR A 1 44  ? -12.269 -1.201  -22.051 1.00 21.92 ? 167 THR A CB  1 
ATOM   235  O OG1 . THR A 1 44  ? -13.607 -1.171  -21.520 1.00 20.88 ? 167 THR A OG1 1 
ATOM   236  C CG2 . THR A 1 44  ? -12.313 -1.349  -23.541 1.00 22.08 ? 167 THR A CG2 1 
ATOM   237  N N   . ARG A 1 45  ? -9.205  -1.528  -21.302 1.00 21.48 ? 168 ARG A N   1 
ATOM   238  C CA  . ARG A 1 45  ? -7.791  -1.462  -21.666 1.00 24.94 ? 168 ARG A CA  1 
ATOM   239  C C   . ARG A 1 45  ? -7.049  -2.766  -21.332 1.00 29.00 ? 168 ARG A C   1 
ATOM   240  O O   . ARG A 1 45  ? -6.173  -3.192  -22.100 1.00 27.93 ? 168 ARG A O   1 
ATOM   241  C CB  . ARG A 1 45  ? -7.120  -0.296  -20.952 1.00 25.63 ? 168 ARG A CB  1 
ATOM   242  C CG  . ARG A 1 45  ? -5.692  0.017   -21.388 1.00 26.21 ? 168 ARG A CG  1 
ATOM   243  C CD  . ARG A 1 45  ? -5.666  0.874   -22.647 1.00 25.28 ? 168 ARG A CD  1 
ATOM   244  N NE  . ARG A 1 45  ? -6.411  2.135   -22.508 1.00 26.83 ? 168 ARG A NE  1 
ATOM   245  C CZ  . ARG A 1 45  ? -5.946  3.270   -21.994 1.00 22.99 ? 168 ARG A CZ  1 
ATOM   246  N NH1 . ARG A 1 45  ? -4.726  3.348   -21.488 1.00 25.55 ? 168 ARG A NH1 1 
ATOM   247  N NH2 . ARG A 1 45  ? -6.733  4.337   -21.955 1.00 24.98 ? 168 ARG A NH2 1 
ATOM   248  N N   . ILE A 1 46  ? -7.416  -3.391  -20.207 1.00 28.14 ? 169 ILE A N   1 
ATOM   249  C CA  . ILE A 1 46  ? -6.847  -4.700  -19.811 1.00 32.63 ? 169 ILE A CA  1 
ATOM   250  C C   . ILE A 1 46  ? -7.291  -5.817  -20.757 1.00 31.68 ? 169 ILE A C   1 
ATOM   251  O O   . ILE A 1 46  ? -6.507  -6.675  -21.071 1.00 33.59 ? 169 ILE A O   1 
ATOM   252  C CB  . ILE A 1 46  ? -7.237  -5.105  -18.369 1.00 31.54 ? 169 ILE A CB  1 
ATOM   253  C CG1 . ILE A 1 46  ? -6.595  -4.196  -17.324 1.00 33.18 ? 169 ILE A CG1 1 
ATOM   254  C CG2 . ILE A 1 46  ? -6.853  -6.540  -18.064 1.00 39.38 ? 169 ILE A CG2 1 
ATOM   255  C CD1 . ILE A 1 46  ? -5.160  -3.891  -17.565 1.00 33.93 ? 169 ILE A CD1 1 
ATOM   256  N N   . GLU A 1 47  ? -8.544  -5.825  -21.185 1.00 37.32 ? 170 GLU A N   1 
ATOM   257  C CA  . GLU A 1 47  ? -9.004  -6.835  -22.152 1.00 39.34 ? 170 GLU A CA  1 
ATOM   258  C C   . GLU A 1 47  ? -8.222  -6.802  -23.442 1.00 37.15 ? 170 GLU A C   1 
ATOM   259  O O   . GLU A 1 47  ? -7.884  -7.831  -23.957 1.00 36.67 ? 170 GLU A O   1 
ATOM   260  C CB  . GLU A 1 47  ? -10.476 -6.657  -22.499 1.00 44.63 ? 170 GLU A CB  1 
ATOM   261  C CG  . GLU A 1 47  ? -11.406 -7.416  -21.579 1.00 55.02 ? 170 GLU A CG  1 
ATOM   262  C CD  . GLU A 1 47  ? -12.814 -6.862  -21.603 1.00 62.43 ? 170 GLU A CD  1 
ATOM   263  O OE1 . GLU A 1 47  ? -13.225 -6.380  -22.684 1.00 64.50 ? 170 GLU A OE1 1 
ATOM   264  O OE2 . GLU A 1 47  ? -13.493 -6.900  -20.546 1.00 60.82 ? 170 GLU A OE2 1 
ATOM   265  N N   . GLN A 1 48  ? -7.920  -5.618  -23.955 1.00 43.57 ? 171 GLN A N   1 
ATOM   266  C CA  . GLN A 1 48  ? -7.424  -5.489  -25.324 1.00 45.63 ? 171 GLN A CA  1 
ATOM   267  C C   . GLN A 1 48  ? -5.905  -5.563  -25.459 1.00 49.19 ? 171 GLN A C   1 
ATOM   268  O O   . GLN A 1 48  ? -5.395  -5.835  -26.552 1.00 41.28 ? 171 GLN A O   1 
ATOM   269  C CB  . GLN A 1 48  ? -7.957  -4.200  -25.938 1.00 44.21 ? 171 GLN A CB  1 
ATOM   270  C CG  . GLN A 1 48  ? -9.487  -4.161  -25.965 1.00 50.48 ? 171 GLN A CG  1 
ATOM   271  C CD  . GLN A 1 48  ? -10.035 -2.927  -26.656 1.00 54.90 ? 171 GLN A CD  1 
ATOM   272  O OE1 . GLN A 1 48  ? -9.275  -2.146  -27.211 1.00 59.84 ? 171 GLN A OE1 1 
ATOM   273  N NE2 . GLN A 1 48  ? -11.361 -2.751  -26.639 1.00 58.03 ? 171 GLN A NE2 1 
ATOM   274  N N   . GLU A 1 49  ? -5.184  -5.335  -24.362 1.00 48.06 ? 172 GLU A N   1 
ATOM   275  C CA  . GLU A 1 49  ? -3.721  -5.391  -24.389 1.00 52.39 ? 172 GLU A CA  1 
ATOM   276  C C   . GLU A 1 49  ? -3.185  -6.020  -23.123 1.00 50.69 ? 172 GLU A C   1 
ATOM   277  O O   . GLU A 1 49  ? -3.809  -5.913  -22.064 1.00 41.35 ? 172 GLU A O   1 
ATOM   278  C CB  . GLU A 1 49  ? -3.136  -3.990  -24.526 1.00 58.52 ? 172 GLU A CB  1 
ATOM   279  C CG  . GLU A 1 49  ? -3.390  -3.338  -25.878 1.00 67.94 ? 172 GLU A CG  1 
ATOM   280  C CD  . GLU A 1 49  ? -3.323  -1.820  -25.825 1.00 75.37 ? 172 GLU A CD  1 
ATOM   281  O OE1 . GLU A 1 49  ? -3.796  -1.219  -24.832 1.00 68.98 ? 172 GLU A OE1 1 
ATOM   282  O OE2 . GLU A 1 49  ? -2.813  -1.224  -26.794 1.00 84.46 ? 172 GLU A OE2 1 
ATOM   283  N N   . ASN A 1 50  ? -2.017  -6.660  -23.230 1.00 53.77 ? 173 ASN A N   1 
ATOM   284  C CA  . ASN A 1 50  ? -1.346  -7.224  -22.053 1.00 53.30 ? 173 ASN A CA  1 
ATOM   285  C C   . ASN A 1 50  ? -0.600  -6.144  -21.288 1.00 42.20 ? 173 ASN A C   1 
ATOM   286  O O   . ASN A 1 50  ? 0.595   -5.924  -21.488 1.00 40.55 ? 173 ASN A O   1 
ATOM   287  C CB  . ASN A 1 50  ? -0.398  -8.353  -22.420 1.00 57.82 ? 173 ASN A CB  1 
ATOM   288  C CG  . ASN A 1 50  ? 0.065   -9.124  -21.199 1.00 60.86 ? 173 ASN A CG  1 
ATOM   289  O OD1 . ASN A 1 50  ? 0.706   -8.572  -20.308 1.00 58.87 ? 173 ASN A OD1 1 
ATOM   290  N ND2 . ASN A 1 50  ? -0.285  -10.398 -21.140 1.00 66.24 ? 173 ASN A ND2 1 
ATOM   291  N N   . VAL A 1 51  ? -1.331  -5.475  -20.412 1.00 32.28 ? 174 VAL A N   1 
ATOM   292  C CA  . VAL A 1 51  ? -0.862  -4.233  -19.799 1.00 31.40 ? 174 VAL A CA  1 
ATOM   293  C C   . VAL A 1 51  ? -1.103  -4.200  -18.259 1.00 26.37 ? 174 VAL A C   1 
ATOM   294  O O   . VAL A 1 51  ? -0.707  -3.233  -17.583 1.00 22.69 ? 174 VAL A O   1 
ATOM   295  C CB  . VAL A 1 51  ? -1.536  -3.034  -20.550 1.00 33.32 ? 174 VAL A CB  1 
ATOM   296  C CG1 . VAL A 1 51  ? -2.967  -2.775  -20.084 1.00 32.73 ? 174 VAL A CG1 1 
ATOM   297  C CG2 . VAL A 1 51  ? -0.721  -1.759  -20.447 1.00 40.99 ? 174 VAL A CG2 1 
ATOM   298  N N   . ILE A 1 52  ? -1.743  -5.245  -17.713 1.00 21.05 ? 175 ILE A N   1 
ATOM   299  C CA  . ILE A 1 52  ? -2.187  -5.240  -16.309 1.00 21.59 ? 175 ILE A CA  1 
ATOM   300  C C   . ILE A 1 52  ? -1.019  -5.127  -15.326 1.00 20.71 ? 175 ILE A C   1 
ATOM   301  O O   . ILE A 1 52  ? -1.191  -4.626  -14.216 1.00 19.60 ? 175 ILE A O   1 
ATOM   302  C CB  . ILE A 1 52  ? -3.013  -6.502  -15.973 1.00 22.25 ? 175 ILE A CB  1 
ATOM   303  C CG1 . ILE A 1 52  ? -3.738  -6.342  -14.625 1.00 22.19 ? 175 ILE A CG1 1 
ATOM   304  C CG2 . ILE A 1 52  ? -2.132  -7.749  -15.969 1.00 22.94 ? 175 ILE A CG2 1 
ATOM   305  C CD1 . ILE A 1 52  ? -4.770  -7.401  -14.332 1.00 22.21 ? 175 ILE A CD1 1 
ATOM   306  N N   . ASN A 1 53  ? 0.153   -5.617  -15.737 1.00 20.71 ? 176 ASN A N   1 
ATOM   307  C CA  . ASN A 1 53  ? 1.384   -5.533  -14.918 1.00 24.08 ? 176 ASN A CA  1 
ATOM   308  C C   . ASN A 1 53  ? 2.435   -4.589  -15.472 1.00 25.45 ? 176 ASN A C   1 
ATOM   309  O O   . ASN A 1 53  ? 3.573   -4.567  -14.975 1.00 29.12 ? 176 ASN A O   1 
ATOM   310  C CB  . ASN A 1 53  ? 2.083   -6.881  -14.749 1.00 22.59 ? 176 ASN A CB  1 
ATOM   311  C CG  . ASN A 1 53  ? 1.260   -7.886  -14.031 1.00 21.45 ? 176 ASN A CG  1 
ATOM   312  O OD1 . ASN A 1 53  ? 0.658   -7.629  -12.969 1.00 19.63 ? 176 ASN A OD1 1 
ATOM   313  N ND2 . ASN A 1 53  ? 1.242   -9.073  -14.593 1.00 22.06 ? 176 ASN A ND2 1 
ATOM   314  N N   . HIS A 1 54  ? 2.057   -3.785  -16.454 1.00 24.60 ? 177 HIS A N   1 
ATOM   315  C CA  . HIS A 1 54  ? 2.960   -2.834  -17.060 1.00 27.19 ? 177 HIS A CA  1 
ATOM   316  C C   . HIS A 1 54  ? 3.415   -1.759  -16.065 1.00 22.76 ? 177 HIS A C   1 
ATOM   317  O O   . HIS A 1 54  ? 2.605   -1.175  -15.350 1.00 19.93 ? 177 HIS A O   1 
ATOM   318  C CB  . HIS A 1 54  ? 2.259   -2.195  -18.275 1.00 35.31 ? 177 HIS A CB  1 
ATOM   319  C CG  . HIS A 1 54  ? 3.095   -1.187  -19.012 1.00 44.47 ? 177 HIS A CG  1 
ATOM   320  N ND1 . HIS A 1 54  ? 4.255   -1.524  -19.685 1.00 48.96 ? 177 HIS A ND1 1 
ATOM   321  C CD2 . HIS A 1 54  ? 2.923   0.145   -19.198 1.00 43.90 ? 177 HIS A CD2 1 
ATOM   322  C CE1 . HIS A 1 54  ? 4.765   -0.441  -20.243 1.00 47.93 ? 177 HIS A CE1 1 
ATOM   323  N NE2 . HIS A 1 54  ? 3.981   0.585   -19.953 1.00 47.38 ? 177 HIS A NE2 1 
ATOM   324  N N   . THR A 1 55  ? 4.706   -1.469  -16.066 1.00 20.72 ? 178 THR A N   1 
ATOM   325  C CA  . THR A 1 55  ? 5.251   -0.511  -15.145 1.00 24.41 ? 178 THR A CA  1 
ATOM   326  C C   . THR A 1 55  ? 5.555   0.799   -15.836 1.00 25.92 ? 178 THR A C   1 
ATOM   327  O O   . THR A 1 55  ? 5.931   0.818   -17.017 1.00 25.10 ? 178 THR A O   1 
ATOM   328  C CB  . THR A 1 55  ? 6.550   -1.019  -14.493 1.00 24.25 ? 178 THR A CB  1 
ATOM   329  O OG1 . THR A 1 55  ? 7.533   -1.221  -15.513 1.00 26.72 ? 178 THR A OG1 1 
ATOM   330  C CG2 . THR A 1 55  ? 6.300   -2.298  -13.753 1.00 23.88 ? 178 THR A CG2 1 
ATOM   331  N N   . ASP A 1 56  ? 5.391   1.885   -15.080 1.00 26.01 ? 179 ASP A N   1 
ATOM   332  C CA  . ASP A 1 56  ? 5.761   3.230   -15.538 1.00 26.30 ? 179 ASP A CA  1 
ATOM   333  C C   . ASP A 1 56  ? 7.233   3.477   -15.241 1.00 26.77 ? 179 ASP A C   1 
ATOM   334  O O   . ASP A 1 56  ? 7.917   2.605   -14.710 1.00 28.34 ? 179 ASP A O   1 
ATOM   335  C CB  . ASP A 1 56  ? 4.854   4.300   -14.871 1.00 25.28 ? 179 ASP A CB  1 
ATOM   336  C CG  . ASP A 1 56  ? 5.065   4.440   -13.362 1.00 24.41 ? 179 ASP A CG  1 
ATOM   337  O OD1 . ASP A 1 56  ? 6.062   3.920   -12.811 1.00 24.35 ? 179 ASP A OD1 1 
ATOM   338  O OD2 . ASP A 1 56  ? 4.207   5.082   -12.703 1.00 25.60 ? 179 ASP A OD2 1 
ATOM   339  N N   . GLU A 1 57  ? 7.712   4.676   -15.530 1.00 29.24 ? 180 GLU A N   1 
ATOM   340  C CA  . GLU A 1 57  ? 9.129   5.009   -15.325 1.00 31.78 ? 180 GLU A CA  1 
ATOM   341  C C   . GLU A 1 57  ? 9.713   4.827   -13.918 1.00 30.12 ? 180 GLU A C   1 
ATOM   342  O O   . GLU A 1 57  ? 10.920  4.664   -13.807 1.00 34.63 ? 180 GLU A O   1 
ATOM   343  C CB  . GLU A 1 57  ? 9.449   6.417   -15.858 1.00 34.96 ? 180 GLU A CB  1 
ATOM   344  C CG  . GLU A 1 57  ? 9.692   6.420   -17.371 1.00 36.72 ? 180 GLU A CG  1 
ATOM   345  N N   . GLU A 1 58  ? 8.909   4.831   -12.856 1.00 28.15 ? 181 GLU A N   1 
ATOM   346  C CA  . GLU A 1 58  ? 9.426   4.545   -11.508 1.00 26.95 ? 181 GLU A CA  1 
ATOM   347  C C   . GLU A 1 58  ? 9.186   3.073   -11.096 1.00 23.88 ? 181 GLU A C   1 
ATOM   348  O O   . GLU A 1 58  ? 9.394   2.684   -9.929  1.00 23.35 ? 181 GLU A O   1 
ATOM   349  C CB  . GLU A 1 58  ? 8.883   5.556   -10.483 1.00 27.19 ? 181 GLU A CB  1 
ATOM   350  C CG  . GLU A 1 58  ? 9.240   7.010   -10.830 1.00 30.11 ? 181 GLU A CG  1 
ATOM   351  N N   . GLY A 1 59  ? 8.813   2.248   -12.073 1.00 21.21 ? 182 GLY A N   1 
ATOM   352  C CA  . GLY A 1 59  ? 8.589   0.814   -11.841 1.00 20.37 ? 182 GLY A CA  1 
ATOM   353  C C   . GLY A 1 59  ? 7.254   0.487   -11.166 1.00 20.96 ? 182 GLY A C   1 
ATOM   354  O O   . GLY A 1 59  ? 7.067   -0.629  -10.699 1.00 18.93 ? 182 GLY A O   1 
ATOM   355  N N   . PHE A 1 60  ? 6.332   1.457   -11.112 1.00 18.84 ? 183 PHE A N   1 
ATOM   356  C CA  . PHE A 1 60  ? 5.038   1.251   -10.499 1.00 19.29 ? 183 PHE A CA  1 
ATOM   357  C C   . PHE A 1 60  ? 4.083   0.583   -11.495 1.00 19.11 ? 183 PHE A C   1 
ATOM   358  O O   . PHE A 1 60  ? 3.975   1.005   -12.662 1.00 17.84 ? 183 PHE A O   1 
ATOM   359  C CB  . PHE A 1 60  ? 4.384   2.562   -10.039 1.00 20.38 ? 183 PHE A CB  1 
ATOM   360  C CG  . PHE A 1 60  ? 5.166   3.340   -9.007  1.00 22.06 ? 183 PHE A CG  1 
ATOM   361  C CD1 . PHE A 1 60  ? 5.617   2.747   -7.841  1.00 22.71 ? 183 PHE A CD1 1 
ATOM   362  C CD2 . PHE A 1 60  ? 5.380   4.701   -9.179  1.00 24.08 ? 183 PHE A CD2 1 
ATOM   363  C CE1 . PHE A 1 60  ? 6.323   3.476   -6.898  1.00 25.59 ? 183 PHE A CE1 1 
ATOM   364  C CE2 . PHE A 1 60  ? 6.083   5.446   -8.237  1.00 26.42 ? 183 PHE A CE2 1 
ATOM   365  C CZ  . PHE A 1 60  ? 6.560   4.835   -7.097  1.00 25.86 ? 183 PHE A CZ  1 
ATOM   366  N N   . THR A 1 61  ? 3.399   -0.441  -10.992 1.00 17.22 ? 184 THR A N   1 
ATOM   367  C CA  . THR A 1 61  ? 2.302   -1.141  -11.673 1.00 16.26 ? 184 THR A CA  1 
ATOM   368  C C   . THR A 1 61  ? 0.973   -0.422  -11.414 1.00 15.75 ? 184 THR A C   1 
ATOM   369  O O   . THR A 1 61  ? 0.875   0.362   -10.456 1.00 15.27 ? 184 THR A O   1 
ATOM   370  C CB  . THR A 1 61  ? 2.129   -2.546  -11.067 1.00 15.82 ? 184 THR A CB  1 
ATOM   371  O OG1 . THR A 1 61  ? 1.881   -2.425  -9.651  1.00 15.86 ? 184 THR A OG1 1 
ATOM   372  C CG2 . THR A 1 61  ? 3.328   -3.398  -11.285 1.00 16.57 ? 184 THR A CG2 1 
ATOM   373  N N   . PRO A 1 62  ? -0.068  -0.723  -12.224 1.00 16.69 ? 185 PRO A N   1 
ATOM   374  C CA  . PRO A 1 62  ? -1.421  -0.200  -12.014 1.00 16.43 ? 185 PRO A CA  1 
ATOM   375  C C   . PRO A 1 62  ? -1.990  -0.506  -10.615 1.00 16.15 ? 185 PRO A C   1 
ATOM   376  O O   . PRO A 1 62  ? -2.695  0.295   -10.039 1.00 18.88 ? 185 PRO A O   1 
ATOM   377  C CB  . PRO A 1 62  ? -2.222  -0.948  -13.070 1.00 16.38 ? 185 PRO A CB  1 
ATOM   378  C CG  . PRO A 1 62  ? -1.277  -1.152  -14.161 1.00 15.77 ? 185 PRO A CG  1 
ATOM   379  C CD  . PRO A 1 62  ? -0.007  -1.508  -13.462 1.00 16.34 ? 185 PRO A CD  1 
ATOM   380  N N   . LEU A 1 63  ? -1.704  -1.699  -10.112 1.00 18.75 ? 186 LEU A N   1 
ATOM   381  C CA  . LEU A 1 63  ? -2.120  -2.120  -8.788  1.00 20.18 ? 186 LEU A CA  1 
ATOM   382  C C   . LEU A 1 63  ? -1.468  -1.234  -7.687  1.00 18.49 ? 186 LEU A C   1 
ATOM   383  O O   . LEU A 1 63  ? -2.109  -0.859  -6.729  1.00 18.91 ? 186 LEU A O   1 
ATOM   384  C CB  . LEU A 1 63  ? -1.775  -3.615  -8.603  1.00 22.39 ? 186 LEU A CB  1 
ATOM   385  C CG  . LEU A 1 63  ? -2.223  -4.296  -7.305  1.00 22.80 ? 186 LEU A CG  1 
ATOM   386  C CD1 . LEU A 1 63  ? -3.742  -4.381  -7.198  1.00 22.48 ? 186 LEU A CD1 1 
ATOM   387  C CD2 . LEU A 1 63  ? -1.597  -5.676  -7.215  1.00 22.59 ? 186 LEU A CD2 1 
ATOM   388  N N   . MET A 1 64  ? -0.207  -0.896  -7.850  1.00 17.86 ? 187 MET A N   1 
ATOM   389  C CA  . MET A 1 64  ? 0.441   0.047   -6.940  1.00 18.53 ? 187 MET A CA  1 
ATOM   390  C C   . MET A 1 64  ? -0.238  1.395   -6.899  1.00 19.32 ? 187 MET A C   1 
ATOM   391  O O   . MET A 1 64  ? -0.435  1.981   -5.833  1.00 18.16 ? 187 MET A O   1 
ATOM   392  C CB  . MET A 1 64  ? 1.911   0.225   -7.316  1.00 19.53 ? 187 MET A CB  1 
ATOM   393  C CG  . MET A 1 64  ? 2.741   -1.012  -6.943  1.00 19.36 ? 187 MET A CG  1 
ATOM   394  S SD  . MET A 1 64  ? 4.380   -0.888  -7.592  1.00 20.10 ? 187 MET A SD  1 
ATOM   395  C CE  . MET A 1 64  ? 4.986   -2.551  -7.430  1.00 18.28 ? 187 MET A CE  1 
ATOM   396  N N   . TRP A 1 65  ? -0.557  1.911   -8.073  1.00 17.96 ? 188 TRP A N   1 
ATOM   397  C CA  . TRP A 1 65  ? -1.233  3.195   -8.153  1.00 18.17 ? 188 TRP A CA  1 
ATOM   398  C C   . TRP A 1 65  ? -2.595  3.101   -7.529  1.00 16.72 ? 188 TRP A C   1 
ATOM   399  O O   . TRP A 1 65  ? -2.994  3.963   -6.770  1.00 16.32 ? 188 TRP A O   1 
ATOM   400  C CB  . TRP A 1 65  ? -1.350  3.631   -9.622  1.00 18.62 ? 188 TRP A CB  1 
ATOM   401  C CG  . TRP A 1 65  ? -0.124  4.322   -10.160 1.00 19.43 ? 188 TRP A CG  1 
ATOM   402  C CD1 . TRP A 1 65  ? 0.949   3.750   -10.773 1.00 19.77 ? 188 TRP A CD1 1 
ATOM   403  C CD2 . TRP A 1 65  ? 0.122   5.728   -10.149 1.00 18.37 ? 188 TRP A CD2 1 
ATOM   404  N NE1 . TRP A 1 65  ? 1.855   4.714   -11.131 1.00 19.73 ? 188 TRP A NE1 1 
ATOM   405  C CE2 . TRP A 1 65  ? 1.367   5.938   -10.763 1.00 18.56 ? 188 TRP A CE2 1 
ATOM   406  C CE3 . TRP A 1 65  ? -0.586  6.833   -9.658  1.00 20.96 ? 188 TRP A CE3 1 
ATOM   407  C CZ2 . TRP A 1 65  ? 1.924   7.219   -10.928 1.00 18.93 ? 188 TRP A CZ2 1 
ATOM   408  C CZ3 . TRP A 1 65  ? -0.023  8.119   -9.819  1.00 18.96 ? 188 TRP A CZ3 1 
ATOM   409  C CH2 . TRP A 1 65  ? 1.211   8.290   -10.449 1.00 19.14 ? 188 TRP A CH2 1 
ATOM   410  N N   . ALA A 1 66  ? -3.327  2.037   -7.842  1.00 18.17 ? 189 ALA A N   1 
ATOM   411  C CA  . ALA A 1 66  ? -4.658  1.870   -7.261  1.00 18.03 ? 189 ALA A CA  1 
ATOM   412  C C   . ALA A 1 66  ? -4.585  1.801   -5.728  1.00 18.26 ? 189 ALA A C   1 
ATOM   413  O O   . ALA A 1 66  ? -5.287  2.526   -5.038  1.00 20.10 ? 189 ALA A O   1 
ATOM   414  C CB  . ALA A 1 66  ? -5.347  0.633   -7.846  1.00 17.55 ? 189 ALA A CB  1 
ATOM   415  N N   . ALA A 1 67  ? -3.732  0.927   -5.205  1.00 17.72 ? 190 ALA A N   1 
ATOM   416  C CA  . ALA A 1 67  ? -3.506  0.794   -3.746  1.00 18.26 ? 190 ALA A CA  1 
ATOM   417  C C   . ALA A 1 67  ? -3.131  2.105   -3.036  1.00 19.31 ? 190 ALA A C   1 
ATOM   418  O O   . ALA A 1 67  ? -3.673  2.417   -1.993  1.00 21.30 ? 190 ALA A O   1 
ATOM   419  C CB  . ALA A 1 67  ? -2.425  -0.217  -3.497  1.00 17.41 ? 190 ALA A CB  1 
ATOM   420  N N   . ALA A 1 68  ? -2.193  2.848   -3.622  1.00 19.55 ? 191 ALA A N   1 
ATOM   421  C CA  . ALA A 1 68  ? -1.673  4.077   -3.053  1.00 20.39 ? 191 ALA A CA  1 
ATOM   422  C C   . ALA A 1 68  ? -2.709  5.150   -2.980  1.00 21.50 ? 191 ALA A C   1 
ATOM   423  O O   . ALA A 1 68  ? -2.573  6.030   -2.157  1.00 21.10 ? 191 ALA A O   1 
ATOM   424  C CB  . ALA A 1 68  ? -0.501  4.595   -3.855  1.00 20.11 ? 191 ALA A CB  1 
ATOM   425  N N   . HIS A 1 69  ? -3.717  5.080   -3.858  1.00 22.27 ? 192 HIS A N   1 
ATOM   426  C CA  . HIS A 1 69  ? -4.813  6.051   -3.901  1.00 21.14 ? 192 HIS A CA  1 
ATOM   427  C C   . HIS A 1 69  ? -6.077  5.548   -3.289  1.00 19.69 ? 192 HIS A C   1 
ATOM   428  O O   . HIS A 1 69  ? -7.070  6.211   -3.337  1.00 20.62 ? 192 HIS A O   1 
ATOM   429  C CB  . HIS A 1 69  ? -5.074  6.500   -5.335  1.00 20.19 ? 192 HIS A CB  1 
ATOM   430  C CG  . HIS A 1 69  ? -4.021  7.411   -5.838  1.00 20.21 ? 192 HIS A CG  1 
ATOM   431  N ND1 . HIS A 1 69  ? -4.089  8.774   -5.675  1.00 21.82 ? 192 HIS A ND1 1 
ATOM   432  C CD2 . HIS A 1 69  ? -2.818  7.158   -6.396  1.00 21.23 ? 192 HIS A CD2 1 
ATOM   433  C CE1 . HIS A 1 69  ? -2.988  9.329   -6.142  1.00 21.74 ? 192 HIS A CE1 1 
ATOM   434  N NE2 . HIS A 1 69  ? -2.201  8.368   -6.589  1.00 22.02 ? 192 HIS A NE2 1 
ATOM   435  N N   . GLY A 1 70  ? -6.063  4.370   -2.706  1.00 20.32 ? 193 GLY A N   1 
ATOM   436  C CA  . GLY A 1 70  ? -7.237  3.927   -1.937  1.00 21.06 ? 193 GLY A CA  1 
ATOM   437  C C   . GLY A 1 70  ? -8.421  3.455   -2.757  1.00 20.63 ? 193 GLY A C   1 
ATOM   438  O O   . GLY A 1 70  ? -9.550  3.430   -2.262  1.00 20.70 ? 193 GLY A O   1 
ATOM   439  N N   . GLN A 1 71  ? -8.155  3.068   -3.997  1.00 20.74 ? 194 GLN A N   1 
ATOM   440  C CA  . GLN A 1 71  ? -9.193  2.614   -4.918  1.00 22.11 ? 194 GLN A CA  1 
ATOM   441  C C   . GLN A 1 71  ? -9.478  1.146   -4.707  1.00 21.44 ? 194 GLN A C   1 
ATOM   442  O O   . GLN A 1 71  ? -8.969  0.301   -5.429  1.00 19.89 ? 194 GLN A O   1 
ATOM   443  C CB  . GLN A 1 71  ? -8.750  2.860   -6.366  1.00 22.61 ? 194 GLN A CB  1 
ATOM   444  C CG  . GLN A 1 71  ? -8.586  4.344   -6.713  1.00 26.15 ? 194 GLN A CG  1 
ATOM   445  C CD  . GLN A 1 71  ? -9.906  5.106   -6.821  1.00 23.14 ? 194 GLN A CD  1 
ATOM   446  O OE1 . GLN A 1 71  ? -10.998 4.530   -6.785  1.00 23.73 ? 194 GLN A OE1 1 
ATOM   447  N NE2 . GLN A 1 71  ? -9.804  6.395   -6.951  1.00 24.41 ? 194 GLN A NE2 1 
ATOM   448  N N   . ILE A 1 72  ? -10.339 0.848   -3.731  1.00 23.35 ? 195 ILE A N   1 
ATOM   449  C CA  . ILE A 1 72  ? -10.632 -0.539  -3.302  1.00 24.71 ? 195 ILE A CA  1 
ATOM   450  C C   . ILE A 1 72  ? -11.208 -1.397  -4.448  1.00 25.33 ? 195 ILE A C   1 
ATOM   451  O O   . ILE A 1 72  ? -10.775 -2.547  -4.682  1.00 22.81 ? 195 ILE A O   1 
ATOM   452  C CB  . ILE A 1 72  ? -11.635 -0.553  -2.097  1.00 29.70 ? 195 ILE A CB  1 
ATOM   453  C CG1 . ILE A 1 72  ? -11.133 0.374   -0.975  1.00 35.66 ? 195 ILE A CG1 1 
ATOM   454  C CG2 . ILE A 1 72  ? -11.826 -1.955  -1.532  1.00 27.35 ? 195 ILE A CG2 1 
ATOM   455  C CD1 . ILE A 1 72  ? -12.049 0.495   0.238   1.00 36.25 ? 195 ILE A CD1 1 
ATOM   456  N N   . ALA A 1 73  ? -12.194 -0.839  -5.166  1.00 24.45 ? 196 ALA A N   1 
ATOM   457  C CA  . ALA A 1 73  ? -12.834 -1.578  -6.259  1.00 22.56 ? 196 ALA A CA  1 
ATOM   458  C C   . ALA A 1 73  ? -11.800 -1.885  -7.358  1.00 21.78 ? 196 ALA A C   1 
ATOM   459  O O   . ALA A 1 73  ? -11.764 -3.000  -7.914  1.00 20.74 ? 196 ALA A O   1 
ATOM   460  C CB  . ALA A 1 73  ? -14.017 -0.795  -6.812  1.00 20.74 ? 196 ALA A CB  1 
ATOM   461  N N   . VAL A 1 74  ? -10.948 -0.910  -7.691  1.00 18.91 ? 197 VAL A N   1 
ATOM   462  C CA  . VAL A 1 74  ? -9.954  -1.182  -8.737  1.00 20.43 ? 197 VAL A CA  1 
ATOM   463  C C   . VAL A 1 74  ? -8.982  -2.283  -8.296  1.00 20.12 ? 197 VAL A C   1 
ATOM   464  O O   . VAL A 1 74  ? -8.638  -3.188  -9.086  1.00 23.12 ? 197 VAL A O   1 
ATOM   465  C CB  . VAL A 1 74  ? -9.150  0.070   -9.117  1.00 18.92 ? 197 VAL A CB  1 
ATOM   466  C CG1 . VAL A 1 74  ? -7.971  -0.322  -10.017 1.00 18.27 ? 197 VAL A CG1 1 
ATOM   467  C CG2 . VAL A 1 74  ? -10.072 1.070   -9.798  1.00 18.95 ? 197 VAL A CG2 1 
ATOM   468  N N   . VAL A 1 75  ? -8.529  -2.191  -7.036  1.00 20.05 ? 198 VAL A N   1 
ATOM   469  C CA  . VAL A 1 75  ? -7.637  -3.223  -6.461  1.00 19.85 ? 198 VAL A CA  1 
ATOM   470  C C   . VAL A 1 75  ? -8.258  -4.604  -6.576  1.00 18.89 ? 198 VAL A C   1 
ATOM   471  O O   . VAL A 1 75  ? -7.653  -5.544  -7.103  1.00 19.44 ? 198 VAL A O   1 
ATOM   472  C CB  . VAL A 1 75  ? -7.273  -2.929  -4.983  1.00 19.17 ? 198 VAL A CB  1 
ATOM   473  C CG1 . VAL A 1 75  ? -6.568  -4.103  -4.347  1.00 19.44 ? 198 VAL A CG1 1 
ATOM   474  C CG2 . VAL A 1 75  ? -6.383  -1.699  -4.890  1.00 19.79 ? 198 VAL A CG2 1 
ATOM   475  N N   . GLU A 1 76  ? -9.489  -4.716  -6.134  1.00 20.57 ? 199 GLU A N   1 
ATOM   476  C CA  . GLU A 1 76  ? -10.199 -5.995  -6.224  1.00 22.60 ? 199 GLU A CA  1 
ATOM   477  C C   . GLU A 1 76  ? -10.289 -6.515  -7.636  1.00 20.83 ? 199 GLU A C   1 
ATOM   478  O O   . GLU A 1 76  ? -10.076 -7.710  -7.873  1.00 21.37 ? 199 GLU A O   1 
ATOM   479  C CB  . GLU A 1 76  ? -11.598 -5.825  -5.680  1.00 27.82 ? 199 GLU A CB  1 
ATOM   480  C CG  . GLU A 1 76  ? -12.494 -7.015  -5.910  1.00 31.95 ? 199 GLU A CG  1 
ATOM   481  C CD  . GLU A 1 76  ? -13.723 -6.945  -5.034  1.00 37.64 ? 199 GLU A CD  1 
ATOM   482  O OE1 . GLU A 1 76  ? -14.408 -5.886  -5.040  1.00 39.47 ? 199 GLU A OE1 1 
ATOM   483  O OE2 . GLU A 1 76  ? -13.972 -7.945  -4.326  1.00 39.38 ? 199 GLU A OE2 1 
ATOM   484  N N   . PHE A 1 77  ? -10.600 -5.605  -8.568  1.00 22.28 ? 200 PHE A N   1 
ATOM   485  C CA  . PHE A 1 77  ? -10.752 -5.952  -9.986  1.00 21.01 ? 200 PHE A CA  1 
ATOM   486  C C   . PHE A 1 77  ? -9.421  -6.415  -10.564 1.00 21.32 ? 200 PHE A C   1 
ATOM   487  O O   . PHE A 1 77  ? -9.364  -7.412  -11.255 1.00 20.99 ? 200 PHE A O   1 
ATOM   488  C CB  . PHE A 1 77  ? -11.307 -4.768  -10.789 1.00 21.89 ? 200 PHE A CB  1 
ATOM   489  C CG  . PHE A 1 77  ? -11.195 -4.945  -12.260 1.00 22.69 ? 200 PHE A CG  1 
ATOM   490  C CD1 . PHE A 1 77  ? -12.175 -5.635  -12.954 1.00 24.80 ? 200 PHE A CD1 1 
ATOM   491  C CD2 . PHE A 1 77  ? -10.101 -4.463  -12.946 1.00 23.54 ? 200 PHE A CD2 1 
ATOM   492  C CE1 . PHE A 1 77  ? -12.065 -5.836  -14.319 1.00 25.62 ? 200 PHE A CE1 1 
ATOM   493  C CE2 . PHE A 1 77  ? -9.975  -4.661  -14.308 1.00 27.03 ? 200 PHE A CE2 1 
ATOM   494  C CZ  . PHE A 1 77  ? -10.958 -5.349  -14.997 1.00 26.60 ? 200 PHE A CZ  1 
ATOM   495  N N   . LEU A 1 78  ? -8.338  -5.704  -10.246 1.00 20.89 ? 201 LEU A N   1 
ATOM   496  C CA  . LEU A 1 78  ? -7.045  -6.057  -10.786 1.00 19.66 ? 201 LEU A CA  1 
ATOM   497  C C   . LEU A 1 78  ? -6.569  -7.399  -10.225 1.00 19.55 ? 201 LEU A C   1 
ATOM   498  O O   . LEU A 1 78  ? -6.054  -8.235  -10.955 1.00 18.82 ? 201 LEU A O   1 
ATOM   499  C CB  . LEU A 1 78  ? -6.037  -4.939  -10.498 1.00 22.81 ? 201 LEU A CB  1 
ATOM   500  C CG  . LEU A 1 78  ? -6.179  -3.635  -11.309 1.00 22.22 ? 201 LEU A CG  1 
ATOM   501  C CD1 . LEU A 1 78  ? -5.249  -2.551  -10.761 1.00 22.92 ? 201 LEU A CD1 1 
ATOM   502  C CD2 . LEU A 1 78  ? -5.853  -3.887  -12.780 1.00 21.97 ? 201 LEU A CD2 1 
ATOM   503  N N   . LEU A 1 79  ? -6.778  -7.623  -8.937  1.00 22.24 ? 202 LEU A N   1 
ATOM   504  C CA  . LEU A 1 79  ? -6.399  -8.922  -8.325  1.00 24.55 ? 202 LEU A CA  1 
ATOM   505  C C   . LEU A 1 79  ? -7.244  -10.026 -8.928  1.00 26.21 ? 202 LEU A C   1 
ATOM   506  O O   . LEU A 1 79  ? -6.716  -11.044 -9.341  1.00 24.06 ? 202 LEU A O   1 
ATOM   507  C CB  . LEU A 1 79  ? -6.583  -8.917  -6.801  1.00 24.05 ? 202 LEU A CB  1 
ATOM   508  C CG  . LEU A 1 79  ? -5.589  -8.031  -6.032  1.00 23.10 ? 202 LEU A CG  1 
ATOM   509  C CD1 . LEU A 1 79  ? -5.943  -8.008  -4.581  1.00 24.47 ? 202 LEU A CD1 1 
ATOM   510  C CD2 . LEU A 1 79  ? -4.175  -8.532  -6.202  1.00 23.88 ? 202 LEU A CD2 1 
ATOM   511  N N   . GLN A 1 80  ? -8.554  -9.812  -9.006  1.00 28.13 ? 203 GLN A N   1 
ATOM   512  C CA  . GLN A 1 80  ? -9.412  -10.836 -9.595  1.00 31.50 ? 203 GLN A CA  1 
ATOM   513  C C   . GLN A 1 80  ? -9.075  -11.126 -11.041 1.00 29.38 ? 203 GLN A C   1 
ATOM   514  O O   . GLN A 1 80  ? -9.436  -12.186 -11.502 1.00 30.68 ? 203 GLN A O   1 
ATOM   515  C CB  . GLN A 1 80  ? -10.894 -10.503 -9.472  1.00 37.79 ? 203 GLN A CB  1 
ATOM   516  C CG  . GLN A 1 80  ? -11.529 -11.073 -8.220  1.00 47.97 ? 203 GLN A CG  1 
ATOM   517  C CD  . GLN A 1 80  ? -12.882 -10.450 -7.950  1.00 56.75 ? 203 GLN A CD  1 
ATOM   518  O OE1 . GLN A 1 80  ? -13.573 -10.021 -8.874  1.00 58.91 ? 203 GLN A OE1 1 
ATOM   519  N NE2 . GLN A 1 80  ? -13.256 -10.370 -6.672  1.00 68.16 ? 203 GLN A NE2 1 
ATOM   520  N N   . ASN A 1 81  ? -8.371  -10.224 -11.737 1.00 25.83 ? 204 ASN A N   1 
ATOM   521  C CA  . ASN A 1 81  ? -7.996  -10.434 -13.137 1.00 25.04 ? 204 ASN A CA  1 
ATOM   522  C C   . ASN A 1 81  ? -6.520  -10.700 -13.399 1.00 23.57 ? 204 ASN A C   1 
ATOM   523  O O   . ASN A 1 81  ? -6.036  -10.491 -14.508 1.00 25.92 ? 204 ASN A O   1 
ATOM   524  C CB  . ASN A 1 81  ? -8.455  -9.225  -13.957 1.00 23.45 ? 204 ASN A CB  1 
ATOM   525  C CG  . ASN A 1 81  ? -9.944  -9.231  -14.183 1.00 26.31 ? 204 ASN A CG  1 
ATOM   526  O OD1 . ASN A 1 81  ? -10.394 -9.758  -15.195 1.00 30.38 ? 204 ASN A OD1 1 
ATOM   527  N ND2 . ASN A 1 81  ? -10.721 -8.717  -13.231 1.00 22.91 ? 204 ASN A ND2 1 
ATOM   528  N N   . GLY A 1 82  ? -5.785  -11.135 -12.393 1.00 25.82 ? 205 GLY A N   1 
ATOM   529  C CA  . GLY A 1 82  ? -4.429  -11.635 -12.621 1.00 26.14 ? 205 GLY A CA  1 
ATOM   530  C C   . GLY A 1 82  ? -3.315  -10.620 -12.395 1.00 26.62 ? 205 GLY A C   1 
ATOM   531  O O   . GLY A 1 82  ? -2.170  -10.888 -12.758 1.00 25.74 ? 205 GLY A O   1 
ATOM   532  N N   . ALA A 1 83  ? -3.614  -9.463  -11.797 1.00 21.56 ? 206 ALA A N   1 
ATOM   533  C CA  . ALA A 1 83  ? -2.559  -8.496  -11.528 1.00 19.90 ? 206 ALA A CA  1 
ATOM   534  C C   . ALA A 1 83  ? -1.656  -9.113  -10.454 1.00 19.79 ? 206 ALA A C   1 
ATOM   535  O O   . ALA A 1 83  ? -2.150  -9.628  -9.440  1.00 17.55 ? 206 ALA A O   1 
ATOM   536  C CB  . ALA A 1 83  ? -3.134  -7.175  -11.042 1.00 19.16 ? 206 ALA A CB  1 
ATOM   537  N N   . ASP A 1 84  ? -0.346  -9.086  -10.700 1.00 18.90 ? 207 ASP A N   1 
ATOM   538  C CA  . ASP A 1 84  ? 0.637   -9.686  -9.810  1.00 19.43 ? 207 ASP A CA  1 
ATOM   539  C C   . ASP A 1 84  ? 0.887   -8.726  -8.631  1.00 18.79 ? 207 ASP A C   1 
ATOM   540  O O   . ASP A 1 84  ? 1.485   -7.662  -8.820  1.00 19.79 ? 207 ASP A O   1 
ATOM   541  C CB  . ASP A 1 84  ? 1.936   -9.953  -10.564 1.00 20.24 ? 207 ASP A CB  1 
ATOM   542  C CG  . ASP A 1 84  ? 2.992   -10.620 -9.699  1.00 22.30 ? 207 ASP A CG  1 
ATOM   543  O OD1 . ASP A 1 84  ? 2.772   -10.752 -8.474  1.00 19.41 ? 207 ASP A OD1 1 
ATOM   544  O OD2 . ASP A 1 84  ? 4.040   -11.014 -10.265 1.00 20.09 ? 207 ASP A OD2 1 
ATOM   545  N N   . PRO A 1 85  ? 0.426   -9.100  -7.423  1.00 19.27 ? 208 PRO A N   1 
ATOM   546  C CA  . PRO A 1 85  ? 0.617   -8.254  -6.253  1.00 20.06 ? 208 PRO A CA  1 
ATOM   547  C C   . PRO A 1 85  ? 2.031   -8.328  -5.629  1.00 20.15 ? 208 PRO A C   1 
ATOM   548  O O   . PRO A 1 85  ? 2.317   -7.558  -4.723  1.00 20.75 ? 208 PRO A O   1 
ATOM   549  C CB  . PRO A 1 85  ? -0.441  -8.768  -5.290  1.00 19.47 ? 208 PRO A CB  1 
ATOM   550  C CG  . PRO A 1 85  ? -0.589  -10.215 -5.632  1.00 19.70 ? 208 PRO A CG  1 
ATOM   551  C CD  . PRO A 1 85  ? -0.200  -10.387 -7.062  1.00 19.01 ? 208 PRO A CD  1 
ATOM   552  N N   . GLN A 1 86  ? 2.911   -9.213  -6.115  1.00 20.02 ? 209 GLN A N   1 
ATOM   553  C CA  . GLN A 1 86  ? 4.251   -9.362  -5.522  1.00 21.19 ? 209 GLN A CA  1 
ATOM   554  C C   . GLN A 1 86  ? 5.310   -8.402  -6.070  1.00 19.27 ? 209 GLN A C   1 
ATOM   555  O O   . GLN A 1 86  ? 6.359   -8.202  -5.472  1.00 18.01 ? 209 GLN A O   1 
ATOM   556  C CB  . GLN A 1 86  ? 4.736   -10.795 -5.661  1.00 22.00 ? 209 GLN A CB  1 
ATOM   557  C CG  . GLN A 1 86  ? 3.753   -11.770 -5.062  1.00 26.16 ? 209 GLN A CG  1 
ATOM   558  C CD  . GLN A 1 86  ? 4.297   -13.179 -5.001  1.00 32.54 ? 209 GLN A CD  1 
ATOM   559  O OE1 . GLN A 1 86  ? 5.136   -13.565 -5.798  1.00 33.18 ? 209 GLN A OE1 1 
ATOM   560  N NE2 . GLN A 1 86  ? 3.794   -13.961 -4.063  1.00 36.60 ? 209 GLN A NE2 1 
ATOM   561  N N   . LEU A 1 87  ? 5.032   -7.790  -7.198  1.00 18.77 ? 210 LEU A N   1 
ATOM   562  C CA  . LEU A 1 87  ? 6.000   -6.901  -7.812  1.00 18.50 ? 210 LEU A CA  1 
ATOM   563  C C   . LEU A 1 87  ? 6.376   -5.716  -6.905  1.00 17.46 ? 210 LEU A C   1 
ATOM   564  O O   . LEU A 1 87  ? 5.574   -5.206  -6.112  1.00 15.16 ? 210 LEU A O   1 
ATOM   565  C CB  . LEU A 1 87  ? 5.483   -6.389  -9.146  1.00 18.33 ? 210 LEU A CB  1 
ATOM   566  C CG  . LEU A 1 87  ? 5.268   -7.491  -10.185 1.00 23.05 ? 210 LEU A CG  1 
ATOM   567  C CD1 . LEU A 1 87  ? 4.390   -6.961  -11.309 1.00 23.15 ? 210 LEU A CD1 1 
ATOM   568  C CD2 . LEU A 1 87  ? 6.610   -8.000  -10.714 1.00 24.21 ? 210 LEU A CD2 1 
ATOM   569  N N   . LEU A 1 88  ? 7.614   -5.294  -7.072  1.00 17.26 ? 211 LEU A N   1 
ATOM   570  C CA  . LEU A 1 88  ? 8.171   -4.213  -6.345  1.00 17.12 ? 211 LEU A CA  1 
ATOM   571  C C   . LEU A 1 88  ? 8.552   -3.124  -7.308  1.00 15.79 ? 211 LEU A C   1 
ATOM   572  O O   . LEU A 1 88  ? 9.048   -3.406  -8.410  1.00 15.42 ? 211 LEU A O   1 
ATOM   573  C CB  . LEU A 1 88  ? 9.422   -4.711  -5.608  1.00 18.28 ? 211 LEU A CB  1 
ATOM   574  C CG  . LEU A 1 88  ? 9.170   -5.775  -4.540  1.00 19.91 ? 211 LEU A CG  1 
ATOM   575  C CD1 . LEU A 1 88  ? 10.462  -6.140  -3.795  1.00 22.23 ? 211 LEU A CD1 1 
ATOM   576  C CD2 . LEU A 1 88  ? 8.168   -5.252  -3.539  1.00 20.49 ? 211 LEU A CD2 1 
ATOM   577  N N   . GLY A 1 89  ? 8.375   -1.878  -6.888  1.00 14.82 ? 212 GLY A N   1 
ATOM   578  C CA  . GLY A 1 89  ? 8.861   -0.740  -7.656  1.00 15.71 ? 212 GLY A CA  1 
ATOM   579  C C   . GLY A 1 89  ? 10.353  -0.530  -7.526  1.00 16.92 ? 212 GLY A C   1 
ATOM   580  O O   . GLY A 1 89  ? 11.062  -1.350  -6.910  1.00 18.84 ? 212 GLY A O   1 
ATOM   581  N N   . LYS A 1 90  ? 10.846  0.538   -8.165  1.00 18.03 ? 213 LYS A N   1 
ATOM   582  C CA  . LYS A 1 90  ? 12.260  0.868   -8.168  1.00 18.51 ? 213 LYS A CA  1 
ATOM   583  C C   . LYS A 1 90  ? 12.806  1.171   -6.775  1.00 18.98 ? 213 LYS A C   1 
ATOM   584  O O   . LYS A 1 90  ? 13.984  0.907   -6.522  1.00 23.40 ? 213 LYS A O   1 
ATOM   585  C CB  . LYS A 1 90  ? 12.552  2.027   -9.102  1.00 18.49 ? 213 LYS A CB  1 
ATOM   586  C CG  . LYS A 1 90  ? 12.486  1.621   -10.548 1.00 17.83 ? 213 LYS A CG  1 
ATOM   587  C CD  . LYS A 1 90  ? 13.004  2.707   -11.457 1.00 20.05 ? 213 LYS A CD  1 
ATOM   588  C CE  . LYS A 1 90  ? 13.094  2.143   -12.858 1.00 20.50 ? 213 LYS A CE  1 
ATOM   589  N NZ  . LYS A 1 90  ? 13.227  3.208   -13.846 1.00 23.05 ? 213 LYS A NZ  1 
ATOM   590  N N   . GLY A 1 91  ? 11.957  1.659   -5.867  1.00 18.68 ? 214 GLY A N   1 
ATOM   591  C CA  . GLY A 1 91  ? 12.343  1.923   -4.464  1.00 17.77 ? 214 GLY A CA  1 
ATOM   592  C C   . GLY A 1 91  ? 12.138  0.694   -3.587  1.00 17.79 ? 214 GLY A C   1 
ATOM   593  O O   . GLY A 1 91  ? 12.269  0.738   -2.350  1.00 17.40 ? 214 GLY A O   1 
ATOM   594  N N   . ARG A 1 92  ? 11.881  -0.431  -4.234  1.00 17.82 ? 215 ARG A N   1 
ATOM   595  C CA  . ARG A 1 92  ? 11.463  -1.669  -3.580  1.00 18.55 ? 215 ARG A CA  1 
ATOM   596  C C   . ARG A 1 92  ? 10.150  -1.543  -2.810  1.00 18.43 ? 215 ARG A C   1 
ATOM   597  O O   . ARG A 1 92  ? 9.915   -2.282  -1.860  1.00 21.42 ? 215 ARG A O   1 
ATOM   598  C CB  . ARG A 1 92  ? 12.590  -2.277  -2.747  1.00 18.41 ? 215 ARG A CB  1 
ATOM   599  C CG  . ARG A 1 92  ? 13.608  -3.057  -3.584  1.00 19.03 ? 215 ARG A CG  1 
ATOM   600  C CD  . ARG A 1 92  ? 14.748  -3.614  -2.740  1.00 19.69 ? 215 ARG A CD  1 
ATOM   601  N NE  . ARG A 1 92  ? 14.285  -4.373  -1.579  1.00 20.63 ? 215 ARG A NE  1 
ATOM   602  C CZ  . ARG A 1 92  ? 13.875  -5.640  -1.612  1.00 22.44 ? 215 ARG A CZ  1 
ATOM   603  N NH1 . ARG A 1 92  ? 13.886  -6.298  -2.757  1.00 23.91 ? 215 ARG A NH1 1 
ATOM   604  N NH2 . ARG A 1 92  ? 13.460  -6.257  -0.491  1.00 21.30 ? 215 ARG A NH2 1 
ATOM   605  N N   . GLU A 1 93  ? 9.266   -0.658  -3.271  1.00 20.58 ? 216 GLU A N   1 
ATOM   606  C CA  . GLU A 1 93  ? 7.920   -0.529  -2.666  1.00 20.89 ? 216 GLU A CA  1 
ATOM   607  C C   . GLU A 1 93  ? 6.930   -1.525  -3.285  1.00 21.18 ? 216 GLU A C   1 
ATOM   608  O O   . GLU A 1 93  ? 7.086   -1.942  -4.445  1.00 16.02 ? 216 GLU A O   1 
ATOM   609  C CB  . GLU A 1 93  ? 7.365   0.900   -2.716  1.00 23.37 ? 216 GLU A CB  1 
ATOM   610  C CG  . GLU A 1 93  ? 7.314   1.598   -4.056  1.00 24.91 ? 216 GLU A CG  1 
ATOM   611  C CD  . GLU A 1 93  ? 8.673   2.077   -4.595  1.00 26.89 ? 216 GLU A CD  1 
ATOM   612  O OE1 . GLU A 1 93  ? 9.353   1.285   -5.293  1.00 25.37 ? 216 GLU A OE1 1 
ATOM   613  O OE2 . GLU A 1 93  ? 9.032   3.257   -4.401  1.00 24.12 ? 216 GLU A OE2 1 
ATOM   614  N N   . SER A 1 94  ? 5.959   -1.947  -2.474  1.00 17.60 ? 217 SER A N   1 
ATOM   615  C CA  . SER A 1 94  ? 4.887   -2.816  -2.944  1.00 17.73 ? 217 SER A CA  1 
ATOM   616  C C   . SER A 1 94  ? 3.553   -2.102  -2.792  1.00 15.97 ? 217 SER A C   1 
ATOM   617  O O   . SER A 1 94  ? 3.435   -1.127  -2.081  1.00 16.20 ? 217 SER A O   1 
ATOM   618  C CB  . SER A 1 94  ? 4.836   -4.086  -2.110  1.00 18.97 ? 217 SER A CB  1 
ATOM   619  O OG  . SER A 1 94  ? 4.582   -3.739  -0.740  1.00 18.73 ? 217 SER A OG  1 
ATOM   620  N N   . ALA A 1 95  ? 2.548   -2.647  -3.447  1.00 16.37 ? 218 ALA A N   1 
ATOM   621  C CA  . ALA A 1 95  ? 1.187   -2.250  -3.246  1.00 15.41 ? 218 ALA A CA  1 
ATOM   622  C C   . ALA A 1 95  ? 0.845   -2.363  -1.762  1.00 14.62 ? 218 ALA A C   1 
ATOM   623  O O   . ALA A 1 95  ? 0.145   -1.525  -1.203  1.00 16.11 ? 218 ALA A O   1 
ATOM   624  C CB  . ALA A 1 95  ? 0.284   -3.147  -4.089  1.00 15.72 ? 218 ALA A CB  1 
ATOM   625  N N   . LEU A 1 96  ? 1.339   -3.414  -1.113  1.00 16.34 ? 219 LEU A N   1 
ATOM   626  C CA  . LEU A 1 96  ? 1.068   -3.624  0.308   1.00 15.02 ? 219 LEU A CA  1 
ATOM   627  C C   . LEU A 1 96  ? 1.638   -2.466  1.083   1.00 16.06 ? 219 LEU A C   1 
ATOM   628  O O   . LEU A 1 96  ? 0.921   -1.845  1.903   1.00 15.81 ? 219 LEU A O   1 
ATOM   629  C CB  . LEU A 1 96  ? 1.645   -4.958  0.799   1.00 15.41 ? 219 LEU A CB  1 
ATOM   630  C CG  . LEU A 1 96  ? 1.490   -5.260  2.290   1.00 16.12 ? 219 LEU A CG  1 
ATOM   631  C CD1 . LEU A 1 96  ? 0.021   -5.391  2.704   1.00 17.06 ? 219 LEU A CD1 1 
ATOM   632  C CD2 . LEU A 1 96  ? 2.264   -6.513  2.695   1.00 15.09 ? 219 LEU A CD2 1 
ATOM   633  N N   . SER A 1 97  ? 2.897   -2.121  0.817   1.00 16.02 ? 220 SER A N   1 
ATOM   634  C CA  . SER A 1 97  ? 3.543   -1.092  1.660   1.00 17.28 ? 220 SER A CA  1 
ATOM   635  C C   . SER A 1 97  ? 2.895   0.256   1.406   1.00 16.31 ? 220 SER A C   1 
ATOM   636  O O   . SER A 1 97  ? 2.728   1.026   2.338   1.00 15.51 ? 220 SER A O   1 
ATOM   637  C CB  . SER A 1 97  ? 5.056   -1.007  1.464   1.00 16.83 ? 220 SER A CB  1 
ATOM   638  O OG  . SER A 1 97  ? 5.377   -0.478  0.209   1.00 20.05 ? 220 SER A OG  1 
ATOM   639  N N   . LEU A 1 98  ? 2.491   0.511   0.160   1.00 15.98 ? 221 LEU A N   1 
ATOM   640  C CA  . LEU A 1 98  ? 1.838   1.774   -0.171  1.00 17.29 ? 221 LEU A CA  1 
ATOM   641  C C   . LEU A 1 98  ? 0.516   1.879   0.587   1.00 18.51 ? 221 LEU A C   1 
ATOM   642  O O   . LEU A 1 98  ? 0.219   2.924   1.209   1.00 22.01 ? 221 LEU A O   1 
ATOM   643  C CB  . LEU A 1 98  ? 1.623   1.914   -1.701  1.00 17.75 ? 221 LEU A CB  1 
ATOM   644  C CG  . LEU A 1 98  ? 2.925   2.177   -2.465  1.00 18.18 ? 221 LEU A CG  1 
ATOM   645  C CD1 . LEU A 1 98  ? 2.819   1.816   -3.939  1.00 21.03 ? 221 LEU A CD1 1 
ATOM   646  C CD2 . LEU A 1 98  ? 3.344   3.637   -2.278  1.00 17.05 ? 221 LEU A CD2 1 
ATOM   647  N N   . ALA A 1 99  ? -0.257  0.797   0.575   1.00 15.49 ? 222 ALA A N   1 
ATOM   648  C CA  . ALA A 1 99  ? -1.531  0.808   1.270   1.00 17.05 ? 222 ALA A CA  1 
ATOM   649  C C   . ALA A 1 99  ? -1.350  0.859   2.791   1.00 18.72 ? 222 ALA A C   1 
ATOM   650  O O   . ALA A 1 99  ? -2.130  1.547   3.477   1.00 19.33 ? 222 ALA A O   1 
ATOM   651  C CB  . ALA A 1 99  ? -2.382  -0.399  0.862   1.00 16.06 ? 222 ALA A CB  1 
ATOM   652  N N   . CYS A 1 100 ? -0.346  0.145   3.326   1.00 18.29 ? 223 CYS A N   1 
ATOM   653  C CA  . CYS A 1 100 ? -0.074  0.213   4.758   1.00 20.05 ? 223 CYS A CA  1 
ATOM   654  C C   . CYS A 1 100 ? 0.277   1.621   5.185   1.00 20.08 ? 223 CYS A C   1 
ATOM   655  O O   . CYS A 1 100 ? -0.173  2.057   6.247   1.00 22.53 ? 223 CYS A O   1 
ATOM   656  C CB  . CYS A 1 100 ? 1.032   -0.753  5.207   1.00 19.69 ? 223 CYS A CB  1 
ATOM   657  S SG  . CYS A 1 100 ? 0.495   -2.461  5.099   1.00 22.14 ? 223 CYS A SG  1 
ATOM   658  N N   . SER A 1 101 ? 1.070   2.324   4.377   1.00 19.54 ? 224 SER A N   1 
ATOM   659  C CA  A SER A 1 101 ? 1.432   3.735   4.639   0.50 20.71 ? 224 SER A CA  1 
ATOM   660  C CA  B SER A 1 101 ? 1.437   3.710   4.697   0.50 19.05 ? 224 SER A CA  1 
ATOM   661  C C   . SER A 1 101 ? 0.218   4.643   4.845   1.00 21.73 ? 224 SER A C   1 
ATOM   662  O O   . SER A 1 101 ? 0.241   5.548   5.663   1.00 20.47 ? 224 SER A O   1 
ATOM   663  C CB  A SER A 1 101 ? 2.260   4.313   3.483   0.50 21.17 ? 224 SER A CB  1 
ATOM   664  C CB  B SER A 1 101 ? 2.426   4.280   3.671   0.50 18.09 ? 224 SER A CB  1 
ATOM   665  O OG  A SER A 1 101 ? 3.616   3.938   3.586   0.50 22.90 ? 224 SER A OG  1 
ATOM   666  O OG  B SER A 1 101 ? 1.852   4.399   2.387   0.50 15.29 ? 224 SER A OG  1 
ATOM   667  N N   . LYS A 1 102 ? -0.833  4.417   4.062   1.00 22.78 ? 225 LYS A N   1 
ATOM   668  C CA  . LYS A 1 102 ? -2.069  5.196   4.164   1.00 23.34 ? 225 LYS A CA  1 
ATOM   669  C C   . LYS A 1 102 ? -3.128  4.680   5.164   1.00 22.73 ? 225 LYS A C   1 
ATOM   670  O O   . LYS A 1 102 ? -4.115  5.366   5.436   1.00 21.42 ? 225 LYS A O   1 
ATOM   671  C CB  . LYS A 1 102 ? -2.684  5.313   2.764   1.00 27.35 ? 225 LYS A CB  1 
ATOM   672  C CG  . LYS A 1 102 ? -1.859  6.142   1.780   1.00 27.15 ? 225 LYS A CG  1 
ATOM   673  C CD  . LYS A 1 102 ? -1.773  7.596   2.225   1.00 31.00 ? 225 LYS A CD  1 
ATOM   674  C CE  . LYS A 1 102 ? -1.272  8.511   1.121   1.00 35.70 ? 225 LYS A CE  1 
ATOM   675  N NZ  . LYS A 1 102 ? -1.365  9.924   1.576   1.00 39.04 ? 225 LYS A NZ  1 
ATOM   676  N N   . GLY A 1 103 ? -2.915  3.498   5.737   1.00 22.81 ? 226 GLY A N   1 
ATOM   677  C CA  . GLY A 1 103 ? -3.920  2.834   6.576   1.00 22.34 ? 226 GLY A CA  1 
ATOM   678  C C   . GLY A 1 103 ? -5.141  2.325   5.823   1.00 21.96 ? 226 GLY A C   1 
ATOM   679  O O   . GLY A 1 103 ? -6.229  2.268   6.389   1.00 21.97 ? 226 GLY A O   1 
ATOM   680  N N   . TYR A 1 104 ? -4.996  1.969   4.547   1.00 21.45 ? 227 TYR A N   1 
ATOM   681  C CA  . TYR A 1 104 ? -6.149  1.458   3.765   1.00 20.35 ? 227 TYR A CA  1 
ATOM   682  C C   . TYR A 1 104 ? -6.403  -0.011  4.084   1.00 20.45 ? 227 TYR A C   1 
ATOM   683  O O   . TYR A 1 104 ? -6.023  -0.926  3.366   1.00 21.62 ? 227 TYR A O   1 
ATOM   684  C CB  . TYR A 1 104 ? -5.970  1.680   2.277   1.00 19.93 ? 227 TYR A CB  1 
ATOM   685  C CG  . TYR A 1 104 ? -5.873  3.138   1.856   1.00 20.92 ? 227 TYR A CG  1 
ATOM   686  C CD1 . TYR A 1 104 ? -6.644  4.150   2.465   1.00 20.71 ? 227 TYR A CD1 1 
ATOM   687  C CD2 . TYR A 1 104 ? -5.047  3.506   0.801   1.00 20.93 ? 227 TYR A CD2 1 
ATOM   688  C CE1 . TYR A 1 104 ? -6.555  5.485   2.044   1.00 19.84 ? 227 TYR A CE1 1 
ATOM   689  C CE2 . TYR A 1 104 ? -4.961  4.829   0.366   1.00 21.24 ? 227 TYR A CE2 1 
ATOM   690  C CZ  . TYR A 1 104 ? -5.714  5.812   0.987   1.00 22.32 ? 227 TYR A CZ  1 
ATOM   691  O OH  . TYR A 1 104 ? -5.571  7.119   0.539   1.00 24.38 ? 227 TYR A OH  1 
ATOM   692  N N   . THR A 1 105 ? -7.051  -0.198  5.220   1.00 24.18 ? 228 THR A N   1 
ATOM   693  C CA  . THR A 1 105 ? -7.244  -1.490  5.855   1.00 25.38 ? 228 THR A CA  1 
ATOM   694  C C   . THR A 1 105 ? -7.832  -2.585  4.923   1.00 24.91 ? 228 THR A C   1 
ATOM   695  O O   . THR A 1 105 ? -7.353  -3.715  4.914   1.00 21.02 ? 228 THR A O   1 
ATOM   696  C CB  . THR A 1 105 ? -8.124  -1.252  7.123   1.00 27.26 ? 228 THR A CB  1 
ATOM   697  O OG1 . THR A 1 105 ? -7.458  -0.317  7.989   1.00 30.48 ? 228 THR A OG1 1 
ATOM   698  C CG2 . THR A 1 105 ? -8.393  -2.519  7.891   1.00 25.75 ? 228 THR A CG2 1 
ATOM   699  N N   . ASP A 1 106 ? -8.859  -2.246  4.139   1.00 26.53 ? 229 ASP A N   1 
ATOM   700  C CA  . ASP A 1 106 ? -9.541  -3.241  3.286   1.00 25.91 ? 229 ASP A CA  1 
ATOM   701  C C   . ASP A 1 106 ? -8.661  -3.651  2.108   1.00 23.69 ? 229 ASP A C   1 
ATOM   702  O O   . ASP A 1 106 ? -8.587  -4.829  1.759   1.00 24.04 ? 229 ASP A O   1 
ATOM   703  C CB  . ASP A 1 106 ? -10.875 -2.708  2.752   1.00 30.94 ? 229 ASP A CB  1 
ATOM   704  C CG  . ASP A 1 106 ? -11.879 -2.408  3.849   1.00 34.17 ? 229 ASP A CG  1 
ATOM   705  O OD1 . ASP A 1 106 ? -11.747 -2.934  4.962   1.00 37.11 ? 229 ASP A OD1 1 
ATOM   706  O OD2 . ASP A 1 106 ? -12.804 -1.618  3.597   1.00 41.73 ? 229 ASP A OD2 1 
ATOM   707  N N   . ILE A 1 107 ? -7.952  -2.689  1.530   1.00 21.75 ? 230 ILE A N   1 
ATOM   708  C CA  . ILE A 1 107 ? -6.923  -3.006  0.506   1.00 20.28 ? 230 ILE A CA  1 
ATOM   709  C C   . ILE A 1 107 ? -5.817  -3.901  1.057   1.00 18.49 ? 230 ILE A C   1 
ATOM   710  O O   . ILE A 1 107 ? -5.413  -4.879  0.442   1.00 19.16 ? 230 ILE A O   1 
ATOM   711  C CB  . ILE A 1 107 ? -6.333  -1.716  -0.091  1.00 19.62 ? 230 ILE A CB  1 
ATOM   712  C CG1 . ILE A 1 107 ? -7.434  -1.026  -0.923  1.00 21.41 ? 230 ILE A CG1 1 
ATOM   713  C CG2 . ILE A 1 107 ? -5.106  -2.019  -0.942  1.00 18.62 ? 230 ILE A CG2 1 
ATOM   714  C CD1 . ILE A 1 107 ? -7.165  0.413   -1.300  1.00 21.12 ? 230 ILE A CD1 1 
ATOM   715  N N   . VAL A 1 108 ? -5.336  -3.558  2.234   1.00 19.27 ? 231 VAL A N   1 
ATOM   716  C CA  . VAL A 1 108 ? -4.337  -4.371  2.913   1.00 18.49 ? 231 VAL A CA  1 
ATOM   717  C C   . VAL A 1 108 ? -4.836  -5.792  3.147   1.00 19.64 ? 231 VAL A C   1 
ATOM   718  O O   . VAL A 1 108 ? -4.135  -6.775  2.876   1.00 18.24 ? 231 VAL A O   1 
ATOM   719  C CB  . VAL A 1 108 ? -3.875  -3.701  4.213   1.00 18.52 ? 231 VAL A CB  1 
ATOM   720  C CG1 . VAL A 1 108 ? -3.107  -4.687  5.092   1.00 18.62 ? 231 VAL A CG1 1 
ATOM   721  C CG2 . VAL A 1 108 ? -3.000  -2.476  3.890   1.00 18.70 ? 231 VAL A CG2 1 
ATOM   722  N N   . LYS A 1 109 ? -6.071  -5.909  3.611   1.00 23.01 ? 232 LYS A N   1 
ATOM   723  C CA  . LYS A 1 109 ? -6.644  -7.214  3.857   1.00 24.23 ? 232 LYS A CA  1 
ATOM   724  C C   . LYS A 1 109 ? -6.658  -8.002  2.573   1.00 24.98 ? 232 LYS A C   1 
ATOM   725  O O   . LYS A 1 109 ? -6.210  -9.159  2.552   1.00 26.42 ? 232 LYS A O   1 
ATOM   726  C CB  . LYS A 1 109 ? -8.048  -7.060  4.471   1.00 30.73 ? 232 LYS A CB  1 
ATOM   727  C CG  . LYS A 1 109 ? -8.929  -8.320  4.581   1.00 34.04 ? 232 LYS A CG  1 
ATOM   728  C CD  . LYS A 1 109 ? -8.228  -9.597  5.058   1.00 38.63 ? 232 LYS A CD  1 
ATOM   729  C CE  . LYS A 1 109 ? -9.228  -10.764 5.194   1.00 40.90 ? 232 LYS A CE  1 
ATOM   730  N NZ  . LYS A 1 109 ? -9.952  -10.670 6.480   1.00 42.71 ? 232 LYS A NZ  1 
ATOM   731  N N   . MET A 1 110 ? -7.152  -7.392  1.483   1.00 25.01 ? 233 MET A N   1 
ATOM   732  C CA  . MET A 1 110 ? -7.202  -8.096  0.169   1.00 22.59 ? 233 MET A CA  1 
ATOM   733  C C   . MET A 1 110 ? -5.844  -8.602  -0.258  1.00 19.76 ? 233 MET A C   1 
ATOM   734  O O   . MET A 1 110 ? -5.699  -9.717  -0.683  1.00 19.71 ? 233 MET A O   1 
ATOM   735  C CB  . MET A 1 110 ? -7.707  -7.178  -0.952  1.00 26.06 ? 233 MET A CB  1 
ATOM   736  C CG  . MET A 1 110 ? -9.175  -7.321  -1.284  1.00 29.73 ? 233 MET A CG  1 
ATOM   737  S SD  . MET A 1 110 ? -9.749  -6.075  -2.470  1.00 30.52 ? 233 MET A SD  1 
ATOM   738  C CE  . MET A 1 110 ? -9.866  -4.622  -1.436  1.00 35.46 ? 233 MET A CE  1 
ATOM   739  N N   . LEU A 1 111 ? -4.847  -7.744  -0.173  1.00 20.18 ? 234 LEU A N   1 
ATOM   740  C CA  . LEU A 1 111 ? -3.479  -8.125  -0.531  1.00 18.24 ? 234 LEU A CA  1 
ATOM   741  C C   . LEU A 1 111 ? -2.887  -9.186  0.360   1.00 17.69 ? 234 LEU A C   1 
ATOM   742  O O   . LEU A 1 111 ? -2.233  -10.123 -0.118  1.00 15.74 ? 234 LEU A O   1 
ATOM   743  C CB  . LEU A 1 111 ? -2.591  -6.903  -0.484  1.00 17.65 ? 234 LEU A CB  1 
ATOM   744  C CG  . LEU A 1 111 ? -2.958  -5.824  -1.503  1.00 17.40 ? 234 LEU A CG  1 
ATOM   745  C CD1 . LEU A 1 111 ? -2.273  -4.539  -1.092  1.00 16.95 ? 234 LEU A CD1 1 
ATOM   746  C CD2 . LEU A 1 111 ? -2.580  -6.220  -2.935  1.00 18.89 ? 234 LEU A CD2 1 
ATOM   747  N N   . LEU A 1 112 ? -3.075  -9.048  1.658   1.00 17.90 ? 235 LEU A N   1 
ATOM   748  C CA  . LEU A 1 112 ? -2.625  -10.107 2.563   1.00 19.67 ? 235 LEU A CA  1 
ATOM   749  C C   . LEU A 1 112 ? -3.293  -11.452 2.240   1.00 20.58 ? 235 LEU A C   1 
ATOM   750  O O   . LEU A 1 112 ? -2.619  -12.483 2.283   1.00 20.12 ? 235 LEU A O   1 
ATOM   751  C CB  . LEU A 1 112 ? -2.861  -9.736  4.039   1.00 21.69 ? 235 LEU A CB  1 
ATOM   752  C CG  . LEU A 1 112 ? -1.998  -8.609  4.584   1.00 20.46 ? 235 LEU A CG  1 
ATOM   753  C CD1 . LEU A 1 112 ? -2.289  -8.329  6.050   1.00 21.20 ? 235 LEU A CD1 1 
ATOM   754  C CD2 . LEU A 1 112 ? -0.523  -8.937  4.375   1.00 23.97 ? 235 LEU A CD2 1 
ATOM   755  N N   . ASP A 1 113 ? -4.575  -11.438 1.859   1.00 20.65 ? 236 ASP A N   1 
ATOM   756  C CA  . ASP A 1 113 ? -5.292  -12.680 1.516   1.00 21.84 ? 236 ASP A CA  1 
ATOM   757  C C   . ASP A 1 113 ? -4.748  -13.325 0.247   1.00 24.61 ? 236 ASP A C   1 
ATOM   758  O O   . ASP A 1 113 ? -4.996  -14.507 0.010   1.00 25.47 ? 236 ASP A O   1 
ATOM   759  C CB  . ASP A 1 113 ? -6.792  -12.459 1.356   1.00 23.60 ? 236 ASP A CB  1 
ATOM   760  C CG  . ASP A 1 113 ? -7.508  -12.161 2.680   1.00 25.16 ? 236 ASP A CG  1 
ATOM   761  O OD1 . ASP A 1 113 ? -6.890  -12.286 3.762   1.00 25.73 ? 236 ASP A OD1 1 
ATOM   762  O OD2 . ASP A 1 113 ? -8.713  -11.765 2.620   1.00 28.31 ? 236 ASP A OD2 1 
ATOM   763  N N   . CYS A 1 114 ? -4.003  -12.566 -0.561  1.00 26.71 ? 237 CYS A N   1 
ATOM   764  C CA  . CYS A 1 114 ? -3.256  -13.136 -1.679  1.00 24.69 ? 237 CYS A CA  1 
ATOM   765  C C   . CYS A 1 114 ? -1.951  -13.768 -1.286  1.00 22.94 ? 237 CYS A C   1 
ATOM   766  O O   . CYS A 1 114 ? -1.266  -14.296 -2.124  1.00 26.96 ? 237 CYS A O   1 
ATOM   767  C CB  . CYS A 1 114 ? -2.976  -12.068 -2.714  1.00 28.14 ? 237 CYS A CB  1 
ATOM   768  S SG  . CYS A 1 114 ? -4.441  -11.593 -3.605  1.00 32.48 ? 237 CYS A SG  1 
ATOM   769  N N   . GLY A 1 115 ? -1.580  -13.718 -0.017  1.00 25.87 ? 238 GLY A N   1 
ATOM   770  C CA  . GLY A 1 115 ? -0.354  -14.370 0.417   1.00 26.02 ? 238 GLY A CA  1 
ATOM   771  C C   . GLY A 1 115 ? 0.952   -13.685 0.036   1.00 26.99 ? 238 GLY A C   1 
ATOM   772  O O   . GLY A 1 115 ? 2.007   -14.342 0.031   1.00 24.81 ? 238 GLY A O   1 
ATOM   773  N N   . VAL A 1 116 ? 0.900   -12.376 -0.254  1.00 23.29 ? 239 VAL A N   1 
ATOM   774  C CA  . VAL A 1 116 ? 2.119   -11.575 -0.471  1.00 24.02 ? 239 VAL A CA  1 
ATOM   775  C C   . VAL A 1 116 ? 3.114   -11.605 0.729   1.00 21.75 ? 239 VAL A C   1 
ATOM   776  O O   . VAL A 1 116 ? 2.706   -11.709 1.892   1.00 19.86 ? 239 VAL A O   1 
ATOM   777  C CB  . VAL A 1 116 ? 1.805   -10.087 -0.827  1.00 21.78 ? 239 VAL A CB  1 
ATOM   778  C CG1 . VAL A 1 116 ? 1.039   -10.010 -2.144  1.00 23.31 ? 239 VAL A CG1 1 
ATOM   779  C CG2 . VAL A 1 116 ? 1.061   -9.357  0.295   1.00 20.85 ? 239 VAL A CG2 1 
ATOM   780  N N   . ASP A 1 117 ? 4.395   -11.491 0.415   1.00 21.85 ? 240 ASP A N   1 
ATOM   781  C CA  . ASP A 1 117 ? 5.448   -11.287 1.404   1.00 24.59 ? 240 ASP A CA  1 
ATOM   782  C C   . ASP A 1 117 ? 5.187   -9.994  2.176   1.00 23.43 ? 240 ASP A C   1 
ATOM   783  O O   . ASP A 1 117 ? 4.781   -8.976  1.598   1.00 21.36 ? 240 ASP A O   1 
ATOM   784  C CB  . ASP A 1 117 ? 6.809   -11.131 0.714   1.00 29.23 ? 240 ASP A CB  1 
ATOM   785  C CG  . ASP A 1 117 ? 7.290   -12.411 0.008   1.00 34.52 ? 240 ASP A CG  1 
ATOM   786  O OD1 . ASP A 1 117 ? 6.741   -13.500 0.248   1.00 38.49 ? 240 ASP A OD1 1 
ATOM   787  O OD2 . ASP A 1 117 ? 8.241   -12.310 -0.806  1.00 43.09 ? 240 ASP A OD2 1 
ATOM   788  N N   . VAL A 1 118 ? 5.441   -10.017 3.477   1.00 19.43 ? 241 VAL A N   1 
ATOM   789  C CA  . VAL A 1 118 ? 5.179   -8.854  4.288   1.00 19.51 ? 241 VAL A CA  1 
ATOM   790  C C   . VAL A 1 118 ? 6.427   -8.196  4.876   1.00 19.63 ? 241 VAL A C   1 
ATOM   791  O O   . VAL A 1 118 ? 6.293   -7.153  5.466   1.00 21.08 ? 241 VAL A O   1 
ATOM   792  C CB  . VAL A 1 118 ? 4.133   -9.125  5.413   1.00 19.41 ? 241 VAL A CB  1 
ATOM   793  C CG1 . VAL A 1 118 ? 2.864   -9.734  4.823   1.00 19.53 ? 241 VAL A CG1 1 
ATOM   794  C CG2 . VAL A 1 118 ? 4.697   -10.021 6.513   1.00 19.11 ? 241 VAL A CG2 1 
ATOM   795  N N   . ASN A 1 119 ? 7.626   -8.751  4.686   1.00 19.77 ? 242 ASN A N   1 
ATOM   796  C CA  . ASN A 1 119 ? 8.831   -8.211  5.332   1.00 18.28 ? 242 ASN A CA  1 
ATOM   797  C C   . ASN A 1 119 ? 9.906   -7.741  4.371   1.00 18.86 ? 242 ASN A C   1 
ATOM   798  O O   . ASN A 1 119 ? 11.070  -7.697  4.717   1.00 17.16 ? 242 ASN A O   1 
ATOM   799  C CB  . ASN A 1 119 ? 9.431   -9.256  6.268   1.00 19.86 ? 242 ASN A CB  1 
ATOM   800  C CG  . ASN A 1 119 ? 8.563   -9.538  7.475   1.00 20.15 ? 242 ASN A CG  1 
ATOM   801  O OD1 . ASN A 1 119 ? 8.217   -8.635  8.245   1.00 21.05 ? 242 ASN A OD1 1 
ATOM   802  N ND2 . ASN A 1 119 ? 8.216   -10.802 7.661   1.00 21.66 ? 242 ASN A ND2 1 
ATOM   803  N N   . GLU A 1 120 ? 9.526   -7.349  3.168   1.00 19.25 ? 243 GLU A N   1 
ATOM   804  C CA  . GLU A 1 120 ? 10.513  -6.839  2.234   1.00 19.23 ? 243 GLU A CA  1 
ATOM   805  C C   . GLU A 1 120 ? 10.979  -5.423  2.617   1.00 18.70 ? 243 GLU A C   1 
ATOM   806  O O   . GLU A 1 120 ? 10.195  -4.501  2.771   1.00 16.36 ? 243 GLU A O   1 
ATOM   807  C CB  . GLU A 1 120 ? 9.967   -6.880  0.824   1.00 20.77 ? 243 GLU A CB  1 
ATOM   808  C CG  . GLU A 1 120 ? 9.829   -8.315  0.339   1.00 21.40 ? 243 GLU A CG  1 
ATOM   809  C CD  . GLU A 1 120 ? 8.984   -8.434  -0.935  1.00 23.47 ? 243 GLU A CD  1 
ATOM   810  O OE1 . GLU A 1 120 ? 7.833   -7.921  -0.982  1.00 22.30 ? 243 GLU A OE1 1 
ATOM   811  O OE2 . GLU A 1 120 ? 9.476   -9.071  -1.874  1.00 21.45 ? 243 GLU A OE2 1 
ATOM   812  N N   . TYR A 1 121 ? 12.279  -5.291  2.795   1.00 19.67 ? 244 TYR A N   1 
ATOM   813  C CA  . TYR A 1 121 ? 12.888  -4.090  3.304   1.00 22.31 ? 244 TYR A CA  1 
ATOM   814  C C   . TYR A 1 121 ? 13.129  -3.197  2.089   1.00 20.65 ? 244 TYR A C   1 
ATOM   815  O O   . TYR A 1 121 ? 13.781  -3.607  1.142   1.00 22.46 ? 244 TYR A O   1 
ATOM   816  C CB  . TYR A 1 121 ? 14.200  -4.447  4.046   1.00 23.87 ? 244 TYR A CB  1 
ATOM   817  C CG  . TYR A 1 121 ? 14.734  -3.320  4.929   1.00 25.24 ? 244 TYR A CG  1 
ATOM   818  C CD1 . TYR A 1 121 ? 14.097  -2.995  6.131   1.00 25.81 ? 244 TYR A CD1 1 
ATOM   819  C CD2 . TYR A 1 121 ? 15.880  -2.593  4.581   1.00 24.03 ? 244 TYR A CD2 1 
ATOM   820  C CE1 . TYR A 1 121 ? 14.568  -1.976  6.952   1.00 25.50 ? 244 TYR A CE1 1 
ATOM   821  C CE2 . TYR A 1 121 ? 16.386  -1.580  5.409   1.00 23.94 ? 244 TYR A CE2 1 
ATOM   822  C CZ  . TYR A 1 121 ? 15.709  -1.258  6.591   1.00 25.33 ? 244 TYR A CZ  1 
ATOM   823  O OH  . TYR A 1 121 ? 16.144  -0.230  7.439   1.00 24.22 ? 244 TYR A OH  1 
ATOM   824  N N   . ASP A 1 122 ? 12.579  -1.993  2.090   1.00 19.56 ? 245 ASP A N   1 
ATOM   825  C CA  . ASP A 1 122 ? 12.704  -1.169  0.919   1.00 18.37 ? 245 ASP A CA  1 
ATOM   826  C C   . ASP A 1 122 ? 13.959  -0.315  0.974   1.00 18.55 ? 245 ASP A C   1 
ATOM   827  O O   . ASP A 1 122 ? 14.681  -0.348  1.970   1.00 20.00 ? 245 ASP A O   1 
ATOM   828  C CB  . ASP A 1 122 ? 11.414  -0.383  0.654   1.00 20.06 ? 245 ASP A CB  1 
ATOM   829  C CG  . ASP A 1 122 ? 11.149  0.715   1.643   1.00 21.89 ? 245 ASP A CG  1 
ATOM   830  O OD1 . ASP A 1 122 ? 12.101  1.206   2.278   1.00 22.07 ? 245 ASP A OD1 1 
ATOM   831  O OD2 . ASP A 1 122 ? 9.964   1.151   1.739   1.00 21.52 ? 245 ASP A OD2 1 
ATOM   832  N N   . TRP A 1 123 ? 14.243  0.429   -0.091  1.00 18.14 ? 246 TRP A N   1 
ATOM   833  C CA  . TRP A 1 123 ? 15.396  1.295   -0.115  1.00 18.65 ? 246 TRP A CA  1 
ATOM   834  C C   . TRP A 1 123 ? 15.199  2.581   0.697   1.00 20.44 ? 246 TRP A C   1 
ATOM   835  O O   . TRP A 1 123 ? 16.121  3.339   0.799   1.00 24.89 ? 246 TRP A O   1 
ATOM   836  C CB  . TRP A 1 123 ? 15.802  1.662   -1.555  1.00 19.12 ? 246 TRP A CB  1 
ATOM   837  C CG  . TRP A 1 123 ? 16.239  0.511   -2.375  1.00 19.37 ? 246 TRP A CG  1 
ATOM   838  C CD1 . TRP A 1 123 ? 15.656  0.073   -3.543  1.00 20.03 ? 246 TRP A CD1 1 
ATOM   839  C CD2 . TRP A 1 123 ? 17.319  -0.402  -2.099  1.00 18.89 ? 246 TRP A CD2 1 
ATOM   840  N NE1 . TRP A 1 123 ? 16.325  -1.042  -4.006  1.00 19.63 ? 246 TRP A NE1 1 
ATOM   841  C CE2 . TRP A 1 123 ? 17.324  -1.367  -3.130  1.00 18.34 ? 246 TRP A CE2 1 
ATOM   842  C CE3 . TRP A 1 123 ? 18.272  -0.502  -1.078  1.00 20.05 ? 246 TRP A CE3 1 
ATOM   843  C CZ2 . TRP A 1 123 ? 18.248  -2.399  -3.187  1.00 20.39 ? 246 TRP A CZ2 1 
ATOM   844  C CZ3 . TRP A 1 123 ? 19.193  -1.557  -1.121  1.00 22.22 ? 246 TRP A CZ3 1 
ATOM   845  C CH2 . TRP A 1 123 ? 19.173  -2.490  -2.177  1.00 21.83 ? 246 TRP A CH2 1 
ATOM   846  N N   . ASN A 1 124 ? 14.004  2.851   1.214   1.00 22.38 ? 247 ASN A N   1 
ATOM   847  C CA  . ASN A 1 124 ? 13.719  3.980   2.128   1.00 23.48 ? 247 ASN A CA  1 
ATOM   848  C C   . ASN A 1 124 ? 13.977  3.528   3.602   1.00 25.29 ? 247 ASN A C   1 
ATOM   849  O O   . ASN A 1 124 ? 13.777  4.292   4.564   1.00 29.28 ? 247 ASN A O   1 
ATOM   850  C CB  . ASN A 1 124 ? 12.240  4.416   1.907   1.00 26.66 ? 247 ASN A CB  1 
ATOM   851  C CG  . ASN A 1 124 ? 11.832  5.681   2.683   1.00 31.58 ? 247 ASN A CG  1 
ATOM   852  O OD1 . ASN A 1 124 ? 12.555  6.646   2.675   1.00 41.43 ? 247 ASN A OD1 1 
ATOM   853  N ND2 . ASN A 1 124 ? 10.639  5.681   3.325   1.00 27.81 ? 247 ASN A ND2 1 
ATOM   854  N N   . GLY A 1 125 ? 14.379  2.266   3.782   1.00 21.50 ? 248 GLY A N   1 
ATOM   855  C CA  . GLY A 1 125 ? 14.578  1.707   5.097   1.00 19.94 ? 248 GLY A CA  1 
ATOM   856  C C   . GLY A 1 125 ? 13.291  1.339   5.807   1.00 20.02 ? 248 GLY A C   1 
ATOM   857  O O   . GLY A 1 125 ? 13.230  1.326   7.033   1.00 21.32 ? 248 GLY A O   1 
ATOM   858  N N   . GLY A 1 126 ? 12.260  1.033   5.044   1.00 17.25 ? 249 GLY A N   1 
ATOM   859  C CA  . GLY A 1 126 ? 10.969  0.722   5.619   1.00 18.60 ? 249 GLY A CA  1 
ATOM   860  C C   . GLY A 1 126 ? 10.471  -0.655  5.210   1.00 19.21 ? 249 GLY A C   1 
ATOM   861  O O   . GLY A 1 126 ? 11.034  -1.286  4.283   1.00 18.81 ? 249 GLY A O   1 
ATOM   862  N N   . THR A 1 127 ? 9.462   -1.114  5.970   1.00 18.14 ? 250 THR A N   1 
ATOM   863  C CA  . THR A 1 127 ? 8.672   -2.317  5.706   1.00 18.33 ? 250 THR A CA  1 
ATOM   864  C C   . THR A 1 127 ? 7.201   -1.923  5.895   1.00 18.04 ? 250 THR A C   1 
ATOM   865  O O   . THR A 1 127 ? 6.920   -0.903  6.491   1.00 16.51 ? 250 THR A O   1 
ATOM   866  C CB  . THR A 1 127 ? 8.990   -3.508  6.663   1.00 19.11 ? 250 THR A CB  1 
ATOM   867  O OG1 . THR A 1 127 ? 8.628   -3.174  8.014   1.00 18.55 ? 250 THR A OG1 1 
ATOM   868  C CG2 . THR A 1 127 ? 10.472  -3.882  6.625   1.00 19.46 ? 250 THR A CG2 1 
ATOM   869  N N   . PRO A 1 128 ? 6.254   -2.727  5.368   1.00 18.42 ? 251 PRO A N   1 
ATOM   870  C CA  . PRO A 1 128 ? 4.820   -2.444  5.580   1.00 17.88 ? 251 PRO A CA  1 
ATOM   871  C C   . PRO A 1 128 ? 4.493   -2.181  7.051   1.00 15.41 ? 251 PRO A C   1 
ATOM   872  O O   . PRO A 1 128 ? 3.770   -1.234  7.370   1.00 14.87 ? 251 PRO A O   1 
ATOM   873  C CB  . PRO A 1 128 ? 4.147   -3.735  5.108   1.00 18.80 ? 251 PRO A CB  1 
ATOM   874  C CG  . PRO A 1 128 ? 5.063   -4.287  4.090   1.00 19.48 ? 251 PRO A CG  1 
ATOM   875  C CD  . PRO A 1 128 ? 6.463   -3.900  4.499   1.00 18.74 ? 251 PRO A CD  1 
ATOM   876  N N   . LEU A 1 129 ? 5.032   -3.019  7.942   1.00 15.25 ? 252 LEU A N   1 
ATOM   877  C CA  . LEU A 1 129 ? 4.765   -2.872  9.394   1.00 15.18 ? 252 LEU A CA  1 
ATOM   878  C C   . LEU A 1 129 ? 5.290   -1.524  9.955   1.00 14.59 ? 252 LEU A C   1 
ATOM   879  O O   . LEU A 1 129 ? 4.595   -0.805  10.684  1.00 14.48 ? 252 LEU A O   1 
ATOM   880  C CB  . LEU A 1 129 ? 5.311   -4.079  10.169  1.00 14.60 ? 252 LEU A CB  1 
ATOM   881  C CG  . LEU A 1 129 ? 5.148   -3.995  11.678  1.00 14.17 ? 252 LEU A CG  1 
ATOM   882  C CD1 . LEU A 1 129 ? 3.682   -3.890  12.008  1.00 14.18 ? 252 LEU A CD1 1 
ATOM   883  C CD2 . LEU A 1 129 ? 5.820   -5.182  12.386  1.00 14.63 ? 252 LEU A CD2 1 
ATOM   884  N N   . LEU A 1 130 ? 6.497   -1.155  9.573   1.00 15.21 ? 253 LEU A N   1 
ATOM   885  C CA  . LEU A 1 130 ? 7.067   0.122   10.041  1.00 16.34 ? 253 LEU A CA  1 
ATOM   886  C C   . LEU A 1 130 ? 6.265   1.315   9.504   1.00 17.13 ? 253 LEU A C   1 
ATOM   887  O O   . LEU A 1 130 ? 6.124   2.328   10.194  1.00 15.60 ? 253 LEU A O   1 
ATOM   888  C CB  . LEU A 1 130 ? 8.552   0.245   9.652   1.00 17.52 ? 253 LEU A CB  1 
ATOM   889  C CG  . LEU A 1 130 ? 9.572   -0.601  10.420  1.00 18.11 ? 253 LEU A CG  1 
ATOM   890  C CD1 . LEU A 1 130 ? 10.895  -0.689  9.688   1.00 19.20 ? 253 LEU A CD1 1 
ATOM   891  C CD2 . LEU A 1 130 ? 9.812   -0.043  11.802  1.00 18.70 ? 253 LEU A CD2 1 
ATOM   892  N N   . TYR A 1 131 ? 5.744   1.204   8.280   1.00 15.99 ? 254 TYR A N   1 
ATOM   893  C CA  . TYR A 1 131 ? 4.858   2.253   7.764   1.00 16.34 ? 254 TYR A CA  1 
ATOM   894  C C   . TYR A 1 131 ? 3.511   2.281   8.491   1.00 16.56 ? 254 TYR A C   1 
ATOM   895  O O   . TYR A 1 131 ? 2.942   3.376   8.749   1.00 16.18 ? 254 TYR A O   1 
ATOM   896  C CB  . TYR A 1 131 ? 4.671   2.138   6.227   1.00 16.75 ? 254 TYR A CB  1 
ATOM   897  C CG  . TYR A 1 131 ? 5.949   2.402   5.440   1.00 16.28 ? 254 TYR A CG  1 
ATOM   898  C CD1 . TYR A 1 131 ? 6.628   3.614   5.553   1.00 16.33 ? 254 TYR A CD1 1 
ATOM   899  C CD2 . TYR A 1 131 ? 6.477   1.438   4.601   1.00 16.18 ? 254 TYR A CD2 1 
ATOM   900  C CE1 . TYR A 1 131 ? 7.803   3.856   4.843   1.00 16.34 ? 254 TYR A CE1 1 
ATOM   901  C CE2 . TYR A 1 131 ? 7.632   1.656   3.875   1.00 17.17 ? 254 TYR A CE2 1 
ATOM   902  C CZ  . TYR A 1 131 ? 8.301   2.868   3.995   1.00 17.67 ? 254 TYR A CZ  1 
ATOM   903  O OH  . TYR A 1 131 ? 9.459   3.056   3.274   1.00 16.78 ? 254 TYR A OH  1 
ATOM   904  N N   . ALA A 1 132 ? 2.971   1.095   8.817   1.00 16.69 ? 255 ALA A N   1 
ATOM   905  C CA  . ALA A 1 132 ? 1.690   1.050   9.490   1.00 16.14 ? 255 ALA A CA  1 
ATOM   906  C C   . ALA A 1 132 ? 1.861   1.607   10.900  1.00 17.95 ? 255 ALA A C   1 
ATOM   907  O O   . ALA A 1 132 ? 1.009   2.360   11.394  1.00 16.51 ? 255 ALA A O   1 
ATOM   908  C CB  . ALA A 1 132 ? 1.155   -0.373  9.532   1.00 19.04 ? 255 ALA A CB  1 
ATOM   909  N N   . VAL A 1 133 ? 2.968   1.242   11.554  1.00 17.27 ? 256 VAL A N   1 
ATOM   910  C CA  . VAL A 1 133 ? 3.260   1.798   12.869  1.00 16.74 ? 256 VAL A CA  1 
ATOM   911  C C   . VAL A 1 133 ? 3.439   3.319   12.816  1.00 16.92 ? 256 VAL A C   1 
ATOM   912  O O   . VAL A 1 133 ? 2.765   4.045   13.547  1.00 15.54 ? 256 VAL A O   1 
ATOM   913  C CB  . VAL A 1 133 ? 4.492   1.133   13.535  1.00 16.83 ? 256 VAL A CB  1 
ATOM   914  C CG1 . VAL A 1 133 ? 4.837   1.848   14.847  1.00 17.47 ? 256 VAL A CG1 1 
ATOM   915  C CG2 . VAL A 1 133 ? 4.227   -0.351  13.817  1.00 16.17 ? 256 VAL A CG2 1 
ATOM   916  N N   . HIS A 1 134 ? 4.361   3.789   11.975  1.00 18.37 ? 257 HIS A N   1 
ATOM   917  C CA  . HIS A 1 134 ? 4.612   5.237   11.752  1.00 17.52 ? 257 HIS A CA  1 
ATOM   918  C C   . HIS A 1 134 ? 3.311   6.049   11.520  1.00 17.53 ? 257 HIS A C   1 
ATOM   919  O O   . HIS A 1 134 ? 3.171   7.182   12.002  1.00 17.02 ? 257 HIS A O   1 
ATOM   920  C CB  . HIS A 1 134 ? 5.574   5.420   10.554  1.00 17.97 ? 257 HIS A CB  1 
ATOM   921  C CG  . HIS A 1 134 ? 6.122   6.803   10.431  1.00 19.47 ? 257 HIS A CG  1 
ATOM   922  N ND1 . HIS A 1 134 ? 5.536   7.761   9.641   1.00 21.65 ? 257 HIS A ND1 1 
ATOM   923  C CD2 . HIS A 1 134 ? 7.179   7.402   11.032  1.00 20.24 ? 257 HIS A CD2 1 
ATOM   924  C CE1 . HIS A 1 134 ? 6.222   8.887   9.739   1.00 21.20 ? 257 HIS A CE1 1 
ATOM   925  N NE2 . HIS A 1 134 ? 7.215   8.697   10.585  1.00 21.59 ? 257 HIS A NE2 1 
ATOM   926  N N   . GLY A 1 135 ? 2.368   5.476   10.776  1.00 16.11 ? 258 GLY A N   1 
ATOM   927  C CA  . GLY A 1 135 ? 1.121   6.133   10.500  1.00 16.77 ? 258 GLY A CA  1 
ATOM   928  C C   . GLY A 1 135 ? 0.056   5.991   11.587  1.00 19.69 ? 258 GLY A C   1 
ATOM   929  O O   . GLY A 1 135 ? -1.029  6.545   11.463  1.00 20.50 ? 258 GLY A O   1 
ATOM   930  N N   . ASN A 1 136 ? 0.352   5.230   12.640  1.00 19.63 ? 259 ASN A N   1 
ATOM   931  C CA  . ASN A 1 136 ? -0.600  4.937   13.707  1.00 19.49 ? 259 ASN A CA  1 
ATOM   932  C C   . ASN A 1 136 ? -1.856  4.278   13.189  1.00 19.55 ? 259 ASN A C   1 
ATOM   933  O O   . ASN A 1 136 ? -2.975  4.634   13.597  1.00 20.07 ? 259 ASN A O   1 
ATOM   934  C CB  . ASN A 1 136 ? -0.961  6.191   14.511  1.00 19.80 ? 259 ASN A CB  1 
ATOM   935  C CG  . ASN A 1 136 ? -1.603  5.856   15.854  1.00 20.45 ? 259 ASN A CG  1 
ATOM   936  O OD1 . ASN A 1 136 ? -1.654  4.706   16.285  1.00 19.71 ? 259 ASN A OD1 1 
ATOM   937  N ND2 . ASN A 1 136 ? -2.074  6.874   16.530  1.00 20.20 ? 259 ASN A ND2 1 
ATOM   938  N N   . HIS A 1 137 ? -1.665  3.311   12.298  1.00 19.65 ? 260 HIS A N   1 
ATOM   939  C CA  . HIS A 1 137 ? -2.783  2.537   11.705  1.00 18.55 ? 260 HIS A CA  1 
ATOM   940  C C   . HIS A 1 137 ? -2.885  1.200   12.398  1.00 17.45 ? 260 HIS A C   1 
ATOM   941  O O   . HIS A 1 137 ? -2.296  0.234   11.967  1.00 17.70 ? 260 HIS A O   1 
ATOM   942  C CB  . HIS A 1 137 ? -2.576  2.365   10.192  1.00 19.03 ? 260 HIS A CB  1 
ATOM   943  C CG  . HIS A 1 137 ? -2.420  3.660   9.466   1.00 18.59 ? 260 HIS A CG  1 
ATOM   944  N ND1 . HIS A 1 137 ? -3.316  4.706   9.608   1.00 20.17 ? 260 HIS A ND1 1 
ATOM   945  C CD2 . HIS A 1 137 ? -1.479  4.085   8.585   1.00 19.20 ? 260 HIS A CD2 1 
ATOM   946  C CE1 . HIS A 1 137 ? -2.929  5.722   8.850   1.00 18.46 ? 260 HIS A CE1 1 
ATOM   947  N NE2 . HIS A 1 137 ? -1.824  5.368   8.215   1.00 19.60 ? 260 HIS A NE2 1 
ATOM   948  N N   . VAL A 1 138 ? -3.667  1.159   13.460  1.00 19.79 ? 261 VAL A N   1 
ATOM   949  C CA  . VAL A 1 138 ? -3.720  0.028   14.381  1.00 23.55 ? 261 VAL A CA  1 
ATOM   950  C C   . VAL A 1 138 ? -4.196  -1.278  13.702  1.00 21.94 ? 261 VAL A C   1 
ATOM   951  O O   . VAL A 1 138 ? -3.605  -2.359  13.902  1.00 21.70 ? 261 VAL A O   1 
ATOM   952  C CB  . VAL A 1 138 ? -4.652  0.334   15.591  1.00 25.09 ? 261 VAL A CB  1 
ATOM   953  C CG1 . VAL A 1 138 ? -4.732  -0.885  16.503  1.00 27.80 ? 261 VAL A CG1 1 
ATOM   954  C CG2 . VAL A 1 138 ? -4.130  1.519   16.395  1.00 27.18 ? 261 VAL A CG2 1 
ATOM   955  N N   . LYS A 1 139 ? -5.272  -1.191  12.933  1.00 21.45 ? 262 LYS A N   1 
ATOM   956  C CA  . LYS A 1 139 ? -5.824  -2.389  12.317  1.00 23.03 ? 262 LYS A CA  1 
ATOM   957  C C   . LYS A 1 139 ? -4.805  -2.965  11.349  1.00 22.56 ? 262 LYS A C   1 
ATOM   958  O O   . LYS A 1 139 ? -4.596  -4.183  11.320  1.00 23.37 ? 262 LYS A O   1 
ATOM   959  C CB  . LYS A 1 139 ? -7.159  -2.120  11.624  1.00 22.32 ? 262 LYS A CB  1 
ATOM   960  C CG  . LYS A 1 139 ? -8.291  -1.808  12.576  1.00 23.72 ? 262 LYS A CG  1 
ATOM   961  N N   . CYS A 1 140 ? -4.112  -2.109  10.597  1.00 20.96 ? 263 CYS A N   1 
ATOM   962  C CA  . CYS A 1 140 ? -3.081  -2.624  9.685   1.00 20.77 ? 263 CYS A CA  1 
ATOM   963  C C   . CYS A 1 140 ? -1.983  -3.292  10.477  1.00 18.31 ? 263 CYS A C   1 
ATOM   964  O O   . CYS A 1 140 ? -1.489  -4.337  10.088  1.00 19.20 ? 263 CYS A O   1 
ATOM   965  C CB  . CYS A 1 140 ? -2.479  -1.547  8.781   1.00 21.11 ? 263 CYS A CB  1 
ATOM   966  S SG  . CYS A 1 140 ? -3.627  -0.913  7.546   1.00 28.43 ? 263 CYS A SG  1 
ATOM   967  N N   . VAL A 1 141 ? -1.581  -2.699  11.594  1.00 17.40 ? 264 VAL A N   1 
ATOM   968  C CA  . VAL A 1 141 ? -0.502  -3.268  12.354  1.00 17.84 ? 264 VAL A CA  1 
ATOM   969  C C   . VAL A 1 141 ? -0.918  -4.669  12.809  1.00 19.89 ? 264 VAL A C   1 
ATOM   970  O O   . VAL A 1 141 ? -0.159  -5.632  12.642  1.00 17.54 ? 264 VAL A O   1 
ATOM   971  C CB  . VAL A 1 141 ? -0.136  -2.359  13.531  1.00 19.74 ? 264 VAL A CB  1 
ATOM   972  C CG1 . VAL A 1 141 ? 0.681   -3.098  14.586  1.00 20.79 ? 264 VAL A CG1 1 
ATOM   973  C CG2 . VAL A 1 141 ? 0.599   -1.121  13.014  1.00 18.72 ? 264 VAL A CG2 1 
ATOM   974  N N   . LYS A 1 142 ? -2.126  -4.782  13.360  1.00 22.45 ? 265 LYS A N   1 
ATOM   975  C CA  . LYS A 1 142 ? -2.640  -6.072  13.837  1.00 25.40 ? 265 LYS A CA  1 
ATOM   976  C C   . LYS A 1 142 ? -2.630  -7.100  12.703  1.00 22.94 ? 265 LYS A C   1 
ATOM   977  O O   . LYS A 1 142 ? -2.048  -8.195  12.821  1.00 20.52 ? 265 LYS A O   1 
ATOM   978  C CB  . LYS A 1 142 ? -4.049  -5.871  14.401  1.00 31.35 ? 265 LYS A CB  1 
ATOM   979  C CG  . LYS A 1 142 ? -4.773  -7.128  14.865  1.00 39.37 ? 265 LYS A CG  1 
ATOM   980  C CD  . LYS A 1 142 ? -4.321  -7.569  16.244  1.00 46.32 ? 265 LYS A CD  1 
ATOM   981  C CE  . LYS A 1 142 ? -4.963  -8.888  16.660  1.00 44.79 ? 265 LYS A CE  1 
ATOM   982  N NZ  . LYS A 1 142 ? -6.240  -8.690  17.375  1.00 46.62 ? 265 LYS A NZ  1 
ATOM   983  N N   . MET A 1 143 ? -3.235  -6.742  11.579  1.00 20.33 ? 266 MET A N   1 
ATOM   984  C CA  . MET A 1 143 ? -3.308  -7.688  10.488  1.00 21.46 ? 266 MET A CA  1 
ATOM   985  C C   . MET A 1 143 ? -1.913  -8.118  10.064  1.00 20.82 ? 266 MET A C   1 
ATOM   986  O O   . MET A 1 143 ? -1.670  -9.319  9.774   1.00 17.99 ? 266 MET A O   1 
ATOM   987  C CB  . MET A 1 143 ? -4.020  -7.091  9.275   1.00 23.79 ? 266 MET A CB  1 
ATOM   988  C CG  . MET A 1 143 ? -5.537  -6.995  9.376   1.00 27.80 ? 266 MET A CG  1 
ATOM   989  S SD  . MET A 1 143 ? -6.136  -6.528  7.741   1.00 29.78 ? 266 MET A SD  1 
ATOM   990  C CE  . MET A 1 143 ? -5.880  -4.775  7.808   1.00 34.36 ? 266 MET A CE  1 
ATOM   991  N N   . LEU A 1 144 ? -0.989  -7.151  9.999   1.00 18.07 ? 267 LEU A N   1 
ATOM   992  C CA  . LEU A 1 144 ? 0.355   -7.460  9.498   1.00 18.40 ? 267 LEU A CA  1 
ATOM   993  C C   . LEU A 1 144 ? 1.093   -8.396  10.429  1.00 19.22 ? 267 LEU A C   1 
ATOM   994  O O   . LEU A 1 144 ? 1.722   -9.352  9.977   1.00 15.79 ? 267 LEU A O   1 
ATOM   995  C CB  . LEU A 1 144 ? 1.177   -6.202  9.309   1.00 20.95 ? 267 LEU A CB  1 
ATOM   996  C CG  . LEU A 1 144 ? 0.789   -5.332  8.121   1.00 20.90 ? 267 LEU A CG  1 
ATOM   997  C CD1 . LEU A 1 144 ? 1.383   -3.946  8.319   1.00 21.97 ? 267 LEU A CD1 1 
ATOM   998  C CD2 . LEU A 1 144 ? 1.276   -5.966  6.824   1.00 21.26 ? 267 LEU A CD2 1 
ATOM   999  N N   . LEU A 1 145 ? 1.004   -8.129  11.733  1.00 19.40 ? 268 LEU A N   1 
ATOM   1000 C CA  . LEU A 1 145 ? 1.604   -9.015  12.741  1.00 19.39 ? 268 LEU A CA  1 
ATOM   1001 C C   . LEU A 1 145 ? 1.046   -10.437 12.618  1.00 21.63 ? 268 LEU A C   1 
ATOM   1002 O O   . LEU A 1 145 ? 1.802   -11.409 12.649  1.00 20.79 ? 268 LEU A O   1 
ATOM   1003 C CB  . LEU A 1 145 ? 1.361   -8.477  14.140  1.00 18.86 ? 268 LEU A CB  1 
ATOM   1004 C CG  . LEU A 1 145 ? 2.155   -7.207  14.517  1.00 19.81 ? 268 LEU A CG  1 
ATOM   1005 C CD1 . LEU A 1 145 ? 1.598   -6.643  15.795  1.00 19.48 ? 268 LEU A CD1 1 
ATOM   1006 C CD2 . LEU A 1 145 ? 3.644   -7.468  14.658  1.00 18.71 ? 268 LEU A CD2 1 
ATOM   1007 N N   . GLU A 1 146 ? -0.262  -10.541 12.417  1.00 22.23 ? 269 GLU A N   1 
ATOM   1008 C CA  . GLU A 1 146 ? -0.887  -11.840 12.206  1.00 25.42 ? 269 GLU A CA  1 
ATOM   1009 C C   . GLU A 1 146 ? -0.488  -12.550 10.913  1.00 22.59 ? 269 GLU A C   1 
ATOM   1010 O O   . GLU A 1 146 ? -0.578  -13.750 10.872  1.00 20.95 ? 269 GLU A O   1 
ATOM   1011 C CB  . GLU A 1 146 ? -2.392  -11.718 12.317  1.00 28.73 ? 269 GLU A CB  1 
ATOM   1012 C CG  . GLU A 1 146 ? -2.795  -11.400 13.740  1.00 35.39 ? 269 GLU A CG  1 
ATOM   1013 C CD  . GLU A 1 146 ? -4.279  -11.177 13.896  1.00 44.18 ? 269 GLU A CD  1 
ATOM   1014 O OE1 . GLU A 1 146 ? -4.926  -10.747 12.911  1.00 50.62 ? 269 GLU A OE1 1 
ATOM   1015 O OE2 . GLU A 1 146 ? -4.781  -11.413 15.014  1.00 53.94 ? 269 GLU A OE2 1 
ATOM   1016 N N   . SER A 1 147 ? -0.029  -11.824 9.888   1.00 20.40 ? 270 SER A N   1 
ATOM   1017 C CA  . SER A 1 147 ? 0.532   -12.436 8.701   1.00 18.56 ? 270 SER A CA  1 
ATOM   1018 C C   . SER A 1 147 ? 2.030   -12.596 8.707   1.00 18.66 ? 270 SER A C   1 
ATOM   1019 O O   . SER A 1 147 ? 2.616   -12.848 7.664   1.00 19.78 ? 270 SER A O   1 
ATOM   1020 C CB  . SER A 1 147 ? 0.123   -11.665 7.467   1.00 20.75 ? 270 SER A CB  1 
ATOM   1021 O OG  . SER A 1 147 ? -1.285  -11.572 7.459   1.00 23.88 ? 270 SER A OG  1 
ATOM   1022 N N   . GLY A 1 148 ? 2.660   -12.484 9.872   1.00 18.38 ? 271 GLY A N   1 
ATOM   1023 C CA  . GLY A 1 148 ? 4.075   -12.794 10.023  1.00 16.81 ? 271 GLY A CA  1 
ATOM   1024 C C   . GLY A 1 148 ? 5.028   -11.610 9.950   1.00 17.55 ? 271 GLY A C   1 
ATOM   1025 O O   . GLY A 1 148 ? 6.233   -11.807 9.821   1.00 16.50 ? 271 GLY A O   1 
ATOM   1026 N N   . ALA A 1 149 ? 4.505   -10.385 10.045  1.00 17.34 ? 272 ALA A N   1 
ATOM   1027 C CA  . ALA A 1 149 ? 5.357   -9.188  9.995   1.00 17.92 ? 272 ALA A CA  1 
ATOM   1028 C C   . ALA A 1 149 ? 6.247   -9.154  11.245  1.00 17.49 ? 272 ALA A C   1 
ATOM   1029 O O   . ALA A 1 149 ? 5.783   -9.324  12.365  1.00 19.26 ? 272 ALA A O   1 
ATOM   1030 C CB  . ALA A 1 149 ? 4.511   -7.922  9.906   1.00 18.77 ? 272 ALA A CB  1 
ATOM   1031 N N   . ASP A 1 150 ? 7.522   -8.927  11.003  1.00 17.04 ? 273 ASP A N   1 
ATOM   1032 C CA  . ASP A 1 150 ? 8.554   -8.953  11.986  1.00 17.46 ? 273 ASP A CA  1 
ATOM   1033 C C   . ASP A 1 150 ? 8.742   -7.581  12.592  1.00 18.25 ? 273 ASP A C   1 
ATOM   1034 O O   . ASP A 1 150 ? 9.253   -6.662  11.924  1.00 18.82 ? 273 ASP A O   1 
ATOM   1035 C CB  . ASP A 1 150 ? 9.841   -9.406  11.303  1.00 17.86 ? 273 ASP A CB  1 
ATOM   1036 C CG  . ASP A 1 150 ? 10.970  -9.597  12.265  1.00 17.66 ? 273 ASP A CG  1 
ATOM   1037 O OD1 . ASP A 1 150 ? 10.923  -8.986  13.352  1.00 17.48 ? 273 ASP A OD1 1 
ATOM   1038 O OD2 . ASP A 1 150 ? 11.941  -10.321 11.892  1.00 16.90 ? 273 ASP A OD2 1 
ATOM   1039 N N   . PRO A 1 151 ? 8.376   -7.440  13.883  1.00 19.45 ? 274 PRO A N   1 
ATOM   1040 C CA  . PRO A 1 151 ? 8.488   -6.179  14.618  1.00 18.61 ? 274 PRO A CA  1 
ATOM   1041 C C   . PRO A 1 151 ? 9.915   -5.789  15.056  1.00 18.45 ? 274 PRO A C   1 
ATOM   1042 O O   . PRO A 1 151 ? 10.125  -4.652  15.499  1.00 17.21 ? 274 PRO A O   1 
ATOM   1043 C CB  . PRO A 1 151 ? 7.588   -6.433  15.833  1.00 20.77 ? 274 PRO A CB  1 
ATOM   1044 C CG  . PRO A 1 151 ? 7.739   -7.891  16.086  1.00 20.17 ? 274 PRO A CG  1 
ATOM   1045 C CD  . PRO A 1 151 ? 7.747   -8.491  14.712  1.00 20.30 ? 274 PRO A CD  1 
ATOM   1046 N N   . THR A 1 152 ? 10.890  -6.690  14.877  1.00 18.19 ? 275 THR A N   1 
ATOM   1047 C CA  . THR A 1 152 ? 12.285  -6.430  15.266  1.00 17.06 ? 275 THR A CA  1 
ATOM   1048 C C   . THR A 1 152 ? 13.108  -5.758  14.160  1.00 17.13 ? 275 THR A C   1 
ATOM   1049 O O   . THR A 1 152 ? 14.205  -5.279  14.413  1.00 17.35 ? 275 THR A O   1 
ATOM   1050 C CB  . THR A 1 152 ? 13.000  -7.735  15.697  1.00 17.44 ? 275 THR A CB  1 
ATOM   1051 O OG1 . THR A 1 152 ? 13.310  -8.543  14.562  1.00 17.72 ? 275 THR A OG1 1 
ATOM   1052 C CG2 . THR A 1 152 ? 12.135  -8.539  16.660  1.00 18.05 ? 275 THR A CG2 1 
ATOM   1053 N N   . ILE A 1 153 ? 12.596  -5.742  12.933  1.00 18.57 ? 276 ILE A N   1 
ATOM   1054 C CA  . ILE A 1 153 ? 13.296  -5.094  11.815  1.00 17.87 ? 276 ILE A CA  1 
ATOM   1055 C C   . ILE A 1 153 ? 13.331  -3.579  12.092  1.00 18.01 ? 276 ILE A C   1 
ATOM   1056 O O   . ILE A 1 153 ? 12.325  -2.999  12.528  1.00 18.55 ? 276 ILE A O   1 
ATOM   1057 C CB  . ILE A 1 153 ? 12.611  -5.380  10.446  1.00 18.55 ? 276 ILE A CB  1 
ATOM   1058 C CG1 A ILE A 1 153 ? 12.585  -6.880  10.134  0.60 20.14 ? 276 ILE A CG1 1 
ATOM   1059 C CG1 B ILE A 1 153 ? 12.631  -6.874  10.091  0.40 18.46 ? 276 ILE A CG1 1 
ATOM   1060 C CG2 . ILE A 1 153 ? 13.284  -4.609  9.336   1.00 19.22 ? 276 ILE A CG2 1 
ATOM   1061 C CD1 A ILE A 1 153 ? 13.936  -7.543  9.985   0.60 21.20 ? 276 ILE A CD1 1 
ATOM   1062 C CD1 B ILE A 1 153 ? 11.914  -7.227  8.787   0.40 17.84 ? 276 ILE A CD1 1 
ATOM   1063 N N   . GLU A 1 154 ? 14.480  -2.955  11.832  1.00 17.48 ? 277 GLU A N   1 
ATOM   1064 C CA  . GLU A 1 154 ? 14.750  -1.554  12.172  1.00 18.03 ? 277 GLU A CA  1 
ATOM   1065 C C   . GLU A 1 154 ? 14.801  -0.609  10.978  1.00 16.81 ? 277 GLU A C   1 
ATOM   1066 O O   . GLU A 1 154 ? 15.240  -0.959  9.905   1.00 14.37 ? 277 GLU A O   1 
ATOM   1067 C CB  . GLU A 1 154 ? 16.089  -1.467  12.951  1.00 18.63 ? 277 GLU A CB  1 
ATOM   1068 C CG  . GLU A 1 154 ? 15.956  -1.966  14.392  1.00 19.22 ? 277 GLU A CG  1 
ATOM   1069 C CD  . GLU A 1 154 ? 17.281  -2.056  15.130  1.00 20.35 ? 277 GLU A CD  1 
ATOM   1070 O OE1 . GLU A 1 154 ? 18.276  -1.582  14.596  1.00 23.32 ? 277 GLU A OE1 1 
ATOM   1071 O OE2 . GLU A 1 154 ? 17.327  -2.596  16.239  1.00 22.68 ? 277 GLU A OE2 1 
ATOM   1072 N N   . THR A 1 155 ? 14.355  0.615   11.191  1.00 19.53 ? 278 THR A N   1 
ATOM   1073 C CA  . THR A 1 155 ? 14.626  1.691   10.239  1.00 19.75 ? 278 THR A CA  1 
ATOM   1074 C C   . THR A 1 155 ? 16.118  2.006   10.169  1.00 21.91 ? 278 THR A C   1 
ATOM   1075 O O   . THR A 1 155 ? 16.901  1.493   10.939  1.00 19.03 ? 278 THR A O   1 
ATOM   1076 C CB  . THR A 1 155 ? 13.929  2.994   10.645  1.00 19.28 ? 278 THR A CB  1 
ATOM   1077 O OG1 . THR A 1 155 ? 14.432  3.428   11.909  1.00 17.60 ? 278 THR A OG1 1 
ATOM   1078 C CG2 . THR A 1 155 ? 12.448  2.787   10.731  1.00 19.55 ? 278 THR A CG2 1 
ATOM   1079 N N   . ASP A 1 156 ? 16.485  2.855   9.215   1.00 23.18 ? 279 ASP A N   1 
ATOM   1080 C CA  . ASP A 1 156 ? 17.818  3.379   9.099   1.00 26.50 ? 279 ASP A CA  1 
ATOM   1081 C C   . ASP A 1 156 ? 18.326  3.968   10.405  1.00 24.41 ? 279 ASP A C   1 
ATOM   1082 O O   . ASP A 1 156 ? 19.483  3.832   10.685  1.00 25.40 ? 279 ASP A O   1 
ATOM   1083 C CB  . ASP A 1 156 ? 17.877  4.515   8.055   1.00 32.92 ? 279 ASP A CB  1 
ATOM   1084 C CG  . ASP A 1 156 ? 17.569  4.054   6.658   1.00 37.35 ? 279 ASP A CG  1 
ATOM   1085 O OD1 . ASP A 1 156 ? 17.662  2.826   6.393   1.00 41.31 ? 279 ASP A OD1 1 
ATOM   1086 O OD2 . ASP A 1 156 ? 17.229  4.936   5.825   1.00 45.47 ? 279 ASP A OD2 1 
ATOM   1087 N N   . SER A 1 157 ? 17.482  4.630   11.195  1.00 24.17 ? 280 SER A N   1 
ATOM   1088 C CA  . SER A 1 157 ? 17.947  5.242   12.470  1.00 25.68 ? 280 SER A CA  1 
ATOM   1089 C C   . SER A 1 157 ? 18.015  4.264   13.666  1.00 23.34 ? 280 SER A C   1 
ATOM   1090 O O   . SER A 1 157 ? 18.278  4.692   14.791  1.00 21.53 ? 280 SER A O   1 
ATOM   1091 C CB  . SER A 1 157 ? 17.018  6.394   12.896  1.00 26.47 ? 280 SER A CB  1 
ATOM   1092 O OG  . SER A 1 157 ? 16.836  7.309   11.851  1.00 29.19 ? 280 SER A OG  1 
ATOM   1093 N N   . GLY A 1 158 ? 17.698  2.989   13.444  1.00 21.51 ? 281 GLY A N   1 
ATOM   1094 C CA  . GLY A 1 158 ? 17.778  1.980   14.500  1.00 19.90 ? 281 GLY A CA  1 
ATOM   1095 C C   . GLY A 1 158 ? 16.458  1.652   15.167  1.00 19.51 ? 281 GLY A C   1 
ATOM   1096 O O   . GLY A 1 158 ? 16.450  0.824   16.081  1.00 18.05 ? 281 GLY A O   1 
ATOM   1097 N N   . TYR A 1 159 ? 15.349  2.235   14.692  1.00 16.19 ? 282 TYR A N   1 
ATOM   1098 C CA  . TYR A 1 159 ? 14.013  2.000   15.281  1.00 16.65 ? 282 TYR A CA  1 
ATOM   1099 C C   . TYR A 1 159 ? 13.258  0.774   14.727  1.00 16.94 ? 282 TYR A C   1 
ATOM   1100 O O   . TYR A 1 159 ? 12.904  0.712   13.529  1.00 16.03 ? 282 TYR A O   1 
ATOM   1101 C CB  . TYR A 1 159 ? 13.089  3.247   15.150  1.00 16.24 ? 282 TYR A CB  1 
ATOM   1102 C CG  . TYR A 1 159 ? 13.585  4.451   15.926  1.00 16.19 ? 282 TYR A CG  1 
ATOM   1103 C CD1 . TYR A 1 159 ? 14.747  5.093   15.540  1.00 17.40 ? 282 TYR A CD1 1 
ATOM   1104 C CD2 . TYR A 1 159 ? 12.936  4.913   17.072  1.00 16.06 ? 282 TYR A CD2 1 
ATOM   1105 C CE1 . TYR A 1 159 ? 15.228  6.178   16.242  1.00 17.70 ? 282 TYR A CE1 1 
ATOM   1106 C CE2 . TYR A 1 159 ? 13.419  6.008   17.787  1.00 14.66 ? 282 TYR A CE2 1 
ATOM   1107 C CZ  . TYR A 1 159 ? 14.545  6.645   17.349  1.00 15.94 ? 282 TYR A CZ  1 
ATOM   1108 O OH  . TYR A 1 159 ? 15.090  7.722   17.991  1.00 18.66 ? 282 TYR A OH  1 
ATOM   1109 N N   . ASN A 1 160 ? 13.013  -0.195  15.606  1.00 15.94 ? 283 ASN A N   1 
ATOM   1110 C CA  . ASN A 1 160 ? 12.101  -1.282  15.295  1.00 17.18 ? 283 ASN A CA  1 
ATOM   1111 C C   . ASN A 1 160 ? 10.661  -0.802  15.531  1.00 16.03 ? 283 ASN A C   1 
ATOM   1112 O O   . ASN A 1 160 ? 10.428  0.388   15.838  1.00 16.58 ? 283 ASN A O   1 
ATOM   1113 C CB  . ASN A 1 160 ? 12.481  -2.603  16.015  1.00 17.75 ? 283 ASN A CB  1 
ATOM   1114 C CG  . ASN A 1 160 ? 12.330  -2.556  17.539  1.00 17.78 ? 283 ASN A CG  1 
ATOM   1115 O OD1 . ASN A 1 160 ? 11.350  -2.007  18.092  1.00 16.36 ? 283 ASN A OD1 1 
ATOM   1116 N ND2 . ASN A 1 160 ? 13.310  -3.179  18.235  1.00 16.66 ? 283 ASN A ND2 1 
ATOM   1117 N N   . SER A 1 161 ? 9.696   -1.679  15.311  1.00 14.29 ? 284 SER A N   1 
ATOM   1118 C CA  . SER A 1 161 ? 8.305   -1.285  15.391  1.00 14.41 ? 284 SER A CA  1 
ATOM   1119 C C   . SER A 1 161 ? 7.886   -0.837  16.785  1.00 14.60 ? 284 SER A C   1 
ATOM   1120 O O   . SER A 1 161 ? 7.059   0.104   16.925  1.00 15.63 ? 284 SER A O   1 
ATOM   1121 C CB  . SER A 1 161 ? 7.413   -2.402  14.845  1.00 15.43 ? 284 SER A CB  1 
ATOM   1122 O OG  . SER A 1 161 ? 7.673   -2.539  13.441  1.00 16.89 ? 284 SER A OG  1 
ATOM   1123 N N   . MET A 1 162 ? 8.441   -1.482  17.817  1.00 14.14 ? 285 MET A N   1 
ATOM   1124 C CA  . MET A 1 162 ? 8.111   -1.088  19.167  1.00 17.02 ? 285 MET A CA  1 
ATOM   1125 C C   . MET A 1 162 ? 8.780   0.236   19.475  1.00 17.24 ? 285 MET A C   1 
ATOM   1126 O O   . MET A 1 162 ? 8.139   1.112   20.039  1.00 16.00 ? 285 MET A O   1 
ATOM   1127 C CB  . MET A 1 162 ? 8.529   -2.124  20.223  1.00 18.75 ? 285 MET A CB  1 
ATOM   1128 C CG  . MET A 1 162 ? 8.085   -1.746  21.643  1.00 19.34 ? 285 MET A CG  1 
ATOM   1129 S SD  . MET A 1 162 ? 6.299   -1.731  21.798  1.00 23.60 ? 285 MET A SD  1 
ATOM   1130 C CE  . MET A 1 162 ? 6.062   -3.418  22.366  1.00 25.84 ? 285 MET A CE  1 
ATOM   1131 N N   . ASP A 1 163 ? 10.062  0.366   19.117  1.00 16.88 ? 286 ASP A N   1 
ATOM   1132 C CA  . ASP A 1 163 ? 10.765  1.631   19.283  1.00 16.79 ? 286 ASP A CA  1 
ATOM   1133 C C   . ASP A 1 163 ? 9.997   2.818   18.670  1.00 18.23 ? 286 ASP A C   1 
ATOM   1134 O O   . ASP A 1 163 ? 9.892   3.893   19.294  1.00 15.88 ? 286 ASP A O   1 
ATOM   1135 C CB  . ASP A 1 163 ? 12.134  1.580   18.635  1.00 16.91 ? 286 ASP A CB  1 
ATOM   1136 C CG  . ASP A 1 163 ? 13.032  0.518   19.231  1.00 17.41 ? 286 ASP A CG  1 
ATOM   1137 O OD1 . ASP A 1 163 ? 12.842  0.149   20.434  1.00 18.21 ? 286 ASP A OD1 1 
ATOM   1138 O OD2 . ASP A 1 163 ? 13.935  0.074   18.461  1.00 15.19 ? 286 ASP A OD2 1 
ATOM   1139 N N   . LEU A 1 164 ? 9.472   2.636   17.447  1.00 18.15 ? 287 LEU A N   1 
ATOM   1140 C CA  . LEU A 1 164 ? 8.727   3.712   16.797  1.00 16.70 ? 287 LEU A CA  1 
ATOM   1141 C C   . LEU A 1 164 ? 7.451   3.986   17.537  1.00 17.20 ? 287 LEU A C   1 
ATOM   1142 O O   . LEU A 1 164 ? 7.079   5.146   17.740  1.00 16.43 ? 287 LEU A O   1 
ATOM   1143 C CB  . LEU A 1 164 ? 8.348   3.363   15.364  1.00 18.15 ? 287 LEU A CB  1 
ATOM   1144 C CG  . LEU A 1 164 ? 9.284   3.593   14.194  1.00 17.93 ? 287 LEU A CG  1 
ATOM   1145 C CD1 . LEU A 1 164 ? 8.513   3.423   12.896  1.00 17.27 ? 287 LEU A CD1 1 
ATOM   1146 C CD2 . LEU A 1 164 ? 9.977   4.951   14.232  1.00 17.61 ? 287 LEU A CD2 1 
ATOM   1147 N N   . ALA A 1 165 ? 6.759   2.910   17.923  1.00 17.59 ? 288 ALA A N   1 
ATOM   1148 C CA  . ALA A 1 165 ? 5.488   3.048   18.636  1.00 19.48 ? 288 ALA A CA  1 
ATOM   1149 C C   . ALA A 1 165 ? 5.685   3.772   19.977  1.00 20.75 ? 288 ALA A C   1 
ATOM   1150 O O   . ALA A 1 165 ? 4.855   4.569   20.400  1.00 21.27 ? 288 ALA A O   1 
ATOM   1151 C CB  . ALA A 1 165 ? 4.856   1.688   18.860  1.00 19.62 ? 288 ALA A CB  1 
ATOM   1152 N N   . VAL A 1 166 ? 6.789   3.467   20.647  1.00 20.72 ? 289 VAL A N   1 
ATOM   1153 C CA  . VAL A 1 166 ? 7.097   4.094   21.925  1.00 20.29 ? 289 VAL A CA  1 
ATOM   1154 C C   . VAL A 1 166 ? 7.466   5.545   21.729  1.00 20.12 ? 289 VAL A C   1 
ATOM   1155 O O   . VAL A 1 166 ? 6.835   6.429   22.304  1.00 18.60 ? 289 VAL A O   1 
ATOM   1156 C CB  . VAL A 1 166 ? 8.244   3.381   22.647  1.00 20.66 ? 289 VAL A CB  1 
ATOM   1157 C CG1 . VAL A 1 166 ? 8.749   4.237   23.806  1.00 24.45 ? 289 VAL A CG1 1 
ATOM   1158 C CG2 . VAL A 1 166 ? 7.775   2.029   23.161  1.00 20.75 ? 289 VAL A CG2 1 
ATOM   1159 N N   . ALA A 1 167 ? 8.496   5.782   20.918  1.00 19.60 ? 290 ALA A N   1 
ATOM   1160 C CA  . ALA A 1 167 ? 8.959   7.140   20.662  1.00 20.02 ? 290 ALA A CA  1 
ATOM   1161 C C   . ALA A 1 167 ? 7.838   8.056   20.131  1.00 21.49 ? 290 ALA A C   1 
ATOM   1162 O O   . ALA A 1 167 ? 7.837   9.229   20.434  1.00 20.14 ? 290 ALA A O   1 
ATOM   1163 C CB  . ALA A 1 167 ? 10.137  7.130   19.713  1.00 18.95 ? 290 ALA A CB  1 
ATOM   1164 N N   . LEU A 1 168 ? 6.879   7.543   19.350  1.00 18.33 ? 291 LEU A N   1 
ATOM   1165 C CA  . LEU A 1 168 ? 5.926   8.435   18.741  1.00 18.11 ? 291 LEU A CA  1 
ATOM   1166 C C   . LEU A 1 168 ? 4.727   8.622   19.597  1.00 18.24 ? 291 LEU A C   1 
ATOM   1167 O O   . LEU A 1 168 ? 3.883   9.418   19.254  1.00 17.03 ? 291 LEU A O   1 
ATOM   1168 C CB  . LEU A 1 168 ? 5.498   7.938   17.361  1.00 20.00 ? 291 LEU A CB  1 
ATOM   1169 C CG  . LEU A 1 168 ? 6.616   7.866   16.325  1.00 21.63 ? 291 LEU A CG  1 
ATOM   1170 C CD1 . LEU A 1 168 ? 6.078   7.307   15.000  1.00 22.35 ? 291 LEU A CD1 1 
ATOM   1171 C CD2 . LEU A 1 168 ? 7.245   9.206   16.102  1.00 22.31 ? 291 LEU A CD2 1 
ATOM   1172 N N   . GLY A 1 169 ? 4.634   7.853   20.688  1.00 19.34 ? 292 GLY A N   1 
ATOM   1173 C CA  . GLY A 1 169 ? 3.548   7.983   21.660  1.00 17.19 ? 292 GLY A CA  1 
ATOM   1174 C C   . GLY A 1 169 ? 2.291   7.257   21.265  1.00 18.46 ? 292 GLY A C   1 
ATOM   1175 O O   . GLY A 1 169 ? 1.194   7.631   21.701  1.00 19.88 ? 292 GLY A O   1 
ATOM   1176 N N   . TYR A 1 170 ? 2.423   6.230   20.419  1.00 20.15 ? 293 TYR A N   1 
ATOM   1177 C CA  . TYR A 1 170 ? 1.251   5.523   19.908  1.00 20.42 ? 293 TYR A CA  1 
ATOM   1178 C C   . TYR A 1 170 ? 0.878   4.366   20.834  1.00 20.90 ? 293 TYR A C   1 
ATOM   1179 O O   . TYR A 1 170 ? 1.424   3.281   20.712  1.00 16.00 ? 293 TYR A O   1 
ATOM   1180 C CB  . TYR A 1 170 ? 1.465   5.022   18.476  1.00 20.75 ? 293 TYR A CB  1 
ATOM   1181 C CG  . TYR A 1 170 ? 1.712   6.094   17.424  1.00 19.70 ? 293 TYR A CG  1 
ATOM   1182 C CD1 . TYR A 1 170 ? 1.257   7.406   17.572  1.00 19.19 ? 293 TYR A CD1 1 
ATOM   1183 C CD2 . TYR A 1 170 ? 2.367   5.754   16.254  1.00 19.55 ? 293 TYR A CD2 1 
ATOM   1184 C CE1 . TYR A 1 170 ? 1.516   8.370   16.600  1.00 20.30 ? 293 TYR A CE1 1 
ATOM   1185 C CE2 . TYR A 1 170 ? 2.625   6.686   15.270  1.00 20.31 ? 293 TYR A CE2 1 
ATOM   1186 C CZ  . TYR A 1 170 ? 2.201   7.989   15.432  1.00 21.59 ? 293 TYR A CZ  1 
ATOM   1187 O OH  . TYR A 1 170 ? 2.478   8.857   14.396  1.00 21.93 ? 293 TYR A OH  1 
ATOM   1188 N N   . ARG A 1 171 ? -0.094  4.605   21.718  1.00 21.52 ? 294 ARG A N   1 
ATOM   1189 C CA  . ARG A 1 171 ? -0.351  3.704   22.836  1.00 23.50 ? 294 ARG A CA  1 
ATOM   1190 C C   . ARG A 1 171 ? -1.025  2.410   22.403  1.00 21.37 ? 294 ARG A C   1 
ATOM   1191 O O   . ARG A 1 171 ? -0.627  1.314   22.814  1.00 19.93 ? 294 ARG A O   1 
ATOM   1192 C CB  . ARG A 1 171 ? -1.140  4.429   23.925  1.00 28.38 ? 294 ARG A CB  1 
ATOM   1193 C CG  . ARG A 1 171 ? -0.379  5.625   24.477  1.00 36.09 ? 294 ARG A CG  1 
ATOM   1194 C CD  . ARG A 1 171 ? -1.055  6.296   25.661  1.00 44.16 ? 294 ARG A CD  1 
ATOM   1195 N NE  . ARG A 1 171 ? -2.366  6.860   25.318  1.00 51.14 ? 294 ARG A NE  1 
ATOM   1196 C CZ  . ARG A 1 171 ? -2.576  8.042   24.746  1.00 54.90 ? 294 ARG A CZ  1 
ATOM   1197 N NH1 . ARG A 1 171 ? -1.565  8.845   24.411  1.00 65.76 ? 294 ARG A NH1 1 
ATOM   1198 N NH2 . ARG A 1 171 ? -3.817  8.422   24.498  1.00 57.80 ? 294 ARG A NH2 1 
ATOM   1199 N N   . SER A 1 172 ? -2.009  2.528   21.540  1.00 19.01 ? 295 SER A N   1 
ATOM   1200 C CA  . SER A 1 172 ? -2.685  1.351   21.063  1.00 19.61 ? 295 SER A CA  1 
ATOM   1201 C C   . SER A 1 172 ? -1.752  0.464   20.224  1.00 21.27 ? 295 SER A C   1 
ATOM   1202 O O   . SER A 1 172 ? -1.776  -0.750  20.353  1.00 24.52 ? 295 SER A O   1 
ATOM   1203 C CB  A SER A 1 172 ? -3.906  1.759   20.254  0.50 20.26 ? 295 SER A CB  1 
ATOM   1204 C CB  B SER A 1 172 ? -3.937  1.730   20.302  0.50 19.21 ? 295 SER A CB  1 
ATOM   1205 O OG  A SER A 1 172 ? -4.600  0.629   19.791  0.50 20.40 ? 295 SER A OG  1 
ATOM   1206 O OG  B SER A 1 172 ? -4.765  2.492   21.155  0.50 17.55 ? 295 SER A OG  1 
ATOM   1207 N N   . VAL A 1 173 ? -0.898  1.069   19.411  1.00 19.07 ? 296 VAL A N   1 
ATOM   1208 C CA  . VAL A 1 173 ? 0.049   0.304   18.640  1.00 18.43 ? 296 VAL A CA  1 
ATOM   1209 C C   . VAL A 1 173 ? 0.989   -0.407  19.590  1.00 19.35 ? 296 VAL A C   1 
ATOM   1210 O O   . VAL A 1 173 ? 1.271   -1.587  19.368  1.00 20.74 ? 296 VAL A O   1 
ATOM   1211 C CB  . VAL A 1 173 ? 0.834   1.164   17.642  1.00 18.22 ? 296 VAL A CB  1 
ATOM   1212 C CG1 . VAL A 1 173 ? 1.911   0.332   16.967  1.00 18.49 ? 296 VAL A CG1 1 
ATOM   1213 C CG2 . VAL A 1 173 ? -0.105  1.743   16.601  1.00 19.91 ? 296 VAL A CG2 1 
ATOM   1214 N N   . GLN A 1 174 ? 1.449   0.261   20.655  1.00 19.86 ? 297 GLN A N   1 
ATOM   1215 C CA  . GLN A 1 174 ? 2.286   -0.410  21.662  1.00 22.78 ? 297 GLN A CA  1 
ATOM   1216 C C   . GLN A 1 174 ? 1.621   -1.668  22.218  1.00 22.13 ? 297 GLN A C   1 
ATOM   1217 O O   . GLN A 1 174 ? 2.252   -2.733  22.253  1.00 21.44 ? 297 GLN A O   1 
ATOM   1218 C CB  . GLN A 1 174 ? 2.623   0.500   22.833  1.00 26.74 ? 297 GLN A CB  1 
ATOM   1219 C CG  . GLN A 1 174 ? 3.657   1.557   22.525  1.00 30.00 ? 297 GLN A CG  1 
ATOM   1220 C CD  . GLN A 1 174 ? 3.653   2.704   23.545  1.00 33.74 ? 297 GLN A CD  1 
ATOM   1221 O OE1 . GLN A 1 174 ? 3.885   2.488   24.748  1.00 27.20 ? 297 GLN A OE1 1 
ATOM   1222 N NE2 . GLN A 1 174 ? 3.416   3.937   23.057  1.00 32.18 ? 297 GLN A NE2 1 
ATOM   1223 N N   . GLN A 1 175 ? 0.359   -1.538  22.637  1.00 21.93 ? 298 GLN A N   1 
ATOM   1224 C CA  . GLN A 1 175 ? -0.406  -2.664  23.211  1.00 24.60 ? 298 GLN A CA  1 
ATOM   1225 C C   . GLN A 1 175 ? -0.512  -3.820  22.224  1.00 21.40 ? 298 GLN A C   1 
ATOM   1226 O O   . GLN A 1 175 ? -0.329  -4.995  22.566  1.00 17.31 ? 298 GLN A O   1 
ATOM   1227 C CB  . GLN A 1 175 ? -1.817  -2.219  23.623  1.00 30.52 ? 298 GLN A CB  1 
ATOM   1228 C CG  . GLN A 1 175 ? -1.837  -1.379  24.888  1.00 41.43 ? 298 GLN A CG  1 
ATOM   1229 C CD  . GLN A 1 175 ? -2.892  -0.282  24.869  1.00 58.20 ? 298 GLN A CD  1 
ATOM   1230 O OE1 . GLN A 1 175 ? -4.044  -0.513  24.488  1.00 65.94 ? 298 GLN A OE1 1 
ATOM   1231 N NE2 . GLN A 1 175 ? -2.500  0.927   25.283  1.00 71.31 ? 298 GLN A NE2 1 
ATOM   1232 N N   . VAL A 1 176 ? -0.813  -3.475  20.984  1.00 19.03 ? 299 VAL A N   1 
ATOM   1233 C CA  . VAL A 1 176 ? -0.972  -4.483  19.959  1.00 20.16 ? 299 VAL A CA  1 
ATOM   1234 C C   . VAL A 1 176 ? 0.342   -5.237  19.753  1.00 19.48 ? 299 VAL A C   1 
ATOM   1235 O O   . VAL A 1 176 ? 0.370   -6.464  19.687  1.00 20.45 ? 299 VAL A O   1 
ATOM   1236 C CB  . VAL A 1 176 ? -1.485  -3.830  18.673  1.00 20.34 ? 299 VAL A CB  1 
ATOM   1237 C CG1 . VAL A 1 176 ? -1.274  -4.745  17.495  1.00 21.87 ? 299 VAL A CG1 1 
ATOM   1238 C CG2 . VAL A 1 176 ? -2.960  -3.439  18.854  1.00 20.83 ? 299 VAL A CG2 1 
ATOM   1239 N N   . ILE A 1 177 ? 1.448   -4.530  19.725  1.00 17.43 ? 300 ILE A N   1 
ATOM   1240 C CA  . ILE A 1 177 ? 2.681   -5.203  19.455  1.00 20.45 ? 300 ILE A CA  1 
ATOM   1241 C C   . ILE A 1 177 ? 3.067   -6.101  20.642  1.00 21.97 ? 300 ILE A C   1 
ATOM   1242 O O   . ILE A 1 177 ? 3.661   -7.176  20.480  1.00 18.85 ? 300 ILE A O   1 
ATOM   1243 C CB  . ILE A 1 177 ? 3.821   -4.212  19.173  1.00 20.31 ? 300 ILE A CB  1 
ATOM   1244 C CG1 . ILE A 1 177 ? 3.517   -3.391  17.920  1.00 21.80 ? 300 ILE A CG1 1 
ATOM   1245 C CG2 . ILE A 1 177 ? 5.136   -4.958  18.971  1.00 20.86 ? 300 ILE A CG2 1 
ATOM   1246 C CD1 . ILE A 1 177 ? 4.488   -2.235  17.703  1.00 23.89 ? 300 ILE A CD1 1 
ATOM   1247 N N   . GLU A 1 178 ? 2.780   -5.622  21.834  1.00 23.00 ? 301 GLU A N   1 
ATOM   1248 C CA  . GLU A 1 178 ? 3.235   -6.306  23.018  1.00 24.15 ? 301 GLU A CA  1 
ATOM   1249 C C   . GLU A 1 178 ? 2.396   -7.570  23.162  1.00 22.03 ? 301 GLU A C   1 
ATOM   1250 O O   . GLU A 1 178 ? 2.944   -8.609  23.416  1.00 22.03 ? 301 GLU A O   1 
ATOM   1251 C CB  . GLU A 1 178 ? 3.088   -5.404  24.235  1.00 26.29 ? 301 GLU A CB  1 
ATOM   1252 C CG  . GLU A 1 178 ? 3.546   -6.026  25.546  1.00 32.28 ? 301 GLU A CG  1 
ATOM   1253 C CD  . GLU A 1 178 ? 3.060   -5.232  26.742  1.00 34.92 ? 301 GLU A CD  1 
ATOM   1254 O OE1 . GLU A 1 178 ? 3.495   -4.075  26.873  1.00 50.81 ? 301 GLU A OE1 1 
ATOM   1255 O OE2 . GLU A 1 178 ? 2.240   -5.746  27.536  1.00 37.31 ? 301 GLU A OE2 1 
ATOM   1256 N N   . SER A 1 179 ? 1.079   -7.478  22.992  1.00 22.64 ? 302 SER A N   1 
ATOM   1257 C CA  . SER A 1 179 ? 0.244   -8.680  23.019  1.00 26.13 ? 302 SER A CA  1 
ATOM   1258 C C   . SER A 1 179 ? 0.738   -9.716  22.050  1.00 26.02 ? 302 SER A C   1 
ATOM   1259 O O   . SER A 1 179 ? 0.844   -10.878 22.390  1.00 24.44 ? 302 SER A O   1 
ATOM   1260 C CB  . SER A 1 179 ? -1.180  -8.380  22.634  1.00 27.22 ? 302 SER A CB  1 
ATOM   1261 O OG  . SER A 1 179 ? -1.635  -7.344  23.449  1.00 32.09 ? 302 SER A OG  1 
ATOM   1262 N N   . HIS A 1 180 ? 0.986   -9.294  20.819  1.00 22.62 ? 303 HIS A N   1 
ATOM   1263 C CA  . HIS A 1 180 ? 1.480   -10.217 19.835  1.00 21.14 ? 303 HIS A CA  1 
ATOM   1264 C C   . HIS A 1 180 ? 2.755   -10.927 20.304  1.00 23.38 ? 303 HIS A C   1 
ATOM   1265 O O   . HIS A 1 180 ? 2.850   -12.155 20.237  1.00 22.01 ? 303 HIS A O   1 
ATOM   1266 C CB  . HIS A 1 180 ? 1.717   -9.497  18.536  1.00 19.99 ? 303 HIS A CB  1 
ATOM   1267 C CG  . HIS A 1 180 ? 2.257   -10.378 17.460  1.00 21.17 ? 303 HIS A CG  1 
ATOM   1268 N ND1 . HIS A 1 180 ? 1.475   -11.292 16.788  1.00 23.09 ? 303 HIS A ND1 1 
ATOM   1269 C CD2 . HIS A 1 180 ? 3.506   -10.503 16.952  1.00 22.52 ? 303 HIS A CD2 1 
ATOM   1270 C CE1 . HIS A 1 180 ? 2.216   -11.931 15.897  1.00 24.57 ? 303 HIS A CE1 1 
ATOM   1271 N NE2 . HIS A 1 180 ? 3.447   -11.460 15.966  1.00 25.40 ? 303 HIS A NE2 1 
ATOM   1272 N N   . LEU A 1 181 ? 3.737   -10.154 20.772  1.00 22.90 ? 304 LEU A N   1 
ATOM   1273 C CA  . LEU A 1 181 ? 4.989   -10.726 21.247  1.00 23.18 ? 304 LEU A CA  1 
ATOM   1274 C C   . LEU A 1 181 ? 4.773   -11.719 22.391  1.00 22.49 ? 304 LEU A C   1 
ATOM   1275 O O   . LEU A 1 181 ? 5.478   -12.701 22.495  1.00 20.39 ? 304 LEU A O   1 
ATOM   1276 C CB  . LEU A 1 181 ? 5.944   -9.627  21.712  1.00 23.02 ? 304 LEU A CB  1 
ATOM   1277 C CG  . LEU A 1 181 ? 6.518   -8.707  20.642  1.00 24.19 ? 304 LEU A CG  1 
ATOM   1278 C CD1 . LEU A 1 181 ? 7.276   -7.563  21.294  1.00 24.67 ? 304 LEU A CD1 1 
ATOM   1279 C CD2 . LEU A 1 181 ? 7.420   -9.468  19.681  1.00 25.76 ? 304 LEU A CD2 1 
ATOM   1280 N N   . LEU A 1 182 ? 3.816   -11.432 23.250  1.00 21.88 ? 305 LEU A N   1 
ATOM   1281 C CA  . LEU A 1 182 ? 3.489   -12.288 24.387  1.00 29.49 ? 305 LEU A CA  1 
ATOM   1282 C C   . LEU A 1 182 ? 2.792   -13.600 23.941  1.00 29.65 ? 305 LEU A C   1 
ATOM   1283 O O   . LEU A 1 182 ? 2.772   -14.582 24.670  1.00 26.07 ? 305 LEU A O   1 
ATOM   1284 C CB  . LEU A 1 182 ? 2.593   -11.503 25.387  1.00 28.59 ? 305 LEU A CB  1 
ATOM   1285 C CG  . LEU A 1 182 ? 3.288   -10.301 26.076  1.00 31.30 ? 305 LEU A CG  1 
ATOM   1286 C CD1 . LEU A 1 182 ? 2.419   -9.701  27.171  1.00 31.18 ? 305 LEU A CD1 1 
ATOM   1287 C CD2 . LEU A 1 182 ? 4.646   -10.704 26.640  1.00 32.56 ? 305 LEU A CD2 1 
ATOM   1288 N N   . LYS A 1 183 ? 2.227   -13.605 22.743  1.00 28.54 ? 306 LYS A N   1 
ATOM   1289 C CA  . LYS A 1 183 ? 1.645   -14.808 22.187  1.00 29.92 ? 306 LYS A CA  1 
ATOM   1290 C C   . LYS A 1 183 ? 2.674   -15.781 21.609  1.00 26.13 ? 306 LYS A C   1 
ATOM   1291 O O   . LYS A 1 183 ? 2.303   -16.881 21.229  1.00 26.15 ? 306 LYS A O   1 
ATOM   1292 C CB  . LYS A 1 183 ? 0.674   -14.440 21.075  1.00 31.92 ? 306 LYS A CB  1 
ATOM   1293 C CG  . LYS A 1 183 ? -0.602  -13.760 21.547  1.00 35.53 ? 306 LYS A CG  1 
ATOM   1294 C CD  . LYS A 1 183 ? -1.615  -13.727 20.392  1.00 40.39 ? 306 LYS A CD  1 
ATOM   1295 C CE  . LYS A 1 183 ? -2.494  -12.498 20.449  1.00 45.79 ? 306 LYS A CE  1 
ATOM   1296 N NZ  . LYS A 1 183 ? -3.130  -12.452 21.786  1.00 52.85 ? 306 LYS A NZ  1 
ATOM   1297 N N   . LEU A 1 184 ? 3.929   -15.375 21.486  1.00 21.21 ? 307 LEU A N   1 
ATOM   1298 C CA  . LEU A 1 184 ? 4.943   -16.220 20.885  1.00 23.04 ? 307 LEU A CA  1 
ATOM   1299 C C   . LEU A 1 184 ? 5.259   -17.298 21.923  1.00 23.33 ? 307 LEU A C   1 
ATOM   1300 O O   . LEU A 1 184 ? 5.508   -16.966 23.059  1.00 25.86 ? 307 LEU A O   1 
ATOM   1301 C CB  . LEU A 1 184 ? 6.193   -15.378 20.514  1.00 23.04 ? 307 LEU A CB  1 
ATOM   1302 C CG  . LEU A 1 184 ? 7.438   -16.147 20.082  1.00 25.72 ? 307 LEU A CG  1 
ATOM   1303 C CD1 . LEU A 1 184 ? 7.165   -17.076 18.906  1.00 28.27 ? 307 LEU A CD1 1 
ATOM   1304 C CD2 . LEU A 1 184 ? 8.571   -15.200 19.739  1.00 28.19 ? 307 LEU A CD2 1 
ATOM   1305 N N   . LEU A 1 185 ? 5.166   -18.579 21.582  1.00 23.79 ? 308 LEU A N   1 
ATOM   1306 C CA  . LEU A 1 185 ? 5.482   -19.627 22.557  1.00 26.22 ? 308 LEU A CA  1 
ATOM   1307 C C   . LEU A 1 185 ? 6.987   -19.719 22.732  1.00 27.13 ? 308 LEU A C   1 
ATOM   1308 O O   . LEU A 1 185 ? 7.717   -19.757 21.786  1.00 30.24 ? 308 LEU A O   1 
ATOM   1309 C CB  . LEU A 1 185 ? 4.872   -20.993 22.173  1.00 24.16 ? 308 LEU A CB  1 
ATOM   1310 C CG  . LEU A 1 185 ? 3.334   -21.003 22.214  1.00 23.94 ? 308 LEU A CG  1 
ATOM   1311 C CD1 . LEU A 1 185 ? 2.723   -22.131 21.393  1.00 24.26 ? 308 LEU A CD1 1 
ATOM   1312 C CD2 . LEU A 1 185 ? 2.806   -21.037 23.649  1.00 24.42 ? 308 LEU A CD2 1 
ATOM   1313 N N   . GLN A 1 186 ? 7.416   -19.718 23.979  1.00 30.98 ? 309 GLN A N   1 
ATOM   1314 C CA  . GLN A 1 186 ? 8.796   -19.955 24.386  1.00 34.32 ? 309 GLN A CA  1 
ATOM   1315 C C   . GLN A 1 186 ? 9.203   -21.314 23.844  1.00 28.22 ? 309 GLN A C   1 
ATOM   1316 O O   . GLN A 1 186 ? 8.439   -22.268 23.946  1.00 27.27 ? 309 GLN A O   1 
ATOM   1317 C CB  . GLN A 1 186 ? 8.819   -19.969 25.942  1.00 41.02 ? 309 GLN A CB  1 
ATOM   1318 C CG  . GLN A 1 186 ? 10.179  -20.067 26.611  1.00 44.84 ? 309 GLN A CG  1 
ATOM   1319 C CD  . GLN A 1 186 ? 10.870  -18.722 26.716  1.00 52.38 ? 309 GLN A CD  1 
ATOM   1320 O OE1 . GLN A 1 186 ? 10.220  -17.680 26.832  1.00 48.52 ? 309 GLN A OE1 1 
ATOM   1321 N NE2 . GLN A 1 186 ? 12.196  -18.739 26.677  1.00 57.40 ? 309 GLN A NE2 1 
ATOM   1322 N N   . ASN A 1 187 ? 10.382  -21.422 23.260  1.00 25.75 ? 310 ASN A N   1 
ATOM   1323 C CA  . ASN A 1 187 ? 10.845  -22.723 22.798  1.00 26.04 ? 310 ASN A CA  1 
ATOM   1324 C C   . ASN A 1 187 ? 11.190  -23.646 23.969  1.00 28.24 ? 310 ASN A C   1 
ATOM   1325 O O   . ASN A 1 187 ? 11.876  -23.234 24.881  1.00 28.77 ? 310 ASN A O   1 
ATOM   1326 C CB  . ASN A 1 187 ? 12.051  -22.554 21.914  1.00 26.77 ? 310 ASN A CB  1 
ATOM   1327 C CG  . ASN A 1 187 ? 12.566  -23.875 21.388  1.00 28.83 ? 310 ASN A CG  1 
ATOM   1328 O OD1 . ASN A 1 187 ? 13.034  -24.727 22.131  1.00 33.27 ? 310 ASN A OD1 1 
ATOM   1329 N ND2 . ASN A 1 187 ? 12.489  -24.047 20.098  1.00 36.99 ? 310 ASN A ND2 1 
ATOM   1330 N N   . ILE A 1 188 ? 10.711  -24.890 23.953  1.00 25.53 ? 311 ILE A N   1 
ATOM   1331 C CA  . ILE A 1 188 ? 11.019  -25.837 25.019  1.00 25.63 ? 311 ILE A CA  1 
ATOM   1332 C C   . ILE A 1 188 ? 11.759  -27.075 24.512  1.00 25.30 ? 311 ILE A C   1 
ATOM   1333 O O   . ILE A 1 188 ? 11.857  -28.042 25.243  1.00 26.17 ? 311 ILE A O   1 
ATOM   1334 C CB  . ILE A 1 188 ? 9.741   -26.250 25.827  1.00 27.10 ? 311 ILE A CB  1 
ATOM   1335 C CG1 . ILE A 1 188 ? 8.715   -27.005 24.958  1.00 27.25 ? 311 ILE A CG1 1 
ATOM   1336 C CG2 . ILE A 1 188 ? 9.048   -25.029 26.396  1.00 26.68 ? 311 ILE A CG2 1 
ATOM   1337 C CD1 . ILE A 1 188 ? 7.488   -27.433 25.724  1.00 28.67 ? 311 ILE A CD1 1 
ATOM   1338 N N   . LYS A 1 189 ? 12.297  -27.028 23.292  1.00 31.94 ? 312 LYS A N   1 
ATOM   1339 C CA  . LYS A 1 189 ? 12.962  -28.190 22.626  1.00 36.26 ? 312 LYS A CA  1 
ATOM   1340 C C   . LYS A 1 189 ? 14.454  -28.248 22.947  1.00 38.35 ? 312 LYS A C   1 
ATOM   1341 O O   . LYS A 1 189 ? 14.841  -28.298 24.114  1.00 42.24 ? 312 LYS A O   1 
ATOM   1342 C CB  . LYS A 1 189 ? 12.774  -28.113 21.088  1.00 37.81 ? 312 LYS A CB  1 
ATOM   1343 C CG  . LYS A 1 189 ? 13.077  -29.384 20.285  1.00 34.92 ? 312 LYS A CG  1 
ATOM   1344 N N   A ALA B 2 2   ? -6.532  15.242  -16.666 0.50 45.64 ? 86  ALA X N   1 
ATOM   1345 N N   B ALA B 2 2   ? -5.863  16.704  -14.540 0.50 45.96 ? 86  ALA X N   1 
ATOM   1346 C CA  A ALA B 2 2   ? -6.056  15.428  -15.260 0.50 50.44 ? 86  ALA X CA  1 
ATOM   1347 C CA  B ALA B 2 2   ? -6.017  15.435  -15.332 0.50 49.01 ? 86  ALA X CA  1 
ATOM   1348 C C   . ALA B 2 2   ? -5.147  14.268  -14.831 1.00 49.98 ? 86  ALA X C   1 
ATOM   1349 O O   . ALA B 2 2   ? -5.394  13.111  -15.190 1.00 44.46 ? 86  ALA X O   1 
ATOM   1350 C CB  A ALA B 2 2   ? -7.244  15.563  -14.309 0.50 49.98 ? 86  ALA X CB  1 
ATOM   1351 C CB  B ALA B 2 2   ? -5.721  15.694  -16.805 0.50 45.99 ? 86  ALA X CB  1 
ATOM   1352 N N   . PHE B 2 3   ? -4.097  14.578  -14.070 1.00 44.78 ? 87  PHE X N   1 
ATOM   1353 C CA  . PHE B 2 3   ? -3.166  13.580  -13.564 1.00 39.50 ? 87  PHE X CA  1 
ATOM   1354 C C   . PHE B 2 3   ? -3.147  13.724  -12.060 1.00 38.66 ? 87  PHE X C   1 
ATOM   1355 O O   . PHE B 2 3   ? -3.260  14.829  -11.549 1.00 42.20 ? 87  PHE X O   1 
ATOM   1356 C CB  . PHE B 2 3   ? -1.757  13.809  -14.106 1.00 39.89 ? 87  PHE X CB  1 
ATOM   1357 C CG  . PHE B 2 3   ? -1.619  13.504  -15.571 1.00 45.38 ? 87  PHE X CG  1 
ATOM   1358 N N   . VAL B 2 4   ? -3.024  12.606  -11.360 1.00 31.38 ? 88  VAL X N   1 
ATOM   1359 C CA  . VAL B 2 4   ? -2.773  12.597  -9.924  1.00 27.33 ? 88  VAL X CA  1 
ATOM   1360 C C   . VAL B 2 4   ? -1.371  12.017  -9.698  1.00 24.39 ? 88  VAL X C   1 
ATOM   1361 O O   . VAL B 2 4   ? -0.906  11.222  -10.479 1.00 22.31 ? 88  VAL X O   1 
ATOM   1362 C CB  . VAL B 2 4   ? -3.827  11.785  -9.110  1.00 26.41 ? 88  VAL X CB  1 
ATOM   1363 C CG1 . VAL B 2 4   ? -5.196  12.425  -9.187  1.00 26.59 ? 88  VAL X CG1 1 
ATOM   1364 C CG2 . VAL B 2 4   ? -3.922  10.342  -9.570  1.00 25.43 ? 88  VAL X CG2 1 
ATOM   1365 N N   . HIS B 2 5   ? -0.732  12.431  -8.619  1.00 26.52 ? 89  HIS X N   1 
ATOM   1366 C CA  . HIS B 2 5   ? 0.633   12.027  -8.286  1.00 29.19 ? 89  HIS X CA  1 
ATOM   1367 C C   . HIS B 2 5   ? 0.626   10.743  -7.484  1.00 27.78 ? 89  HIS X C   1 
ATOM   1368 O O   . HIS B 2 5   ? -0.367  10.419  -6.864  1.00 28.92 ? 89  HIS X O   1 
ATOM   1369 C CB  . HIS B 2 5   ? 1.314   13.155  -7.487  1.00 29.03 ? 89  HIS X CB  1 
ATOM   1370 C CG  . HIS B 2 5   ? 1.642   14.339  -8.339  1.00 32.91 ? 89  HIS X CG  1 
ATOM   1371 N ND1 . HIS B 2 5   ? 0.960   15.537  -8.249  1.00 34.62 ? 89  HIS X ND1 1 
ATOM   1372 C CD2 . HIS B 2 5   ? 2.516   14.473  -9.368  1.00 34.42 ? 89  HIS X CD2 1 
ATOM   1373 C CE1 . HIS B 2 5   ? 1.427   16.369  -9.161  1.00 38.71 ? 89  HIS X CE1 1 
ATOM   1374 N NE2 . HIS B 2 5   ? 2.367   15.745  -9.858  1.00 38.19 ? 89  HIS X NE2 1 
ATOM   1375 N N   . MET B 2 6   ? 1.714   9.996   -7.528  1.00 26.27 ? 90  MET X N   1 
ATOM   1376 C CA  . MET B 2 6   ? 1.895   8.924   -6.573  1.00 30.94 ? 90  MET X CA  1 
ATOM   1377 C C   . MET B 2 6   ? 2.255   9.534   -5.216  1.00 30.36 ? 90  MET X C   1 
ATOM   1378 O O   . MET B 2 6   ? 3.191   10.302  -5.135  1.00 30.54 ? 90  MET X O   1 
ATOM   1379 C CB  . MET B 2 6   ? 3.028   8.013   -7.015  1.00 30.62 ? 90  MET X CB  1 
ATOM   1380 C CG  . MET B 2 6   ? 3.298   6.872   -6.040  1.00 33.49 ? 90  MET X CG  1 
ATOM   1381 S SD  . MET B 2 6   ? 1.973   5.640   -5.975  1.00 36.70 ? 90  MET X SD  1 
ATOM   1382 C CE  . MET B 2 6   ? 2.253   4.769   -7.498  1.00 32.99 ? 90  MET X CE  1 
ATOM   1383 N N   . PRO B 2 7   ? 1.525   9.194   -4.147  1.00 36.74 ? 91  PRO X N   1 
ATOM   1384 C CA  . PRO B 2 7   ? 2.016   9.643   -2.839  1.00 38.68 ? 91  PRO X CA  1 
ATOM   1385 C C   . PRO B 2 7   ? 3.418   9.077   -2.540  1.00 38.74 ? 91  PRO X C   1 
ATOM   1386 O O   . PRO B 2 7   ? 3.745   7.956   -2.954  1.00 35.36 ? 91  PRO X O   1 
ATOM   1387 C CB  . PRO B 2 7   ? 0.969   9.081   -1.858  1.00 39.82 ? 91  PRO X CB  1 
ATOM   1388 C CG  . PRO B 2 7   ? -0.281  8.957   -2.681  1.00 41.04 ? 91  PRO X CG  1 
ATOM   1389 C CD  . PRO B 2 7   ? 0.208   8.537   -4.039  1.00 40.49 ? 91  PRO X CD  1 
ATOM   1390 N N   . THR B 2 8   ? 4.255   9.856   -1.865  1.00 36.22 ? 92  THR X N   1 
ATOM   1391 C CA  . THR B 2 8   ? 5.570   9.350   -1.477  1.00 36.34 ? 92  THR X CA  1 
ATOM   1392 C C   . THR B 2 8   ? 5.412   8.642   -0.132  1.00 31.65 ? 92  THR X C   1 
ATOM   1393 O O   . THR B 2 8   ? 4.523   8.975   0.646   1.00 28.54 ? 92  THR X O   1 
ATOM   1394 C CB  . THR B 2 8   ? 6.620   10.461  -1.403  1.00 36.07 ? 92  THR X CB  1 
ATOM   1395 O OG1 . THR B 2 8   ? 6.212   11.411  -0.430  1.00 37.92 ? 92  THR X OG1 1 
ATOM   1396 C CG2 . THR B 2 8   ? 6.739   11.151  -2.740  1.00 34.80 ? 92  THR X CG2 1 
ATOM   1397 N N   . LEU B 2 9   ? 6.241   7.628   0.085   1.00 28.66 ? 93  LEU X N   1 
ATOM   1398 C CA  . LEU B 2 9   ? 6.299   6.903   1.341   1.00 25.68 ? 93  LEU X CA  1 
ATOM   1399 C C   . LEU B 2 9   ? 6.852   7.856   2.417   1.00 25.59 ? 93  LEU X C   1 
ATOM   1400 O O   . LEU B 2 9   ? 7.669   8.718   2.131   1.00 26.90 ? 93  LEU X O   1 
ATOM   1401 C CB  . LEU B 2 9   ? 7.191   5.664   1.200   1.00 24.59 ? 93  LEU X CB  1 
ATOM   1402 C CG  . LEU B 2 9   ? 6.606   4.485   0.419   1.00 23.93 ? 93  LEU X CG  1 
ATOM   1403 C CD1 . LEU B 2 9   ? 7.655   3.413   0.220   1.00 22.92 ? 93  LEU X CD1 1 
ATOM   1404 C CD2 . LEU B 2 9   ? 5.381   3.872   1.100   1.00 23.84 ? 93  LEU X CD2 1 
ATOM   1405 N N   . PRO B 2 10  ? 6.370   7.724   3.649   1.00 24.11 ? 94  PRO X N   1 
ATOM   1406 C CA  . PRO B 2 10  ? 6.778   8.698   4.642   1.00 23.80 ? 94  PRO X CA  1 
ATOM   1407 C C   . PRO B 2 10  ? 8.242   8.575   5.009   1.00 23.32 ? 94  PRO X C   1 
ATOM   1408 O O   . PRO B 2 10  ? 8.879   7.515   4.785   1.00 17.70 ? 94  PRO X O   1 
ATOM   1409 C CB  . PRO B 2 10  ? 5.898   8.379   5.860   1.00 28.60 ? 94  PRO X CB  1 
ATOM   1410 C CG  . PRO B 2 10  ? 5.243   7.074   5.594   1.00 29.10 ? 94  PRO X CG  1 
ATOM   1411 C CD  . PRO B 2 10  ? 5.315   6.808   4.122   1.00 28.00 ? 94  PRO X CD  1 
ATOM   1412 N N   . ASN B 2 11  ? 8.763   9.664   5.568   1.00 23.25 ? 95  ASN X N   1 
ATOM   1413 C CA  . ASN B 2 11  ? 10.115  9.690   6.104   1.00 24.26 ? 95  ASN X CA  1 
ATOM   1414 C C   . ASN B 2 11  ? 10.088  9.073   7.491   1.00 21.76 ? 95  ASN X C   1 
ATOM   1415 O O   . ASN B 2 11  ? 9.492   9.624   8.412   1.00 21.92 ? 95  ASN X O   1 
ATOM   1416 C CB  . ASN B 2 11  ? 10.589  11.131  6.180   1.00 26.81 ? 95  ASN X CB  1 
ATOM   1417 C CG  . ASN B 2 11  ? 12.050  11.243  6.464   1.00 24.16 ? 95  ASN X CG  1 
ATOM   1418 O OD1 . ASN B 2 11  ? 12.657  10.367  7.052   1.00 25.42 ? 95  ASN X OD1 1 
ATOM   1419 N ND2 . ASN B 2 11  ? 12.624  12.350  6.055   1.00 24.16 ? 95  ASN X ND2 1 
ATOM   1420 N N   . LEU B 2 12  ? 10.712  7.917   7.648   1.00 21.07 ? 96  LEU X N   1 
ATOM   1421 C CA  . LEU B 2 12  ? 10.667  7.238   8.944   1.00 20.29 ? 96  LEU X CA  1 
ATOM   1422 C C   . LEU B 2 12  ? 11.640  7.834   9.965   1.00 19.72 ? 96  LEU X C   1 
ATOM   1423 O O   . LEU B 2 12  ? 11.651  7.432   11.140  1.00 19.05 ? 96  LEU X O   1 
ATOM   1424 C CB  . LEU B 2 12  ? 10.947  5.762   8.753   1.00 20.23 ? 96  LEU X CB  1 
ATOM   1425 C CG  . LEU B 2 12  ? 9.920   5.041   7.858   1.00 21.08 ? 96  LEU X CG  1 
ATOM   1426 C CD1 . LEU B 2 12  ? 10.457  3.657   7.513   1.00 23.58 ? 96  LEU X CD1 1 
ATOM   1427 C CD2 . LEU B 2 12  ? 8.539   4.939   8.481   1.00 20.93 ? 96  LEU X CD2 1 
ATOM   1428 N N   . ASP B 2 13  ? 12.470  8.780   9.519   1.00 20.82 ? 97  ASP X N   1 
ATOM   1429 C CA  . ASP B 2 13  ? 13.408  9.438   10.433  1.00 22.02 ? 97  ASP X CA  1 
ATOM   1430 C C   . ASP B 2 13  ? 12.742  10.541  11.245  1.00 21.83 ? 97  ASP X C   1 
ATOM   1431 O O   . ASP B 2 13  ? 13.370  11.089  12.132  1.00 23.72 ? 97  ASP X O   1 
ATOM   1432 C CB  . ASP B 2 13  ? 14.634  9.957   9.683   1.00 24.94 ? 97  ASP X CB  1 
ATOM   1433 C CG  . ASP B 2 13  ? 15.409  8.837   8.975   1.00 29.04 ? 97  ASP X CG  1 
ATOM   1434 O OD1 . ASP B 2 13  ? 15.489  7.698   9.484   1.00 41.84 ? 97  ASP X OD1 1 
ATOM   1435 O OD2 . ASP B 2 13  ? 15.905  9.098   7.875   1.00 36.47 ? 97  ASP X OD2 1 
ATOM   1436 N N   . PHE B 2 14  ? 11.472  10.847  10.978  1.00 21.88 ? 98  PHE X N   1 
ATOM   1437 C CA  . PHE B 2 14  ? 10.777  11.927  11.665  1.00 22.57 ? 98  PHE X CA  1 
ATOM   1438 C C   . PHE B 2 14  ? 9.455   11.485  12.278  1.00 23.88 ? 98  PHE X C   1 
ATOM   1439 O O   . PHE B 2 14  ? 8.812   10.549  11.780  1.00 22.87 ? 98  PHE X O   1 
ATOM   1440 C CB  . PHE B 2 14  ? 10.500  13.073  10.671  1.00 23.61 ? 98  PHE X CB  1 
ATOM   1441 C CG  . PHE B 2 14  ? 11.705  13.948  10.355  1.00 24.04 ? 98  PHE X CG  1 
ATOM   1442 C CD1 . PHE B 2 14  ? 12.609  13.581  9.376   1.00 25.38 ? 98  PHE X CD1 1 
ATOM   1443 C CD2 . PHE B 2 14  ? 11.897  15.170  11.010  1.00 25.99 ? 98  PHE X CD2 1 
ATOM   1444 C CE1 . PHE B 2 14  ? 13.696  14.385  9.050   1.00 28.00 ? 98  PHE X CE1 1 
ATOM   1445 C CE2 . PHE B 2 14  ? 12.981  15.992  10.690  1.00 29.31 ? 98  PHE X CE2 1 
ATOM   1446 C CZ  . PHE B 2 14  ? 13.886  15.601  9.703   1.00 28.73 ? 98  PHE X CZ  1 
ATOM   1447 N N   . HIS B 2 15  ? 9.039   12.165  13.348  1.00 24.65 ? 99  HIS X N   1 
ATOM   1448 C CA  . HIS B 2 15  ? 7.661   12.097  13.802  1.00 28.51 ? 99  HIS X CA  1 
ATOM   1449 C C   . HIS B 2 15  ? 6.778   12.557  12.640  1.00 33.89 ? 99  HIS X C   1 
ATOM   1450 O O   . HIS B 2 15  ? 7.115   13.507  11.948  1.00 40.70 ? 99  HIS X O   1 
ATOM   1451 C CB  . HIS B 2 15  ? 7.364   12.993  15.025  1.00 28.35 ? 99  HIS X CB  1 
ATOM   1452 C CG  . HIS B 2 15  ? 8.033   12.563  16.291  1.00 26.07 ? 99  HIS X CG  1 
ATOM   1453 N ND1 . HIS B 2 15  ? 7.321   12.277  17.430  1.00 26.88 ? 99  HIS X ND1 1 
ATOM   1454 C CD2 . HIS B 2 15  ? 9.337   12.393  16.612  1.00 27.67 ? 99  HIS X CD2 1 
ATOM   1455 C CE1 . HIS B 2 15  ? 8.153   11.928  18.393  1.00 25.49 ? 99  HIS X CE1 1 
ATOM   1456 N NE2 . HIS B 2 15  ? 9.382   11.996  17.926  1.00 28.37 ? 99  HIS X NE2 1 
ATOM   1457 N N   . LYS B 2 16  ? 5.662   11.866  12.447  1.00 34.67 ? 100 LYS X N   1 
ATOM   1458 C CA  . LYS B 2 16  ? 4.701   12.123  11.387  1.00 41.42 ? 100 LYS X CA  1 
ATOM   1459 C C   . LYS B 2 16  ? 4.124   13.538  11.399  1.00 46.19 ? 100 LYS X C   1 
ATOM   1460 O O   . LYS B 2 16  ? 4.017   14.165  10.337  1.00 54.43 ? 100 LYS X O   1 
ATOM   1461 C CB  . LYS B 2 16  ? 3.543   11.101  11.522  1.00 43.01 ? 100 LYS X CB  1 
ATOM   1462 C CG  . LYS B 2 16  ? 2.412   11.212  10.518  1.00 43.51 ? 100 LYS X CG  1 
ATOM   1463 C CD  . LYS B 2 16  ? 1.377   10.129  10.769  1.00 49.17 ? 100 LYS X CD  1 
ATOM   1464 C CE  . LYS B 2 16  ? 0.517   9.895   9.526   1.00 49.61 ? 100 LYS X CE  1 
ATOM   1465 N NZ  . LYS B 2 16  ? -0.692  9.047   9.789   1.00 46.57 ? 100 LYS X NZ  1 
ATOM   1466 N N   A THR B 2 17  ? 3.778   14.062  12.577  0.50 49.85 ? 101 THR X N   1 
ATOM   1467 N N   B THR B 2 17  ? 3.705   13.971  12.592  0.50 50.66 ? 101 THR X N   1 
ATOM   1468 C CA  A THR B 2 17  ? 3.086   15.368  12.684  0.50 52.79 ? 101 THR X CA  1 
ATOM   1469 C CA  B THR B 2 17  ? 3.002   15.237  12.812  0.50 54.26 ? 101 THR X CA  1 
ATOM   1470 C C   A THR B 2 17  ? 3.741   16.520  11.884  0.50 51.38 ? 101 THR X C   1 
ATOM   1471 C C   B THR B 2 17  ? 2.524   15.252  14.256  0.50 52.35 ? 101 THR X C   1 
ATOM   1472 O O   A THR B 2 17  ? 3.363   16.819  10.740  0.50 43.51 ? 101 THR X O   1 
ATOM   1473 O O   B THR B 2 17  ? 2.170   14.207  14.803  0.50 50.38 ? 101 THR X O   1 
ATOM   1474 C CB  A THR B 2 17  ? 2.964   15.801  14.157  0.50 52.28 ? 101 THR X CB  1 
ATOM   1475 C CB  B THR B 2 17  ? 1.776   15.408  11.883  0.50 55.31 ? 101 THR X CB  1 
HETATM 1476 S S   . SO4 C 3 .   ? -3.044  6.468   20.868  1.00 29.01 ? 401 SO4 A S   1 
HETATM 1477 O O1  . SO4 C 3 .   ? -3.183  4.998   20.948  1.00 30.18 ? 401 SO4 A O1  1 
HETATM 1478 O O2  . SO4 C 3 .   ? -4.327  7.027   21.294  1.00 28.31 ? 401 SO4 A O2  1 
HETATM 1479 O O3  . SO4 C 3 .   ? -1.946  6.971   21.730  1.00 30.21 ? 401 SO4 A O3  1 
HETATM 1480 O O4  . SO4 C 3 .   ? -2.762  6.903   19.495  1.00 34.30 ? 401 SO4 A O4  1 
HETATM 1481 S S   . SO4 D 3 .   ? -7.035  2.527   12.998  1.00 49.52 ? 402 SO4 A S   1 
HETATM 1482 O O1  . SO4 D 3 .   ? -6.752  1.313   12.196  1.00 48.25 ? 402 SO4 A O1  1 
HETATM 1483 O O2  . SO4 D 3 .   ? -7.775  2.183   14.212  1.00 45.16 ? 402 SO4 A O2  1 
HETATM 1484 O O3  . SO4 D 3 .   ? -5.769  3.167   13.445  1.00 41.99 ? 402 SO4 A O3  1 
HETATM 1485 O O4  . SO4 D 3 .   ? -7.829  3.493   12.207  1.00 46.96 ? 402 SO4 A O4  1 
HETATM 1486 S S   . SO4 E 3 .   ? -1.007  2.822   -21.374 1.00 55.74 ? 403 SO4 A S   1 
HETATM 1487 O O1  . SO4 E 3 .   ? 0.096   1.971   -21.887 1.00 61.94 ? 403 SO4 A O1  1 
HETATM 1488 O O2  . SO4 E 3 .   ? -2.262  2.012   -21.241 1.00 48.86 ? 403 SO4 A O2  1 
HETATM 1489 O O3  . SO4 E 3 .   ? -0.592  3.390   -20.068 1.00 42.04 ? 403 SO4 A O3  1 
HETATM 1490 O O4  . SO4 E 3 .   ? -1.230  3.959   -22.314 1.00 61.23 ? 403 SO4 A O4  1 
HETATM 1491 S S   . SO4 F 3 .   ? 7.873   -12.509 4.325   1.00 41.76 ? 404 SO4 A S   1 
HETATM 1492 O O1  . SO4 F 3 .   ? 8.311   -13.621 3.436   1.00 44.14 ? 404 SO4 A O1  1 
HETATM 1493 O O2  . SO4 F 3 .   ? 6.392   -12.582 4.507   1.00 29.33 ? 404 SO4 A O2  1 
HETATM 1494 O O3  . SO4 F 3 .   ? 8.545   -12.637 5.646   1.00 33.56 ? 404 SO4 A O3  1 
HETATM 1495 O O4  . SO4 F 3 .   ? 8.281   -11.215 3.650   1.00 43.40 ? 404 SO4 A O4  1 
HETATM 1496 X UNK . UNX G 4 .   ? -16.562 3.017   -14.640 1.00 15.44 ? 405 UNX A UNK 1 
HETATM 1497 X UNK . UNX H 4 .   ? 14.211  -7.608  2.624   1.00 18.43 ? 406 UNX A UNK 1 
HETATM 1498 X UNK . UNX I 4 .   ? -17.363 20.939  -20.474 1.00 17.36 ? 407 UNX A UNK 1 
HETATM 1499 X UNK . UNX J 4 .   ? 6.353   -3.242  -18.189 1.00 22.66 ? 408 UNX A UNK 1 
HETATM 1500 X UNK . UNX K 4 .   ? -13.730 2.152   -4.507  1.00 15.30 ? 409 UNX A UNK 1 
HETATM 1501 X UNK . UNX L 4 .   ? -5.562  0.791   10.174  1.00 24.92 ? 410 UNX A UNK 1 
HETATM 1502 X UNK . UNX M 4 .   ? -0.073  -11.519 -13.602 1.00 25.70 ? 411 UNX A UNK 1 
HETATM 1503 X UNK . UNX N 4 .   ? -7.012  3.577   9.263   1.00 31.90 ? 412 UNX A UNK 1 
HETATM 1504 N N1  . UNL O 5 .   ? -10.390 0.619   4.427   1.00 22.71 ? 413 UNL A N1  1 
HETATM 1505 N N2  . UNL O 5 .   ? -9.642  1.991   5.944   1.00 27.05 ? 413 UNL A N2  1 
HETATM 1506 N N3  . UNL O 5 .   ? -10.182 2.325   8.292   1.00 34.11 ? 413 UNL A N3  1 
HETATM 1507 X UNK . UNX P 4 .   ? 3.857   16.422  -11.652 1.00 15.96 ? 201 UNX X UNK 1 
HETATM 1508 X UNK . UNX Q 4 .   ? 9.031   15.635  7.770   1.00 21.98 ? 202 UNX X UNK 1 
HETATM 1509 X UNK . UNX R 4 .   ? 7.743   11.751  8.767   1.00 16.47 ? 203 UNX X UNK 1 
HETATM 1510 O O   . HOH S 6 .   ? 9.776   -3.783  12.486  1.00 14.61 ? 501 HOH A O   1 
HETATM 1511 O O   . HOH S 6 .   ? 6.364   -5.698  7.662   1.00 14.55 ? 502 HOH A O   1 
HETATM 1512 O O   . HOH S 6 .   ? 8.477   -5.776  9.300   1.00 19.88 ? 503 HOH A O   1 
HETATM 1513 O O   . HOH S 6 .   ? 6.891   -7.133  1.732   1.00 20.21 ? 504 HOH A O   1 
HETATM 1514 O O   . HOH S 6 .   ? 3.019   -4.906  -5.475  1.00 14.06 ? 505 HOH A O   1 
HETATM 1515 O O   . HOH S 6 .   ? -1.208  -4.247  -11.688 1.00 14.22 ? 506 HOH A O   1 
HETATM 1516 O O   . HOH S 6 .   ? 6.562   -4.448  0.705   1.00 15.96 ? 507 HOH A O   1 
HETATM 1517 O O   . HOH S 6 .   ? -1.833  3.915   18.958  1.00 19.15 ? 508 HOH A O   1 
HETATM 1518 O O   . HOH S 6 .   ? 5.067   -10.791 -2.187  1.00 19.65 ? 509 HOH A O   1 
HETATM 1519 O O   . HOH S 6 .   ? 1.796   -4.878  -8.059  1.00 15.30 ? 510 HOH A O   1 
HETATM 1520 O O   . HOH S 6 .   ? 0.892   -5.806  -10.931 1.00 22.57 ? 511 HOH A O   1 
HETATM 1521 O O   . HOH S 6 .   ? 8.867   -3.231  0.702   1.00 22.38 ? 512 HOH A O   1 
HETATM 1522 O O   . HOH S 6 .   ? 8.195   -0.532  0.986   1.00 21.34 ? 513 HOH A O   1 
HETATM 1523 O O   . HOH S 6 .   ? 1.802   -6.074  -2.204  1.00 14.87 ? 514 HOH A O   1 
HETATM 1524 O O   . HOH S 6 .   ? 14.850  0.477   22.456  1.00 19.20 ? 515 HOH A O   1 
HETATM 1525 O O   . HOH S 6 .   ? -11.527 9.504   -23.986 1.00 22.08 ? 516 HOH A O   1 
HETATM 1526 O O   . HOH S 6 .   ? -11.801 2.071   -6.911  1.00 23.36 ? 517 HOH A O   1 
HETATM 1527 O O   . HOH S 6 .   ? -3.743  8.037   -1.231  1.00 28.59 ? 518 HOH A O   1 
HETATM 1528 O O   . HOH S 6 .   ? 15.335  -4.402  16.874  1.00 19.48 ? 519 HOH A O   1 
HETATM 1529 O O   . HOH S 6 .   ? -20.234 13.481  -18.308 1.00 33.01 ? 520 HOH A O   1 
HETATM 1530 O O   . HOH S 6 .   ? 9.751   -29.808 26.476  1.00 28.88 ? 521 HOH A O   1 
HETATM 1531 O O   . HOH S 6 .   ? 16.632  -0.829  18.500  1.00 23.08 ? 522 HOH A O   1 
HETATM 1532 O O   . HOH S 6 .   ? 16.949  -4.542  11.020  1.00 24.51 ? 523 HOH A O   1 
HETATM 1533 O O   . HOH S 6 .   ? 2.724   5.691   7.249   1.00 22.32 ? 524 HOH A O   1 
HETATM 1534 O O   . HOH S 6 .   ? -14.998 8.287   -17.410 1.00 20.05 ? 525 HOH A O   1 
HETATM 1535 O O   . HOH S 6 .   ? 13.488  -2.361  21.163  1.00 21.45 ? 526 HOH A O   1 
HETATM 1536 O O   . HOH S 6 .   ? -9.867  1.878   -22.357 1.00 23.69 ? 527 HOH A O   1 
HETATM 1537 O O   . HOH S 6 .   ? -13.955 4.605   -16.951 1.00 21.87 ? 528 HOH A O   1 
HETATM 1538 O O   . HOH S 6 .   ? 7.215   -3.215  -10.548 1.00 19.49 ? 529 HOH A O   1 
HETATM 1539 O O   . HOH S 6 .   ? 6.058   -8.236  -2.514  1.00 18.55 ? 530 HOH A O   1 
HETATM 1540 O O   . HOH S 6 .   ? 0.924   -13.699 -3.312  1.00 30.48 ? 531 HOH A O   1 
HETATM 1541 O O   . HOH S 6 .   ? -0.051  -13.494 -5.986  1.00 40.03 ? 532 HOH A O   1 
HETATM 1542 O O   . HOH S 6 .   ? -2.130  9.529   -18.159 1.00 22.63 ? 533 HOH A O   1 
HETATM 1543 O O   . HOH S 6 .   ? -3.449  -6.835  -19.463 1.00 20.26 ? 534 HOH A O   1 
HETATM 1544 O O   . HOH S 6 .   ? 1.147   -6.937  -18.145 1.00 22.22 ? 535 HOH A O   1 
HETATM 1545 O O   . HOH S 6 .   ? 4.500   -10.489 -12.924 1.00 35.71 ? 536 HOH A O   1 
HETATM 1546 O O   . HOH S 6 .   ? 6.025   -12.241 -8.890  1.00 35.56 ? 537 HOH A O   1 
HETATM 1547 O O   . HOH S 6 .   ? 1.282   10.430  19.715  1.00 21.01 ? 538 HOH A O   1 
HETATM 1548 O O   . HOH S 6 .   ? -1.943  -7.964  19.087  1.00 26.46 ? 539 HOH A O   1 
HETATM 1549 O O   . HOH S 6 .   ? -9.420  -10.874 0.251   1.00 37.43 ? 540 HOH A O   1 
HETATM 1550 O O   . HOH S 6 .   ? 14.339  4.238   7.501   1.00 28.51 ? 541 HOH A O   1 
HETATM 1551 O O   . HOH S 6 .   ? 12.182  -19.350 22.450  1.00 40.89 ? 542 HOH A O   1 
HETATM 1552 O O   . HOH S 6 .   ? 3.022   8.135   8.410   1.00 31.23 ? 543 HOH A O   1 
HETATM 1553 O O   . HOH S 6 .   ? -11.096 -6.448  -18.371 1.00 30.40 ? 544 HOH A O   1 
HETATM 1554 O O   . HOH S 6 .   ? 5.748   -6.019  -14.660 1.00 24.67 ? 545 HOH A O   1 
HETATM 1555 O O   . HOH S 6 .   ? 4.037   -7.350  -0.785  1.00 17.54 ? 546 HOH A O   1 
HETATM 1556 O O   . HOH S 6 .   ? 0.491   -12.899 3.121   1.00 28.91 ? 547 HOH A O   1 
HETATM 1557 O O   . HOH S 6 .   ? 5.571   7.204   -11.815 1.00 32.58 ? 548 HOH A O   1 
HETATM 1558 O O   A HOH S 6 .   ? 1.034   8.485   -14.224 0.50 12.87 ? 549 HOH A O   1 
HETATM 1559 O O   B HOH S 6 .   ? 2.768   6.660   -14.432 0.50 7.87  ? 549 HOH A O   1 
HETATM 1560 O O   . HOH S 6 .   ? 5.415   -8.572  -14.623 1.00 24.67 ? 550 HOH A O   1 
HETATM 1561 O O   . HOH S 6 .   ? -14.554 10.326  -14.656 1.00 37.50 ? 551 HOH A O   1 
HETATM 1562 O O   . HOH S 6 .   ? 5.169   6.225   24.409  1.00 23.82 ? 552 HOH A O   1 
HETATM 1563 O O   A HOH S 6 .   ? 12.529  6.938   5.530   0.50 5.40  ? 553 HOH A O   1 
HETATM 1564 O O   B HOH S 6 .   ? 14.632  6.725   6.606   0.50 14.62 ? 553 HOH A O   1 
HETATM 1565 O O   . HOH S 6 .   ? 4.551   -11.720 13.278  1.00 29.48 ? 554 HOH A O   1 
HETATM 1566 O O   . HOH S 6 .   ? 11.734  -11.529 9.750   1.00 36.25 ? 555 HOH A O   1 
HETATM 1567 O O   . HOH S 6 .   ? -13.605 2.288   -9.239  1.00 32.16 ? 556 HOH A O   1 
HETATM 1568 O O   . HOH S 6 .   ? -7.584  9.234   -6.818  1.00 33.88 ? 557 HOH A O   1 
HETATM 1569 O O   . HOH S 6 .   ? -7.592  -11.111 -2.109  1.00 33.12 ? 558 HOH A O   1 
HETATM 1570 O O   . HOH S 6 .   ? 16.030  -2.511  20.875  1.00 26.62 ? 559 HOH A O   1 
HETATM 1571 O O   . HOH S 6 .   ? -15.297 6.646   -11.407 1.00 37.66 ? 560 HOH A O   1 
HETATM 1572 O O   . HOH S 6 .   ? 9.611   -7.472  -8.448  1.00 25.48 ? 561 HOH A O   1 
HETATM 1573 O O   . HOH S 6 .   ? 10.641  -5.444  -9.360  1.00 30.92 ? 562 HOH A O   1 
HETATM 1574 O O   . HOH S 6 .   ? 0.683   8.668   -17.018 1.00 32.47 ? 563 HOH A O   1 
HETATM 1575 O O   . HOH S 6 .   ? -9.084  0.195   2.032   1.00 30.37 ? 564 HOH A O   1 
HETATM 1576 O O   . HOH S 6 .   ? -5.600  5.047   11.240  1.00 32.28 ? 565 HOH A O   1 
HETATM 1577 O O   . HOH S 6 .   ? -0.949  -11.838 24.368  1.00 28.24 ? 566 HOH A O   1 
HETATM 1578 O O   . HOH S 6 .   ? 1.942   5.961   -16.874 0.50 11.36 ? 567 HOH A O   1 
HETATM 1579 O O   A HOH S 6 .   ? -4.287  10.690  2.067   0.50 27.57 ? 568 HOH A O   1 
HETATM 1580 O O   B HOH S 6 .   ? -5.657  9.396   2.629   0.50 19.91 ? 568 HOH A O   1 
HETATM 1581 O O   . HOH S 6 .   ? 17.319  0.170   2.568   1.00 31.38 ? 569 HOH A O   1 
HETATM 1582 O O   . HOH S 6 .   ? -3.571  -10.688 8.711   1.00 32.50 ? 570 HOH A O   1 
HETATM 1583 O O   . HOH S 6 .   ? 19.328  -4.348  17.234  1.00 31.39 ? 571 HOH A O   1 
HETATM 1584 O O   . HOH S 6 .   ? -2.957  -12.671 -6.151  1.00 29.88 ? 572 HOH A O   1 
HETATM 1585 O O   . HOH S 6 .   ? 10.526  -6.071  -11.757 1.00 28.21 ? 573 HOH A O   1 
HETATM 1586 O O   . HOH S 6 .   ? 12.800  -3.322  -7.336  1.00 33.62 ? 574 HOH A O   1 
HETATM 1587 O O   . HOH S 6 .   ? 4.154   11.006  14.791  1.00 34.54 ? 575 HOH A O   1 
HETATM 1588 O O   . HOH S 6 .   ? 13.728  5.883   12.122  1.00 29.54 ? 576 HOH A O   1 
HETATM 1589 O O   . HOH S 6 .   ? 9.519   -9.677  -9.886  1.00 25.95 ? 577 HOH A O   1 
HETATM 1590 O O   . HOH T 6 .   ? 8.240   7.204   -1.783  1.00 24.78 ? 301 HOH X O   1 
HETATM 1591 O O   . HOH T 6 .   ? 3.606   10.587  -8.950  1.00 41.07 ? 302 HOH X O   1 
# 
loop_
_pdbx_poly_seq_scheme.asym_id 
_pdbx_poly_seq_scheme.entity_id 
_pdbx_poly_seq_scheme.seq_id 
_pdbx_poly_seq_scheme.mon_id 
_pdbx_poly_seq_scheme.ndb_seq_num 
_pdbx_poly_seq_scheme.pdb_seq_num 
_pdbx_poly_seq_scheme.auth_seq_num 
_pdbx_poly_seq_scheme.pdb_mon_id 
_pdbx_poly_seq_scheme.auth_mon_id 
_pdbx_poly_seq_scheme.pdb_strand_id 
_pdbx_poly_seq_scheme.pdb_ins_code 
_pdbx_poly_seq_scheme.hetero 
A 1 1   MET 1   124 ?   ?   ?   A . n 
A 1 2   HIS 2   125 ?   ?   ?   A . n 
A 1 3   HIS 3   126 ?   ?   ?   A . n 
A 1 4   HIS 4   127 ?   ?   ?   A . n 
A 1 5   HIS 5   128 ?   ?   ?   A . n 
A 1 6   HIS 6   129 ?   ?   ?   A . n 
A 1 7   HIS 7   130 ?   ?   ?   A . n 
A 1 8   SER 8   131 ?   ?   ?   A . n 
A 1 9   SER 9   132 ?   ?   ?   A . n 
A 1 10  GLY 10  133 ?   ?   ?   A . n 
A 1 11  ARG 11  134 ?   ?   ?   A . n 
A 1 12  GLU 12  135 ?   ?   ?   A . n 
A 1 13  ASN 13  136 ?   ?   ?   A . n 
A 1 14  LEU 14  137 137 LEU LEU A . n 
A 1 15  TYR 15  138 138 TYR TYR A . n 
A 1 16  PHE 16  139 139 PHE PHE A . n 
A 1 17  GLN 17  140 140 GLN GLN A . n 
A 1 18  GLY 18  141 141 GLY GLY A . n 
A 1 19  SER 19  142 142 SER SER A . n 
A 1 20  THR 20  143 143 THR THR A . n 
A 1 21  THR 21  144 144 THR THR A . n 
A 1 22  PRO 22  145 145 PRO PRO A . n 
A 1 23  LEU 23  146 146 LEU LEU A . n 
A 1 24  LEU 24  147 147 LEU LEU A . n 
A 1 25  ALA 25  148 148 ALA ALA A . n 
A 1 26  ASN 26  149 149 ASN ASN A . n 
A 1 27  SER 27  150 150 SER SER A . n 
A 1 28  LEU 28  151 151 LEU LEU A . n 
A 1 29  SER 29  152 152 SER SER A . n 
A 1 30  VAL 30  153 153 VAL VAL A . n 
A 1 31  HIS 31  154 154 HIS HIS A . n 
A 1 32  GLN 32  155 155 GLN GLN A . n 
A 1 33  LEU 33  156 156 LEU LEU A . n 
A 1 34  ALA 34  157 157 ALA ALA A . n 
A 1 35  ALA 35  158 158 ALA ALA A . n 
A 1 36  GLN 36  159 159 GLN GLN A . n 
A 1 37  GLY 37  160 160 GLY GLY A . n 
A 1 38  GLU 38  161 161 GLU GLU A . n 
A 1 39  MET 39  162 162 MET MET A . n 
A 1 40  LEU 40  163 163 LEU LEU A . n 
A 1 41  TYR 41  164 164 TYR TYR A . n 
A 1 42  LEU 42  165 165 LEU LEU A . n 
A 1 43  ALA 43  166 166 ALA ALA A . n 
A 1 44  THR 44  167 167 THR THR A . n 
A 1 45  ARG 45  168 168 ARG ARG A . n 
A 1 46  ILE 46  169 169 ILE ILE A . n 
A 1 47  GLU 47  170 170 GLU GLU A . n 
A 1 48  GLN 48  171 171 GLN GLN A . n 
A 1 49  GLU 49  172 172 GLU GLU A . n 
A 1 50  ASN 50  173 173 ASN ASN A . n 
A 1 51  VAL 51  174 174 VAL VAL A . n 
A 1 52  ILE 52  175 175 ILE ILE A . n 
A 1 53  ASN 53  176 176 ASN ASN A . n 
A 1 54  HIS 54  177 177 HIS HIS A . n 
A 1 55  THR 55  178 178 THR THR A . n 
A 1 56  ASP 56  179 179 ASP ASP A . n 
A 1 57  GLU 57  180 180 GLU GLU A . n 
A 1 58  GLU 58  181 181 GLU GLU A . n 
A 1 59  GLY 59  182 182 GLY GLY A . n 
A 1 60  PHE 60  183 183 PHE PHE A . n 
A 1 61  THR 61  184 184 THR THR A . n 
A 1 62  PRO 62  185 185 PRO PRO A . n 
A 1 63  LEU 63  186 186 LEU LEU A . n 
A 1 64  MET 64  187 187 MET MET A . n 
A 1 65  TRP 65  188 188 TRP TRP A . n 
A 1 66  ALA 66  189 189 ALA ALA A . n 
A 1 67  ALA 67  190 190 ALA ALA A . n 
A 1 68  ALA 68  191 191 ALA ALA A . n 
A 1 69  HIS 69  192 192 HIS HIS A . n 
A 1 70  GLY 70  193 193 GLY GLY A . n 
A 1 71  GLN 71  194 194 GLN GLN A . n 
A 1 72  ILE 72  195 195 ILE ILE A . n 
A 1 73  ALA 73  196 196 ALA ALA A . n 
A 1 74  VAL 74  197 197 VAL VAL A . n 
A 1 75  VAL 75  198 198 VAL VAL A . n 
A 1 76  GLU 76  199 199 GLU GLU A . n 
A 1 77  PHE 77  200 200 PHE PHE A . n 
A 1 78  LEU 78  201 201 LEU LEU A . n 
A 1 79  LEU 79  202 202 LEU LEU A . n 
A 1 80  GLN 80  203 203 GLN GLN A . n 
A 1 81  ASN 81  204 204 ASN ASN A . n 
A 1 82  GLY 82  205 205 GLY GLY A . n 
A 1 83  ALA 83  206 206 ALA ALA A . n 
A 1 84  ASP 84  207 207 ASP ASP A . n 
A 1 85  PRO 85  208 208 PRO PRO A . n 
A 1 86  GLN 86  209 209 GLN GLN A . n 
A 1 87  LEU 87  210 210 LEU LEU A . n 
A 1 88  LEU 88  211 211 LEU LEU A . n 
A 1 89  GLY 89  212 212 GLY GLY A . n 
A 1 90  LYS 90  213 213 LYS LYS A . n 
A 1 91  GLY 91  214 214 GLY GLY A . n 
A 1 92  ARG 92  215 215 ARG ARG A . n 
A 1 93  GLU 93  216 216 GLU GLU A . n 
A 1 94  SER 94  217 217 SER SER A . n 
A 1 95  ALA 95  218 218 ALA ALA A . n 
A 1 96  LEU 96  219 219 LEU LEU A . n 
A 1 97  SER 97  220 220 SER SER A . n 
A 1 98  LEU 98  221 221 LEU LEU A . n 
A 1 99  ALA 99  222 222 ALA ALA A . n 
A 1 100 CYS 100 223 223 CYS CYS A . n 
A 1 101 SER 101 224 224 SER SER A . n 
A 1 102 LYS 102 225 225 LYS LYS A . n 
A 1 103 GLY 103 226 226 GLY GLY A . n 
A 1 104 TYR 104 227 227 TYR TYR A . n 
A 1 105 THR 105 228 228 THR THR A . n 
A 1 106 ASP 106 229 229 ASP ASP A . n 
A 1 107 ILE 107 230 230 ILE ILE A . n 
A 1 108 VAL 108 231 231 VAL VAL A . n 
A 1 109 LYS 109 232 232 LYS LYS A . n 
A 1 110 MET 110 233 233 MET MET A . n 
A 1 111 LEU 111 234 234 LEU LEU A . n 
A 1 112 LEU 112 235 235 LEU LEU A . n 
A 1 113 ASP 113 236 236 ASP ASP A . n 
A 1 114 CYS 114 237 237 CYS CYS A . n 
A 1 115 GLY 115 238 238 GLY GLY A . n 
A 1 116 VAL 116 239 239 VAL VAL A . n 
A 1 117 ASP 117 240 240 ASP ASP A . n 
A 1 118 VAL 118 241 241 VAL VAL A . n 
A 1 119 ASN 119 242 242 ASN ASN A . n 
A 1 120 GLU 120 243 243 GLU GLU A . n 
A 1 121 TYR 121 244 244 TYR TYR A . n 
A 1 122 ASP 122 245 245 ASP ASP A . n 
A 1 123 TRP 123 246 246 TRP TRP A . n 
A 1 124 ASN 124 247 247 ASN ASN A . n 
A 1 125 GLY 125 248 248 GLY GLY A . n 
A 1 126 GLY 126 249 249 GLY GLY A . n 
A 1 127 THR 127 250 250 THR THR A . n 
A 1 128 PRO 128 251 251 PRO PRO A . n 
A 1 129 LEU 129 252 252 LEU LEU A . n 
A 1 130 LEU 130 253 253 LEU LEU A . n 
A 1 131 TYR 131 254 254 TYR TYR A . n 
A 1 132 ALA 132 255 255 ALA ALA A . n 
A 1 133 VAL 133 256 256 VAL VAL A . n 
A 1 134 HIS 134 257 257 HIS HIS A . n 
A 1 135 GLY 135 258 258 GLY GLY A . n 
A 1 136 ASN 136 259 259 ASN ASN A . n 
A 1 137 HIS 137 260 260 HIS HIS A . n 
A 1 138 VAL 138 261 261 VAL VAL A . n 
A 1 139 LYS 139 262 262 LYS LYS A . n 
A 1 140 CYS 140 263 263 CYS CYS A . n 
A 1 141 VAL 141 264 264 VAL VAL A . n 
A 1 142 LYS 142 265 265 LYS LYS A . n 
A 1 143 MET 143 266 266 MET MET A . n 
A 1 144 LEU 144 267 267 LEU LEU A . n 
A 1 145 LEU 145 268 268 LEU LEU A . n 
A 1 146 GLU 146 269 269 GLU GLU A . n 
A 1 147 SER 147 270 270 SER SER A . n 
A 1 148 GLY 148 271 271 GLY GLY A . n 
A 1 149 ALA 149 272 272 ALA ALA A . n 
A 1 150 ASP 150 273 273 ASP ASP A . n 
A 1 151 PRO 151 274 274 PRO PRO A . n 
A 1 152 THR 152 275 275 THR THR A . n 
A 1 153 ILE 153 276 276 ILE ILE A . n 
A 1 154 GLU 154 277 277 GLU GLU A . n 
A 1 155 THR 155 278 278 THR THR A . n 
A 1 156 ASP 156 279 279 ASP ASP A . n 
A 1 157 SER 157 280 280 SER SER A . n 
A 1 158 GLY 158 281 281 GLY GLY A . n 
A 1 159 TYR 159 282 282 TYR TYR A . n 
A 1 160 ASN 160 283 283 ASN ASN A . n 
A 1 161 SER 161 284 284 SER SER A . n 
A 1 162 MET 162 285 285 MET MET A . n 
A 1 163 ASP 163 286 286 ASP ASP A . n 
A 1 164 LEU 164 287 287 LEU LEU A . n 
A 1 165 ALA 165 288 288 ALA ALA A . n 
A 1 166 VAL 166 289 289 VAL VAL A . n 
A 1 167 ALA 167 290 290 ALA ALA A . n 
A 1 168 LEU 168 291 291 LEU LEU A . n 
A 1 169 GLY 169 292 292 GLY GLY A . n 
A 1 170 TYR 170 293 293 TYR TYR A . n 
A 1 171 ARG 171 294 294 ARG ARG A . n 
A 1 172 SER 172 295 295 SER SER A . n 
A 1 173 VAL 173 296 296 VAL VAL A . n 
A 1 174 GLN 174 297 297 GLN GLN A . n 
A 1 175 GLN 175 298 298 GLN GLN A . n 
A 1 176 VAL 176 299 299 VAL VAL A . n 
A 1 177 ILE 177 300 300 ILE ILE A . n 
A 1 178 GLU 178 301 301 GLU GLU A . n 
A 1 179 SER 179 302 302 SER SER A . n 
A 1 180 HIS 180 303 303 HIS HIS A . n 
A 1 181 LEU 181 304 304 LEU LEU A . n 
A 1 182 LEU 182 305 305 LEU LEU A . n 
A 1 183 LYS 183 306 306 LYS LYS A . n 
A 1 184 LEU 184 307 307 LEU LEU A . n 
A 1 185 LEU 185 308 308 LEU LEU A . n 
A 1 186 GLN 186 309 309 GLN GLN A . n 
A 1 187 ASN 187 310 310 ASN ASN A . n 
A 1 188 ILE 188 311 311 ILE ILE A . n 
A 1 189 LYS 189 312 312 LYS LYS A . n 
A 1 190 GLU 190 313 ?   ?   ?   A . n 
B 2 1   LYS 1   85  ?   ?   ?   X . n 
B 2 2   ALA 2   86  86  ALA ALA X . n 
B 2 3   PHE 3   87  87  PHE PHE X . n 
B 2 4   VAL 4   88  88  VAL VAL X . n 
B 2 5   HIS 5   89  89  HIS HIS X . n 
B 2 6   MET 6   90  90  MET MET X . n 
B 2 7   PRO 7   91  91  PRO PRO X . n 
B 2 8   THR 8   92  92  THR THR X . n 
B 2 9   LEU 9   93  93  LEU LEU X . n 
B 2 10  PRO 10  94  94  PRO PRO X . n 
B 2 11  ASN 11  95  95  ASN ASN X . n 
B 2 12  LEU 12  96  96  LEU LEU X . n 
B 2 13  ASP 13  97  97  ASP ASP X . n 
B 2 14  PHE 14  98  98  PHE PHE X . n 
B 2 15  HIS 15  99  99  HIS HIS X . n 
B 2 16  LYS 16  100 100 LYS LYS X . n 
B 2 17  THR 17  101 101 THR THR X . n 
# 
_pdbx_SG_project.id                    1 
_pdbx_SG_project.project_name          ? 
_pdbx_SG_project.full_name_of_center   'Structural Genomics Consortium' 
_pdbx_SG_project.initial_of_center     SGC 
# 
loop_
_pdbx_nonpoly_scheme.asym_id 
_pdbx_nonpoly_scheme.entity_id 
_pdbx_nonpoly_scheme.mon_id 
_pdbx_nonpoly_scheme.ndb_seq_num 
_pdbx_nonpoly_scheme.pdb_seq_num 
_pdbx_nonpoly_scheme.auth_seq_num 
_pdbx_nonpoly_scheme.pdb_mon_id 
_pdbx_nonpoly_scheme.auth_mon_id 
_pdbx_nonpoly_scheme.pdb_strand_id 
_pdbx_nonpoly_scheme.pdb_ins_code 
C 3 SO4 1  401 1  SO4 SO4 A . 
D 3 SO4 1  402 2  SO4 SO4 A . 
E 3 SO4 1  403 3  SO4 SO4 A . 
F 3 SO4 1  404 4  SO4 SO4 A . 
G 4 UNX 1  405 10 UNX UNX A . 
H 4 UNX 1  406 11 UNX UNX A . 
I 4 UNX 1  407 4  UNX UNX A . 
J 4 UNX 1  408 5  UNX UNX A . 
K 4 UNX 1  409 7  UNX UNX A . 
L 4 UNX 1  410 8  UNX UNX A . 
M 4 UNX 1  411 9  UNX UNX A . 
N 4 UNX 1  412 12 UNX UNX A . 
O 5 UNL 1  413 1  UNL UNL A . 
P 4 UNX 1  201 2  UNX UNX X . 
Q 4 UNX 1  202 6  UNX UNX X . 
R 4 UNX 1  203 3  UNX UNX X . 
S 6 HOH 1  501 1  HOH HOH A . 
S 6 HOH 2  502 3  HOH HOH A . 
S 6 HOH 3  503 4  HOH HOH A . 
S 6 HOH 4  504 5  HOH HOH A . 
S 6 HOH 5  505 6  HOH HOH A . 
S 6 HOH 6  506 7  HOH HOH A . 
S 6 HOH 7  507 9  HOH HOH A . 
S 6 HOH 8  508 10 HOH HOH A . 
S 6 HOH 9  509 11 HOH HOH A . 
S 6 HOH 10 510 12 HOH HOH A . 
S 6 HOH 11 511 13 HOH HOH A . 
S 6 HOH 12 512 14 HOH HOH A . 
S 6 HOH 13 513 15 HOH HOH A . 
S 6 HOH 14 514 17 HOH HOH A . 
S 6 HOH 15 515 19 HOH HOH A . 
S 6 HOH 16 516 21 HOH HOH A . 
S 6 HOH 17 517 22 HOH HOH A . 
S 6 HOH 18 518 23 HOH HOH A . 
S 6 HOH 19 519 24 HOH HOH A . 
S 6 HOH 20 520 25 HOH HOH A . 
S 6 HOH 21 521 26 HOH HOH A . 
S 6 HOH 22 522 27 HOH HOH A . 
S 6 HOH 23 523 28 HOH HOH A . 
S 6 HOH 24 524 30 HOH HOH A . 
S 6 HOH 25 525 31 HOH HOH A . 
S 6 HOH 26 526 32 HOH HOH A . 
S 6 HOH 27 527 33 HOH HOH A . 
S 6 HOH 28 528 34 HOH HOH A . 
S 6 HOH 29 529 36 HOH HOH A . 
S 6 HOH 30 530 37 HOH HOH A . 
S 6 HOH 31 531 38 HOH HOH A . 
S 6 HOH 32 532 39 HOH HOH A . 
S 6 HOH 33 533 41 HOH HOH A . 
S 6 HOH 34 534 42 HOH HOH A . 
S 6 HOH 35 535 43 HOH HOH A . 
S 6 HOH 36 536 44 HOH HOH A . 
S 6 HOH 37 537 45 HOH HOH A . 
S 6 HOH 38 538 46 HOH HOH A . 
S 6 HOH 39 539 47 HOH HOH A . 
S 6 HOH 40 540 48 HOH HOH A . 
S 6 HOH 41 541 49 HOH HOH A . 
S 6 HOH 42 542 52 HOH HOH A . 
S 6 HOH 43 543 53 HOH HOH A . 
S 6 HOH 44 544 55 HOH HOH A . 
S 6 HOH 45 545 56 HOH HOH A . 
S 6 HOH 46 546 57 HOH HOH A . 
S 6 HOH 47 547 58 HOH HOH A . 
S 6 HOH 48 548 60 HOH HOH A . 
S 6 HOH 49 549 61 HOH HOH A . 
S 6 HOH 50 550 64 HOH HOH A . 
S 6 HOH 51 551 66 HOH HOH A . 
S 6 HOH 52 552 67 HOH HOH A . 
S 6 HOH 53 553 68 HOH HOH A . 
S 6 HOH 54 554 69 HOH HOH A . 
S 6 HOH 55 555 70 HOH HOH A . 
S 6 HOH 56 556 71 HOH HOH A . 
S 6 HOH 57 557 72 HOH HOH A . 
S 6 HOH 58 558 73 HOH HOH A . 
S 6 HOH 59 559 74 HOH HOH A . 
S 6 HOH 60 560 75 HOH HOH A . 
S 6 HOH 61 561 76 HOH HOH A . 
S 6 HOH 62 562 77 HOH HOH A . 
S 6 HOH 63 563 80 HOH HOH A . 
S 6 HOH 64 564 81 HOH HOH A . 
S 6 HOH 65 565 82 HOH HOH A . 
S 6 HOH 66 566 83 HOH HOH A . 
S 6 HOH 67 567 84 HOH HOH A . 
S 6 HOH 68 568 86 HOH HOH A . 
S 6 HOH 69 569 87 HOH HOH A . 
S 6 HOH 70 570 88 HOH HOH A . 
S 6 HOH 71 571 89 HOH HOH A . 
S 6 HOH 72 572 90 HOH HOH A . 
S 6 HOH 73 573 91 HOH HOH A . 
S 6 HOH 74 574 92 HOH HOH A . 
S 6 HOH 75 575 93 HOH HOH A . 
S 6 HOH 76 576 94 HOH HOH A . 
S 6 HOH 77 577 95 HOH HOH A . 
T 6 HOH 1  301 29 HOH HOH X . 
T 6 HOH 2  302 62 HOH HOH X . 
# 
_pdbx_struct_assembly.id                   1 
_pdbx_struct_assembly.details              software_defined_assembly 
_pdbx_struct_assembly.method_details       PISA 
_pdbx_struct_assembly.oligomeric_details   dimeric 
_pdbx_struct_assembly.oligomeric_count     2 
# 
_pdbx_struct_assembly_gen.assembly_id       1 
_pdbx_struct_assembly_gen.oper_expression   1 
_pdbx_struct_assembly_gen.asym_id_list      A,B,C,D,E,F,G,H,I,J,K,L,M,N,O,P,Q,R,S,T 
# 
loop_
_pdbx_struct_assembly_prop.biol_id 
_pdbx_struct_assembly_prop.type 
_pdbx_struct_assembly_prop.value 
_pdbx_struct_assembly_prop.details 
1 'ABSA (A^2)' 2670  ? 
1 MORE         -72   ? 
1 'SSA (A^2)'  10720 ? 
# 
_pdbx_struct_oper_list.id                   1 
_pdbx_struct_oper_list.type                 'identity operation' 
_pdbx_struct_oper_list.name                 1_555 
_pdbx_struct_oper_list.symmetry_operation   x,y,z 
_pdbx_struct_oper_list.matrix[1][1]         1.0000000000 
_pdbx_struct_oper_list.matrix[1][2]         0.0000000000 
_pdbx_struct_oper_list.matrix[1][3]         0.0000000000 
_pdbx_struct_oper_list.vector[1]            0.0000000000 
_pdbx_struct_oper_list.matrix[2][1]         0.0000000000 
_pdbx_struct_oper_list.matrix[2][2]         1.0000000000 
_pdbx_struct_oper_list.matrix[2][3]         0.0000000000 
_pdbx_struct_oper_list.vector[2]            0.0000000000 
_pdbx_struct_oper_list.matrix[3][1]         0.0000000000 
_pdbx_struct_oper_list.matrix[3][2]         0.0000000000 
_pdbx_struct_oper_list.matrix[3][3]         1.0000000000 
_pdbx_struct_oper_list.vector[3]            0.0000000000 
# 
loop_
_pdbx_audit_revision_history.ordinal 
_pdbx_audit_revision_history.data_content_type 
_pdbx_audit_revision_history.major_revision 
_pdbx_audit_revision_history.minor_revision 
_pdbx_audit_revision_history.revision_date 
1 'Structure model' 1 0 2014-09-03 
2 'Structure model' 1 1 2015-03-18 
3 'Structure model' 1 2 2015-04-29 
4 'Structure model' 1 3 2019-12-18 
5 'Structure model' 1 4 2023-09-20 
# 
_pdbx_audit_revision_details.ordinal             1 
_pdbx_audit_revision_details.revision_ordinal    1 
_pdbx_audit_revision_details.data_content_type   'Structure model' 
_pdbx_audit_revision_details.provider            repository 
_pdbx_audit_revision_details.type                'Initial release' 
_pdbx_audit_revision_details.description         ? 
_pdbx_audit_revision_details.details             ? 
# 
loop_
_pdbx_audit_revision_group.ordinal 
_pdbx_audit_revision_group.revision_ordinal 
_pdbx_audit_revision_group.data_content_type 
_pdbx_audit_revision_group.group 
1 2 'Structure model' 'Database references'    
2 3 'Structure model' 'Database references'    
3 4 'Structure model' 'Data collection'        
4 4 'Structure model' 'Database references'    
5 5 'Structure model' 'Data collection'        
6 5 'Structure model' 'Database references'    
7 5 'Structure model' 'Derived calculations'   
8 5 'Structure model' 'Refinement description' 
# 
loop_
_pdbx_audit_revision_category.ordinal 
_pdbx_audit_revision_category.revision_ordinal 
_pdbx_audit_revision_category.data_content_type 
_pdbx_audit_revision_category.category 
1 4 'Structure model' citation                      
2 4 'Structure model' citation_author               
3 4 'Structure model' diffrn_source                 
4 4 'Structure model' struct_ref_seq_dif            
5 5 'Structure model' chem_comp_atom                
6 5 'Structure model' chem_comp_bond                
7 5 'Structure model' database_2                    
8 5 'Structure model' pdbx_initial_refinement_model 
9 5 'Structure model' struct_site                   
# 
loop_
_pdbx_audit_revision_item.ordinal 
_pdbx_audit_revision_item.revision_ordinal 
_pdbx_audit_revision_item.data_content_type 
_pdbx_audit_revision_item.item 
1  4 'Structure model' '_citation.country'                   
2  4 'Structure model' '_citation.journal_abbrev'            
3  4 'Structure model' '_citation.journal_id_ASTM'           
4  4 'Structure model' '_citation.journal_id_CSD'            
5  4 'Structure model' '_citation.journal_id_ISSN'           
6  4 'Structure model' '_citation.journal_volume'            
7  4 'Structure model' '_citation.page_first'                
8  4 'Structure model' '_citation.page_last'                 
9  4 'Structure model' '_citation.pdbx_database_id_DOI'      
10 4 'Structure model' '_citation.pdbx_database_id_PubMed'   
11 4 'Structure model' '_citation.title'                     
12 4 'Structure model' '_citation.year'                      
13 4 'Structure model' '_diffrn_source.type'                 
14 4 'Structure model' '_struct_ref_seq_dif.details'         
15 5 'Structure model' '_database_2.pdbx_DOI'                
16 5 'Structure model' '_database_2.pdbx_database_accession' 
17 5 'Structure model' '_struct_site.pdbx_auth_asym_id'      
18 5 'Structure model' '_struct_site.pdbx_auth_comp_id'      
19 5 'Structure model' '_struct_site.pdbx_auth_seq_id'       
# 
_phasing.method   MR 
# 
loop_
_software.pdbx_ordinal 
_software.name 
_software.version 
_software.date 
_software.type 
_software.contact_author 
_software.contact_author_email 
_software.classification 
_software.location 
_software.language 
_software.citation_id 
1 Aimless     0.3.6 21/05/14        program 'Phil Evans'         ?                           'data scaling'    
http://www.mrc-lmb.cam.ac.uk/harry/pre/aimless.html ?          ? 
2 PHASER      .     ?               program 'Randy J. Read'      cimr-phaser@lists.cam.ac.uk phasing           
http://www-structmed.cimr.cam.ac.uk/phaser/         ?          ? 
3 REFMAC      .     ?               program 'Garib N. Murshudov' garib@ysbl.york.ac.uk       refinement        
http://www.ccp4.ac.uk/dist/html/refmac5.html        Fortran_77 ? 
4 PDB_EXTRACT 3.14  'Dec. 10, 2013' package PDB                  deposit@deposit.rcsb.org    'data extraction' 
http://sw-tools.pdb.org/apps/PDB_EXTRACT/           C++        ? 
5 XDS         .     ?               ?       ?                    ?                           'data reduction'  ? ?          ? 
# 
loop_
_pdbx_unobs_or_zero_occ_atoms.id 
_pdbx_unobs_or_zero_occ_atoms.PDB_model_num 
_pdbx_unobs_or_zero_occ_atoms.polymer_flag 
_pdbx_unobs_or_zero_occ_atoms.occupancy_flag 
_pdbx_unobs_or_zero_occ_atoms.auth_asym_id 
_pdbx_unobs_or_zero_occ_atoms.auth_comp_id 
_pdbx_unobs_or_zero_occ_atoms.auth_seq_id 
_pdbx_unobs_or_zero_occ_atoms.PDB_ins_code 
_pdbx_unobs_or_zero_occ_atoms.auth_atom_id 
_pdbx_unobs_or_zero_occ_atoms.label_alt_id 
_pdbx_unobs_or_zero_occ_atoms.label_asym_id 
_pdbx_unobs_or_zero_occ_atoms.label_comp_id 
_pdbx_unobs_or_zero_occ_atoms.label_seq_id 
_pdbx_unobs_or_zero_occ_atoms.label_atom_id 
1  1 Y 1 A LEU 137 ? CG  ? A LEU 14  CG  
2  1 Y 1 A LEU 137 ? CD1 ? A LEU 14  CD1 
3  1 Y 1 A LEU 137 ? CD2 ? A LEU 14  CD2 
4  1 Y 1 A GLU 180 ? CD  ? A GLU 57  CD  
5  1 Y 1 A GLU 180 ? OE1 ? A GLU 57  OE1 
6  1 Y 1 A GLU 180 ? OE2 ? A GLU 57  OE2 
7  1 Y 1 A GLU 181 ? CD  ? A GLU 58  CD  
8  1 Y 1 A GLU 181 ? OE1 ? A GLU 58  OE1 
9  1 Y 1 A GLU 181 ? OE2 ? A GLU 58  OE2 
10 1 Y 1 A LYS 262 ? CD  ? A LYS 139 CD  
11 1 Y 1 A LYS 262 ? CE  ? A LYS 139 CE  
12 1 Y 1 A LYS 262 ? NZ  ? A LYS 139 NZ  
13 1 Y 1 A LYS 312 ? CD  ? A LYS 189 CD  
14 1 Y 1 A LYS 312 ? CE  ? A LYS 189 CE  
15 1 Y 1 A LYS 312 ? NZ  ? A LYS 189 NZ  
16 1 Y 1 X PHE 87  ? CD1 ? B PHE 3   CD1 
17 1 Y 1 X PHE 87  ? CD2 ? B PHE 3   CD2 
18 1 Y 1 X PHE 87  ? CE1 ? B PHE 3   CE1 
19 1 Y 1 X PHE 87  ? CE2 ? B PHE 3   CE2 
20 1 Y 1 X PHE 87  ? CZ  ? B PHE 3   CZ  
21 1 Y 1 X THR 101 ? OG1 ? B THR 17  OG1 
22 1 Y 1 X THR 101 ? CG2 ? B THR 17  CG2 
# 
loop_
_pdbx_unobs_or_zero_occ_residues.id 
_pdbx_unobs_or_zero_occ_residues.PDB_model_num 
_pdbx_unobs_or_zero_occ_residues.polymer_flag 
_pdbx_unobs_or_zero_occ_residues.occupancy_flag 
_pdbx_unobs_or_zero_occ_residues.auth_asym_id 
_pdbx_unobs_or_zero_occ_residues.auth_comp_id 
_pdbx_unobs_or_zero_occ_residues.auth_seq_id 
_pdbx_unobs_or_zero_occ_residues.PDB_ins_code 
_pdbx_unobs_or_zero_occ_residues.label_asym_id 
_pdbx_unobs_or_zero_occ_residues.label_comp_id 
_pdbx_unobs_or_zero_occ_residues.label_seq_id 
1  1 Y 1 A MET 124 ? A MET 1   
2  1 Y 1 A HIS 125 ? A HIS 2   
3  1 Y 1 A HIS 126 ? A HIS 3   
4  1 Y 1 A HIS 127 ? A HIS 4   
5  1 Y 1 A HIS 128 ? A HIS 5   
6  1 Y 1 A HIS 129 ? A HIS 6   
7  1 Y 1 A HIS 130 ? A HIS 7   
8  1 Y 1 A SER 131 ? A SER 8   
9  1 Y 1 A SER 132 ? A SER 9   
10 1 Y 1 A GLY 133 ? A GLY 10  
11 1 Y 1 A ARG 134 ? A ARG 11  
12 1 Y 1 A GLU 135 ? A GLU 12  
13 1 Y 1 A ASN 136 ? A ASN 13  
14 1 Y 1 A GLU 313 ? A GLU 190 
15 1 Y 1 X LYS 85  ? B LYS 1   
# 
loop_
_chem_comp_atom.comp_id 
_chem_comp_atom.atom_id 
_chem_comp_atom.type_symbol 
_chem_comp_atom.pdbx_aromatic_flag 
_chem_comp_atom.pdbx_stereo_config 
_chem_comp_atom.pdbx_ordinal 
ALA N    N N N 1   
ALA CA   C N S 2   
ALA C    C N N 3   
ALA O    O N N 4   
ALA CB   C N N 5   
ALA OXT  O N N 6   
ALA H    H N N 7   
ALA H2   H N N 8   
ALA HA   H N N 9   
ALA HB1  H N N 10  
ALA HB2  H N N 11  
ALA HB3  H N N 12  
ALA HXT  H N N 13  
ARG N    N N N 14  
ARG CA   C N S 15  
ARG C    C N N 16  
ARG O    O N N 17  
ARG CB   C N N 18  
ARG CG   C N N 19  
ARG CD   C N N 20  
ARG NE   N N N 21  
ARG CZ   C N N 22  
ARG NH1  N N N 23  
ARG NH2  N N N 24  
ARG OXT  O N N 25  
ARG H    H N N 26  
ARG H2   H N N 27  
ARG HA   H N N 28  
ARG HB2  H N N 29  
ARG HB3  H N N 30  
ARG HG2  H N N 31  
ARG HG3  H N N 32  
ARG HD2  H N N 33  
ARG HD3  H N N 34  
ARG HE   H N N 35  
ARG HH11 H N N 36  
ARG HH12 H N N 37  
ARG HH21 H N N 38  
ARG HH22 H N N 39  
ARG HXT  H N N 40  
ASN N    N N N 41  
ASN CA   C N S 42  
ASN C    C N N 43  
ASN O    O N N 44  
ASN CB   C N N 45  
ASN CG   C N N 46  
ASN OD1  O N N 47  
ASN ND2  N N N 48  
ASN OXT  O N N 49  
ASN H    H N N 50  
ASN H2   H N N 51  
ASN HA   H N N 52  
ASN HB2  H N N 53  
ASN HB3  H N N 54  
ASN HD21 H N N 55  
ASN HD22 H N N 56  
ASN HXT  H N N 57  
ASP N    N N N 58  
ASP CA   C N S 59  
ASP C    C N N 60  
ASP O    O N N 61  
ASP CB   C N N 62  
ASP CG   C N N 63  
ASP OD1  O N N 64  
ASP OD2  O N N 65  
ASP OXT  O N N 66  
ASP H    H N N 67  
ASP H2   H N N 68  
ASP HA   H N N 69  
ASP HB2  H N N 70  
ASP HB3  H N N 71  
ASP HD2  H N N 72  
ASP HXT  H N N 73  
CYS N    N N N 74  
CYS CA   C N R 75  
CYS C    C N N 76  
CYS O    O N N 77  
CYS CB   C N N 78  
CYS SG   S N N 79  
CYS OXT  O N N 80  
CYS H    H N N 81  
CYS H2   H N N 82  
CYS HA   H N N 83  
CYS HB2  H N N 84  
CYS HB3  H N N 85  
CYS HG   H N N 86  
CYS HXT  H N N 87  
GLN N    N N N 88  
GLN CA   C N S 89  
GLN C    C N N 90  
GLN O    O N N 91  
GLN CB   C N N 92  
GLN CG   C N N 93  
GLN CD   C N N 94  
GLN OE1  O N N 95  
GLN NE2  N N N 96  
GLN OXT  O N N 97  
GLN H    H N N 98  
GLN H2   H N N 99  
GLN HA   H N N 100 
GLN HB2  H N N 101 
GLN HB3  H N N 102 
GLN HG2  H N N 103 
GLN HG3  H N N 104 
GLN HE21 H N N 105 
GLN HE22 H N N 106 
GLN HXT  H N N 107 
GLU N    N N N 108 
GLU CA   C N S 109 
GLU C    C N N 110 
GLU O    O N N 111 
GLU CB   C N N 112 
GLU CG   C N N 113 
GLU CD   C N N 114 
GLU OE1  O N N 115 
GLU OE2  O N N 116 
GLU OXT  O N N 117 
GLU H    H N N 118 
GLU H2   H N N 119 
GLU HA   H N N 120 
GLU HB2  H N N 121 
GLU HB3  H N N 122 
GLU HG2  H N N 123 
GLU HG3  H N N 124 
GLU HE2  H N N 125 
GLU HXT  H N N 126 
GLY N    N N N 127 
GLY CA   C N N 128 
GLY C    C N N 129 
GLY O    O N N 130 
GLY OXT  O N N 131 
GLY H    H N N 132 
GLY H2   H N N 133 
GLY HA2  H N N 134 
GLY HA3  H N N 135 
GLY HXT  H N N 136 
HIS N    N N N 137 
HIS CA   C N S 138 
HIS C    C N N 139 
HIS O    O N N 140 
HIS CB   C N N 141 
HIS CG   C Y N 142 
HIS ND1  N Y N 143 
HIS CD2  C Y N 144 
HIS CE1  C Y N 145 
HIS NE2  N Y N 146 
HIS OXT  O N N 147 
HIS H    H N N 148 
HIS H2   H N N 149 
HIS HA   H N N 150 
HIS HB2  H N N 151 
HIS HB3  H N N 152 
HIS HD1  H N N 153 
HIS HD2  H N N 154 
HIS HE1  H N N 155 
HIS HE2  H N N 156 
HIS HXT  H N N 157 
HOH O    O N N 158 
HOH H1   H N N 159 
HOH H2   H N N 160 
ILE N    N N N 161 
ILE CA   C N S 162 
ILE C    C N N 163 
ILE O    O N N 164 
ILE CB   C N S 165 
ILE CG1  C N N 166 
ILE CG2  C N N 167 
ILE CD1  C N N 168 
ILE OXT  O N N 169 
ILE H    H N N 170 
ILE H2   H N N 171 
ILE HA   H N N 172 
ILE HB   H N N 173 
ILE HG12 H N N 174 
ILE HG13 H N N 175 
ILE HG21 H N N 176 
ILE HG22 H N N 177 
ILE HG23 H N N 178 
ILE HD11 H N N 179 
ILE HD12 H N N 180 
ILE HD13 H N N 181 
ILE HXT  H N N 182 
LEU N    N N N 183 
LEU CA   C N S 184 
LEU C    C N N 185 
LEU O    O N N 186 
LEU CB   C N N 187 
LEU CG   C N N 188 
LEU CD1  C N N 189 
LEU CD2  C N N 190 
LEU OXT  O N N 191 
LEU H    H N N 192 
LEU H2   H N N 193 
LEU HA   H N N 194 
LEU HB2  H N N 195 
LEU HB3  H N N 196 
LEU HG   H N N 197 
LEU HD11 H N N 198 
LEU HD12 H N N 199 
LEU HD13 H N N 200 
LEU HD21 H N N 201 
LEU HD22 H N N 202 
LEU HD23 H N N 203 
LEU HXT  H N N 204 
LYS N    N N N 205 
LYS CA   C N S 206 
LYS C    C N N 207 
LYS O    O N N 208 
LYS CB   C N N 209 
LYS CG   C N N 210 
LYS CD   C N N 211 
LYS CE   C N N 212 
LYS NZ   N N N 213 
LYS OXT  O N N 214 
LYS H    H N N 215 
LYS H2   H N N 216 
LYS HA   H N N 217 
LYS HB2  H N N 218 
LYS HB3  H N N 219 
LYS HG2  H N N 220 
LYS HG3  H N N 221 
LYS HD2  H N N 222 
LYS HD3  H N N 223 
LYS HE2  H N N 224 
LYS HE3  H N N 225 
LYS HZ1  H N N 226 
LYS HZ2  H N N 227 
LYS HZ3  H N N 228 
LYS HXT  H N N 229 
MET N    N N N 230 
MET CA   C N S 231 
MET C    C N N 232 
MET O    O N N 233 
MET CB   C N N 234 
MET CG   C N N 235 
MET SD   S N N 236 
MET CE   C N N 237 
MET OXT  O N N 238 
MET H    H N N 239 
MET H2   H N N 240 
MET HA   H N N 241 
MET HB2  H N N 242 
MET HB3  H N N 243 
MET HG2  H N N 244 
MET HG3  H N N 245 
MET HE1  H N N 246 
MET HE2  H N N 247 
MET HE3  H N N 248 
MET HXT  H N N 249 
PHE N    N N N 250 
PHE CA   C N S 251 
PHE C    C N N 252 
PHE O    O N N 253 
PHE CB   C N N 254 
PHE CG   C Y N 255 
PHE CD1  C Y N 256 
PHE CD2  C Y N 257 
PHE CE1  C Y N 258 
PHE CE2  C Y N 259 
PHE CZ   C Y N 260 
PHE OXT  O N N 261 
PHE H    H N N 262 
PHE H2   H N N 263 
PHE HA   H N N 264 
PHE HB2  H N N 265 
PHE HB3  H N N 266 
PHE HD1  H N N 267 
PHE HD2  H N N 268 
PHE HE1  H N N 269 
PHE HE2  H N N 270 
PHE HZ   H N N 271 
PHE HXT  H N N 272 
PRO N    N N N 273 
PRO CA   C N S 274 
PRO C    C N N 275 
PRO O    O N N 276 
PRO CB   C N N 277 
PRO CG   C N N 278 
PRO CD   C N N 279 
PRO OXT  O N N 280 
PRO H    H N N 281 
PRO HA   H N N 282 
PRO HB2  H N N 283 
PRO HB3  H N N 284 
PRO HG2  H N N 285 
PRO HG3  H N N 286 
PRO HD2  H N N 287 
PRO HD3  H N N 288 
PRO HXT  H N N 289 
SER N    N N N 290 
SER CA   C N S 291 
SER C    C N N 292 
SER O    O N N 293 
SER CB   C N N 294 
SER OG   O N N 295 
SER OXT  O N N 296 
SER H    H N N 297 
SER H2   H N N 298 
SER HA   H N N 299 
SER HB2  H N N 300 
SER HB3  H N N 301 
SER HG   H N N 302 
SER HXT  H N N 303 
SO4 S    S N N 304 
SO4 O1   O N N 305 
SO4 O2   O N N 306 
SO4 O3   O N N 307 
SO4 O4   O N N 308 
THR N    N N N 309 
THR CA   C N S 310 
THR C    C N N 311 
THR O    O N N 312 
THR CB   C N R 313 
THR OG1  O N N 314 
THR CG2  C N N 315 
THR OXT  O N N 316 
THR H    H N N 317 
THR H2   H N N 318 
THR HA   H N N 319 
THR HB   H N N 320 
THR HG1  H N N 321 
THR HG21 H N N 322 
THR HG22 H N N 323 
THR HG23 H N N 324 
THR HXT  H N N 325 
TRP N    N N N 326 
TRP CA   C N S 327 
TRP C    C N N 328 
TRP O    O N N 329 
TRP CB   C N N 330 
TRP CG   C Y N 331 
TRP CD1  C Y N 332 
TRP CD2  C Y N 333 
TRP NE1  N Y N 334 
TRP CE2  C Y N 335 
TRP CE3  C Y N 336 
TRP CZ2  C Y N 337 
TRP CZ3  C Y N 338 
TRP CH2  C Y N 339 
TRP OXT  O N N 340 
TRP H    H N N 341 
TRP H2   H N N 342 
TRP HA   H N N 343 
TRP HB2  H N N 344 
TRP HB3  H N N 345 
TRP HD1  H N N 346 
TRP HE1  H N N 347 
TRP HE3  H N N 348 
TRP HZ2  H N N 349 
TRP HZ3  H N N 350 
TRP HH2  H N N 351 
TRP HXT  H N N 352 
TYR N    N N N 353 
TYR CA   C N S 354 
TYR C    C N N 355 
TYR O    O N N 356 
TYR CB   C N N 357 
TYR CG   C Y N 358 
TYR CD1  C Y N 359 
TYR CD2  C Y N 360 
TYR CE1  C Y N 361 
TYR CE2  C Y N 362 
TYR CZ   C Y N 363 
TYR OH   O N N 364 
TYR OXT  O N N 365 
TYR H    H N N 366 
TYR H2   H N N 367 
TYR HA   H N N 368 
TYR HB2  H N N 369 
TYR HB3  H N N 370 
TYR HD1  H N N 371 
TYR HD2  H N N 372 
TYR HE1  H N N 373 
TYR HE2  H N N 374 
TYR HH   H N N 375 
TYR HXT  H N N 376 
VAL N    N N N 377 
VAL CA   C N S 378 
VAL C    C N N 379 
VAL O    O N N 380 
VAL CB   C N N 381 
VAL CG1  C N N 382 
VAL CG2  C N N 383 
VAL OXT  O N N 384 
VAL H    H N N 385 
VAL H2   H N N 386 
VAL HA   H N N 387 
VAL HB   H N N 388 
VAL HG11 H N N 389 
VAL HG12 H N N 390 
VAL HG13 H N N 391 
VAL HG21 H N N 392 
VAL HG22 H N N 393 
VAL HG23 H N N 394 
VAL HXT  H N N 395 
# 
loop_
_chem_comp_bond.comp_id 
_chem_comp_bond.atom_id_1 
_chem_comp_bond.atom_id_2 
_chem_comp_bond.value_order 
_chem_comp_bond.pdbx_aromatic_flag 
_chem_comp_bond.pdbx_stereo_config 
_chem_comp_bond.pdbx_ordinal 
ALA N   CA   sing N N 1   
ALA N   H    sing N N 2   
ALA N   H2   sing N N 3   
ALA CA  C    sing N N 4   
ALA CA  CB   sing N N 5   
ALA CA  HA   sing N N 6   
ALA C   O    doub N N 7   
ALA C   OXT  sing N N 8   
ALA CB  HB1  sing N N 9   
ALA CB  HB2  sing N N 10  
ALA CB  HB3  sing N N 11  
ALA OXT HXT  sing N N 12  
ARG N   CA   sing N N 13  
ARG N   H    sing N N 14  
ARG N   H2   sing N N 15  
ARG CA  C    sing N N 16  
ARG CA  CB   sing N N 17  
ARG CA  HA   sing N N 18  
ARG C   O    doub N N 19  
ARG C   OXT  sing N N 20  
ARG CB  CG   sing N N 21  
ARG CB  HB2  sing N N 22  
ARG CB  HB3  sing N N 23  
ARG CG  CD   sing N N 24  
ARG CG  HG2  sing N N 25  
ARG CG  HG3  sing N N 26  
ARG CD  NE   sing N N 27  
ARG CD  HD2  sing N N 28  
ARG CD  HD3  sing N N 29  
ARG NE  CZ   sing N N 30  
ARG NE  HE   sing N N 31  
ARG CZ  NH1  sing N N 32  
ARG CZ  NH2  doub N N 33  
ARG NH1 HH11 sing N N 34  
ARG NH1 HH12 sing N N 35  
ARG NH2 HH21 sing N N 36  
ARG NH2 HH22 sing N N 37  
ARG OXT HXT  sing N N 38  
ASN N   CA   sing N N 39  
ASN N   H    sing N N 40  
ASN N   H2   sing N N 41  
ASN CA  C    sing N N 42  
ASN CA  CB   sing N N 43  
ASN CA  HA   sing N N 44  
ASN C   O    doub N N 45  
ASN C   OXT  sing N N 46  
ASN CB  CG   sing N N 47  
ASN CB  HB2  sing N N 48  
ASN CB  HB3  sing N N 49  
ASN CG  OD1  doub N N 50  
ASN CG  ND2  sing N N 51  
ASN ND2 HD21 sing N N 52  
ASN ND2 HD22 sing N N 53  
ASN OXT HXT  sing N N 54  
ASP N   CA   sing N N 55  
ASP N   H    sing N N 56  
ASP N   H2   sing N N 57  
ASP CA  C    sing N N 58  
ASP CA  CB   sing N N 59  
ASP CA  HA   sing N N 60  
ASP C   O    doub N N 61  
ASP C   OXT  sing N N 62  
ASP CB  CG   sing N N 63  
ASP CB  HB2  sing N N 64  
ASP CB  HB3  sing N N 65  
ASP CG  OD1  doub N N 66  
ASP CG  OD2  sing N N 67  
ASP OD2 HD2  sing N N 68  
ASP OXT HXT  sing N N 69  
CYS N   CA   sing N N 70  
CYS N   H    sing N N 71  
CYS N   H2   sing N N 72  
CYS CA  C    sing N N 73  
CYS CA  CB   sing N N 74  
CYS CA  HA   sing N N 75  
CYS C   O    doub N N 76  
CYS C   OXT  sing N N 77  
CYS CB  SG   sing N N 78  
CYS CB  HB2  sing N N 79  
CYS CB  HB3  sing N N 80  
CYS SG  HG   sing N N 81  
CYS OXT HXT  sing N N 82  
GLN N   CA   sing N N 83  
GLN N   H    sing N N 84  
GLN N   H2   sing N N 85  
GLN CA  C    sing N N 86  
GLN CA  CB   sing N N 87  
GLN CA  HA   sing N N 88  
GLN C   O    doub N N 89  
GLN C   OXT  sing N N 90  
GLN CB  CG   sing N N 91  
GLN CB  HB2  sing N N 92  
GLN CB  HB3  sing N N 93  
GLN CG  CD   sing N N 94  
GLN CG  HG2  sing N N 95  
GLN CG  HG3  sing N N 96  
GLN CD  OE1  doub N N 97  
GLN CD  NE2  sing N N 98  
GLN NE2 HE21 sing N N 99  
GLN NE2 HE22 sing N N 100 
GLN OXT HXT  sing N N 101 
GLU N   CA   sing N N 102 
GLU N   H    sing N N 103 
GLU N   H2   sing N N 104 
GLU CA  C    sing N N 105 
GLU CA  CB   sing N N 106 
GLU CA  HA   sing N N 107 
GLU C   O    doub N N 108 
GLU C   OXT  sing N N 109 
GLU CB  CG   sing N N 110 
GLU CB  HB2  sing N N 111 
GLU CB  HB3  sing N N 112 
GLU CG  CD   sing N N 113 
GLU CG  HG2  sing N N 114 
GLU CG  HG3  sing N N 115 
GLU CD  OE1  doub N N 116 
GLU CD  OE2  sing N N 117 
GLU OE2 HE2  sing N N 118 
GLU OXT HXT  sing N N 119 
GLY N   CA   sing N N 120 
GLY N   H    sing N N 121 
GLY N   H2   sing N N 122 
GLY CA  C    sing N N 123 
GLY CA  HA2  sing N N 124 
GLY CA  HA3  sing N N 125 
GLY C   O    doub N N 126 
GLY C   OXT  sing N N 127 
GLY OXT HXT  sing N N 128 
HIS N   CA   sing N N 129 
HIS N   H    sing N N 130 
HIS N   H2   sing N N 131 
HIS CA  C    sing N N 132 
HIS CA  CB   sing N N 133 
HIS CA  HA   sing N N 134 
HIS C   O    doub N N 135 
HIS C   OXT  sing N N 136 
HIS CB  CG   sing N N 137 
HIS CB  HB2  sing N N 138 
HIS CB  HB3  sing N N 139 
HIS CG  ND1  sing Y N 140 
HIS CG  CD2  doub Y N 141 
HIS ND1 CE1  doub Y N 142 
HIS ND1 HD1  sing N N 143 
HIS CD2 NE2  sing Y N 144 
HIS CD2 HD2  sing N N 145 
HIS CE1 NE2  sing Y N 146 
HIS CE1 HE1  sing N N 147 
HIS NE2 HE2  sing N N 148 
HIS OXT HXT  sing N N 149 
HOH O   H1   sing N N 150 
HOH O   H2   sing N N 151 
ILE N   CA   sing N N 152 
ILE N   H    sing N N 153 
ILE N   H2   sing N N 154 
ILE CA  C    sing N N 155 
ILE CA  CB   sing N N 156 
ILE CA  HA   sing N N 157 
ILE C   O    doub N N 158 
ILE C   OXT  sing N N 159 
ILE CB  CG1  sing N N 160 
ILE CB  CG2  sing N N 161 
ILE CB  HB   sing N N 162 
ILE CG1 CD1  sing N N 163 
ILE CG1 HG12 sing N N 164 
ILE CG1 HG13 sing N N 165 
ILE CG2 HG21 sing N N 166 
ILE CG2 HG22 sing N N 167 
ILE CG2 HG23 sing N N 168 
ILE CD1 HD11 sing N N 169 
ILE CD1 HD12 sing N N 170 
ILE CD1 HD13 sing N N 171 
ILE OXT HXT  sing N N 172 
LEU N   CA   sing N N 173 
LEU N   H    sing N N 174 
LEU N   H2   sing N N 175 
LEU CA  C    sing N N 176 
LEU CA  CB   sing N N 177 
LEU CA  HA   sing N N 178 
LEU C   O    doub N N 179 
LEU C   OXT  sing N N 180 
LEU CB  CG   sing N N 181 
LEU CB  HB2  sing N N 182 
LEU CB  HB3  sing N N 183 
LEU CG  CD1  sing N N 184 
LEU CG  CD2  sing N N 185 
LEU CG  HG   sing N N 186 
LEU CD1 HD11 sing N N 187 
LEU CD1 HD12 sing N N 188 
LEU CD1 HD13 sing N N 189 
LEU CD2 HD21 sing N N 190 
LEU CD2 HD22 sing N N 191 
LEU CD2 HD23 sing N N 192 
LEU OXT HXT  sing N N 193 
LYS N   CA   sing N N 194 
LYS N   H    sing N N 195 
LYS N   H2   sing N N 196 
LYS CA  C    sing N N 197 
LYS CA  CB   sing N N 198 
LYS CA  HA   sing N N 199 
LYS C   O    doub N N 200 
LYS C   OXT  sing N N 201 
LYS CB  CG   sing N N 202 
LYS CB  HB2  sing N N 203 
LYS CB  HB3  sing N N 204 
LYS CG  CD   sing N N 205 
LYS CG  HG2  sing N N 206 
LYS CG  HG3  sing N N 207 
LYS CD  CE   sing N N 208 
LYS CD  HD2  sing N N 209 
LYS CD  HD3  sing N N 210 
LYS CE  NZ   sing N N 211 
LYS CE  HE2  sing N N 212 
LYS CE  HE3  sing N N 213 
LYS NZ  HZ1  sing N N 214 
LYS NZ  HZ2  sing N N 215 
LYS NZ  HZ3  sing N N 216 
LYS OXT HXT  sing N N 217 
MET N   CA   sing N N 218 
MET N   H    sing N N 219 
MET N   H2   sing N N 220 
MET CA  C    sing N N 221 
MET CA  CB   sing N N 222 
MET CA  HA   sing N N 223 
MET C   O    doub N N 224 
MET C   OXT  sing N N 225 
MET CB  CG   sing N N 226 
MET CB  HB2  sing N N 227 
MET CB  HB3  sing N N 228 
MET CG  SD   sing N N 229 
MET CG  HG2  sing N N 230 
MET CG  HG3  sing N N 231 
MET SD  CE   sing N N 232 
MET CE  HE1  sing N N 233 
MET CE  HE2  sing N N 234 
MET CE  HE3  sing N N 235 
MET OXT HXT  sing N N 236 
PHE N   CA   sing N N 237 
PHE N   H    sing N N 238 
PHE N   H2   sing N N 239 
PHE CA  C    sing N N 240 
PHE CA  CB   sing N N 241 
PHE CA  HA   sing N N 242 
PHE C   O    doub N N 243 
PHE C   OXT  sing N N 244 
PHE CB  CG   sing N N 245 
PHE CB  HB2  sing N N 246 
PHE CB  HB3  sing N N 247 
PHE CG  CD1  doub Y N 248 
PHE CG  CD2  sing Y N 249 
PHE CD1 CE1  sing Y N 250 
PHE CD1 HD1  sing N N 251 
PHE CD2 CE2  doub Y N 252 
PHE CD2 HD2  sing N N 253 
PHE CE1 CZ   doub Y N 254 
PHE CE1 HE1  sing N N 255 
PHE CE2 CZ   sing Y N 256 
PHE CE2 HE2  sing N N 257 
PHE CZ  HZ   sing N N 258 
PHE OXT HXT  sing N N 259 
PRO N   CA   sing N N 260 
PRO N   CD   sing N N 261 
PRO N   H    sing N N 262 
PRO CA  C    sing N N 263 
PRO CA  CB   sing N N 264 
PRO CA  HA   sing N N 265 
PRO C   O    doub N N 266 
PRO C   OXT  sing N N 267 
PRO CB  CG   sing N N 268 
PRO CB  HB2  sing N N 269 
PRO CB  HB3  sing N N 270 
PRO CG  CD   sing N N 271 
PRO CG  HG2  sing N N 272 
PRO CG  HG3  sing N N 273 
PRO CD  HD2  sing N N 274 
PRO CD  HD3  sing N N 275 
PRO OXT HXT  sing N N 276 
SER N   CA   sing N N 277 
SER N   H    sing N N 278 
SER N   H2   sing N N 279 
SER CA  C    sing N N 280 
SER CA  CB   sing N N 281 
SER CA  HA   sing N N 282 
SER C   O    doub N N 283 
SER C   OXT  sing N N 284 
SER CB  OG   sing N N 285 
SER CB  HB2  sing N N 286 
SER CB  HB3  sing N N 287 
SER OG  HG   sing N N 288 
SER OXT HXT  sing N N 289 
SO4 S   O1   doub N N 290 
SO4 S   O2   doub N N 291 
SO4 S   O3   sing N N 292 
SO4 S   O4   sing N N 293 
THR N   CA   sing N N 294 
THR N   H    sing N N 295 
THR N   H2   sing N N 296 
THR CA  C    sing N N 297 
THR CA  CB   sing N N 298 
THR CA  HA   sing N N 299 
THR C   O    doub N N 300 
THR C   OXT  sing N N 301 
THR CB  OG1  sing N N 302 
THR CB  CG2  sing N N 303 
THR CB  HB   sing N N 304 
THR OG1 HG1  sing N N 305 
THR CG2 HG21 sing N N 306 
THR CG2 HG22 sing N N 307 
THR CG2 HG23 sing N N 308 
THR OXT HXT  sing N N 309 
TRP N   CA   sing N N 310 
TRP N   H    sing N N 311 
TRP N   H2   sing N N 312 
TRP CA  C    sing N N 313 
TRP CA  CB   sing N N 314 
TRP CA  HA   sing N N 315 
TRP C   O    doub N N 316 
TRP C   OXT  sing N N 317 
TRP CB  CG   sing N N 318 
TRP CB  HB2  sing N N 319 
TRP CB  HB3  sing N N 320 
TRP CG  CD1  doub Y N 321 
TRP CG  CD2  sing Y N 322 
TRP CD1 NE1  sing Y N 323 
TRP CD1 HD1  sing N N 324 
TRP CD2 CE2  doub Y N 325 
TRP CD2 CE3  sing Y N 326 
TRP NE1 CE2  sing Y N 327 
TRP NE1 HE1  sing N N 328 
TRP CE2 CZ2  sing Y N 329 
TRP CE3 CZ3  doub Y N 330 
TRP CE3 HE3  sing N N 331 
TRP CZ2 CH2  doub Y N 332 
TRP CZ2 HZ2  sing N N 333 
TRP CZ3 CH2  sing Y N 334 
TRP CZ3 HZ3  sing N N 335 
TRP CH2 HH2  sing N N 336 
TRP OXT HXT  sing N N 337 
TYR N   CA   sing N N 338 
TYR N   H    sing N N 339 
TYR N   H2   sing N N 340 
TYR CA  C    sing N N 341 
TYR CA  CB   sing N N 342 
TYR CA  HA   sing N N 343 
TYR C   O    doub N N 344 
TYR C   OXT  sing N N 345 
TYR CB  CG   sing N N 346 
TYR CB  HB2  sing N N 347 
TYR CB  HB3  sing N N 348 
TYR CG  CD1  doub Y N 349 
TYR CG  CD2  sing Y N 350 
TYR CD1 CE1  sing Y N 351 
TYR CD1 HD1  sing N N 352 
TYR CD2 CE2  doub Y N 353 
TYR CD2 HD2  sing N N 354 
TYR CE1 CZ   doub Y N 355 
TYR CE1 HE1  sing N N 356 
TYR CE2 CZ   sing Y N 357 
TYR CE2 HE2  sing N N 358 
TYR CZ  OH   sing N N 359 
TYR OH  HH   sing N N 360 
TYR OXT HXT  sing N N 361 
VAL N   CA   sing N N 362 
VAL N   H    sing N N 363 
VAL N   H2   sing N N 364 
VAL CA  C    sing N N 365 
VAL CA  CB   sing N N 366 
VAL CA  HA   sing N N 367 
VAL C   O    doub N N 368 
VAL C   OXT  sing N N 369 
VAL CB  CG1  sing N N 370 
VAL CB  CG2  sing N N 371 
VAL CB  HB   sing N N 372 
VAL CG1 HG11 sing N N 373 
VAL CG1 HG12 sing N N 374 
VAL CG1 HG13 sing N N 375 
VAL CG2 HG21 sing N N 376 
VAL CG2 HG22 sing N N 377 
VAL CG2 HG23 sing N N 378 
VAL OXT HXT  sing N N 379 
# 
loop_
_pdbx_entity_nonpoly.entity_id 
_pdbx_entity_nonpoly.name 
_pdbx_entity_nonpoly.comp_id 
3 'SULFATE ION'         SO4 
4 'UNKNOWN ATOM OR ION' UNX 
5 'UNKNOWN LIGAND'      UNL 
6 water                 HOH 
# 
_pdbx_initial_refinement_model.id               1 
_pdbx_initial_refinement_model.entity_id_list   ? 
_pdbx_initial_refinement_model.type             'experimental model' 
_pdbx_initial_refinement_model.source_name      PDB 
_pdbx_initial_refinement_model.accession_code   3SO8 
_pdbx_initial_refinement_model.details          'pdb entry 3so8' 
# 
